data_2PQ4
#
_entry.id   2PQ4
#
loop_
_entity.id
_entity.type
_entity.pdbx_description
1 polymer 'Protein napD'
2 polymer 'Periplasmic nitrate reductase precursor'
#
loop_
_entity_poly.entity_id
_entity_poly.type
_entity_poly.pdbx_seq_one_letter_code
_entity_poly.pdbx_strand_id
1 'polypeptide(L)'
;GSHMHTNWQVCSLVVQAKSERISDISTQLNAFPGCEVAVSDAPSGQLIVVVEAEDSETLIQTIESVRNVEGVLAVSLVYH
QQEEQGEETP
;
A
2 'polypeptide(L)' MKLSRRSFMKANAVAAAAAAAGLSVPGVARAVVGQ B
#
# COMPACT_ATOMS: atom_id res chain seq x y z
N GLY A 1 -4.35 -2.45 20.92
CA GLY A 1 -4.94 -3.45 21.85
C GLY A 1 -3.82 -4.18 22.60
N SER A 2 -3.45 -3.68 23.76
CA SER A 2 -2.37 -4.34 24.54
C SER A 2 -1.12 -4.52 23.66
N HIS A 3 -0.18 -5.31 24.11
CA HIS A 3 1.06 -5.52 23.30
C HIS A 3 0.83 -6.64 22.28
N MET A 4 1.06 -6.37 21.03
CA MET A 4 0.87 -7.43 19.99
C MET A 4 1.31 -6.90 18.62
N HIS A 5 2.58 -6.91 18.34
CA HIS A 5 3.07 -6.41 17.02
C HIS A 5 4.20 -7.30 16.51
N THR A 6 4.08 -7.83 15.32
CA THR A 6 5.15 -8.70 14.78
C THR A 6 4.94 -8.93 13.27
N ASN A 7 5.91 -8.60 12.47
CA ASN A 7 5.76 -8.80 11.00
C ASN A 7 7.09 -9.23 10.38
N TRP A 8 7.07 -9.70 9.17
CA TRP A 8 8.34 -10.13 8.51
C TRP A 8 8.78 -9.08 7.47
N GLN A 9 8.07 -8.98 6.38
CA GLN A 9 8.44 -7.98 5.35
C GLN A 9 7.22 -7.61 4.50
N VAL A 10 6.88 -6.35 4.47
CA VAL A 10 5.69 -5.93 3.66
C VAL A 10 5.69 -4.42 3.47
N CYS A 11 5.30 -3.95 2.31
CA CYS A 11 5.28 -2.48 2.07
C CYS A 11 4.06 -2.11 1.22
N SER A 12 3.79 -0.84 1.06
CA SER A 12 2.62 -0.41 0.25
C SER A 12 3.09 0.12 -1.11
N LEU A 13 2.62 -0.47 -2.18
CA LEU A 13 3.03 0.00 -3.53
C LEU A 13 1.86 0.69 -4.23
N VAL A 14 2.11 1.77 -4.92
CA VAL A 14 1.02 2.48 -5.62
C VAL A 14 1.01 2.10 -7.11
N VAL A 15 0.13 1.20 -7.49
CA VAL A 15 0.07 0.79 -8.92
C VAL A 15 -0.64 1.85 -9.75
N GLN A 16 -0.03 2.26 -10.84
CA GLN A 16 -0.68 3.30 -11.70
C GLN A 16 -1.14 2.68 -13.02
N ALA A 17 -2.43 2.60 -13.22
CA ALA A 17 -2.94 2.00 -14.49
C ALA A 17 -4.19 2.78 -14.95
N LYS A 18 -4.63 2.53 -16.15
CA LYS A 18 -5.84 3.26 -16.65
C LYS A 18 -6.90 3.29 -15.55
N SER A 19 -7.69 4.33 -15.51
CA SER A 19 -8.74 4.42 -14.46
C SER A 19 -9.54 3.12 -14.35
N GLU A 20 -9.99 2.58 -15.45
CA GLU A 20 -10.78 1.32 -15.35
C GLU A 20 -9.85 0.10 -15.48
N ARG A 21 -8.60 0.32 -15.76
CA ARG A 21 -7.65 -0.83 -15.84
C ARG A 21 -7.37 -1.31 -14.43
N ILE A 22 -7.01 -0.39 -13.57
CA ILE A 22 -6.70 -0.77 -12.16
C ILE A 22 -7.87 -1.50 -11.53
N SER A 23 -9.07 -1.09 -11.77
CA SER A 23 -10.21 -1.80 -11.16
C SER A 23 -10.08 -3.29 -11.50
N ASP A 24 -9.68 -3.59 -12.70
CA ASP A 24 -9.51 -5.01 -13.11
C ASP A 24 -8.28 -5.63 -12.44
N ILE A 25 -7.12 -5.06 -12.68
CA ILE A 25 -5.87 -5.64 -12.08
C ILE A 25 -5.72 -5.22 -10.61
N SER A 26 -5.85 -3.96 -10.30
CA SER A 26 -5.70 -3.52 -8.88
C SER A 26 -6.60 -4.37 -7.98
N THR A 27 -7.87 -4.46 -8.29
CA THR A 27 -8.78 -5.27 -7.44
C THR A 27 -8.23 -6.69 -7.30
N GLN A 28 -7.60 -7.19 -8.32
CA GLN A 28 -7.03 -8.56 -8.26
C GLN A 28 -5.98 -8.65 -7.15
N LEU A 29 -5.12 -7.66 -7.06
CA LEU A 29 -4.07 -7.68 -6.00
C LEU A 29 -4.71 -7.95 -4.64
N ASN A 30 -5.88 -7.42 -4.40
CA ASN A 30 -6.55 -7.65 -3.09
C ASN A 30 -6.98 -9.12 -2.97
N ALA A 31 -7.19 -9.77 -4.07
CA ALA A 31 -7.60 -11.21 -4.02
C ALA A 31 -6.41 -12.09 -3.63
N PHE A 32 -5.22 -11.66 -3.94
CA PHE A 32 -4.02 -12.47 -3.59
C PHE A 32 -3.75 -12.39 -2.08
N PRO A 33 -3.09 -13.40 -1.59
CA PRO A 33 -2.76 -13.45 -0.13
C PRO A 33 -1.64 -12.45 0.18
N GLY A 34 -0.51 -12.57 -0.47
CA GLY A 34 0.61 -11.63 -0.20
C GLY A 34 0.20 -10.21 -0.59
N CYS A 35 -0.16 -10.00 -1.83
CA CYS A 35 -0.58 -8.64 -2.26
C CYS A 35 -1.96 -8.31 -1.70
N GLU A 36 -2.17 -7.07 -1.33
CA GLU A 36 -3.50 -6.69 -0.78
C GLU A 36 -3.74 -5.18 -0.97
N VAL A 37 -4.86 -4.82 -1.52
CA VAL A 37 -5.15 -3.38 -1.74
C VAL A 37 -5.45 -2.69 -0.40
N ALA A 38 -4.67 -1.70 -0.04
CA ALA A 38 -4.90 -1.00 1.25
C ALA A 38 -5.79 0.23 1.02
N VAL A 39 -5.42 1.07 0.08
CA VAL A 39 -6.24 2.28 -0.20
C VAL A 39 -6.73 2.27 -1.64
N SER A 40 -8.02 2.29 -1.84
CA SER A 40 -8.57 2.28 -3.23
C SER A 40 -9.13 3.65 -3.60
N ASP A 41 -8.39 4.40 -4.37
CA ASP A 41 -8.88 5.75 -4.77
C ASP A 41 -8.70 5.95 -6.28
N ALA A 42 -9.57 6.71 -6.88
CA ALA A 42 -9.45 6.92 -8.35
C ALA A 42 -9.07 8.38 -8.67
N PRO A 43 -7.99 8.83 -8.08
CA PRO A 43 -7.52 10.22 -8.33
C PRO A 43 -6.97 10.33 -9.75
N SER A 44 -6.29 9.33 -10.20
CA SER A 44 -5.73 9.37 -11.59
C SER A 44 -5.66 7.95 -12.17
N GLY A 45 -6.34 7.01 -11.57
CA GLY A 45 -6.31 5.62 -12.08
C GLY A 45 -5.23 4.82 -11.36
N GLN A 46 -4.91 5.18 -10.15
CA GLN A 46 -3.85 4.43 -9.40
C GLN A 46 -4.36 4.04 -8.01
N LEU A 47 -4.08 2.85 -7.58
CA LEU A 47 -4.54 2.41 -6.23
C LEU A 47 -3.35 1.97 -5.38
N ILE A 48 -3.50 1.95 -4.09
CA ILE A 48 -2.37 1.53 -3.21
C ILE A 48 -2.54 0.06 -2.79
N VAL A 49 -1.56 -0.76 -3.05
CA VAL A 49 -1.67 -2.20 -2.67
C VAL A 49 -0.40 -2.65 -1.95
N VAL A 50 -0.55 -3.26 -0.80
CA VAL A 50 0.65 -3.73 -0.05
C VAL A 50 0.91 -5.21 -0.34
N VAL A 51 2.15 -5.60 -0.36
CA VAL A 51 2.48 -7.04 -0.65
C VAL A 51 3.56 -7.53 0.31
N GLU A 52 3.42 -8.74 0.80
CA GLU A 52 4.44 -9.29 1.74
C GLU A 52 5.00 -10.60 1.20
N ALA A 53 6.25 -10.87 1.48
CA ALA A 53 6.86 -12.14 0.98
C ALA A 53 8.05 -12.53 1.86
N GLU A 54 8.65 -13.65 1.59
CA GLU A 54 9.81 -14.10 2.41
C GLU A 54 10.80 -12.94 2.61
N ASP A 55 11.12 -12.24 1.55
CA ASP A 55 12.07 -11.10 1.67
C ASP A 55 11.84 -10.10 0.54
N SER A 56 12.70 -9.13 0.41
CA SER A 56 12.54 -8.12 -0.67
C SER A 56 12.58 -8.80 -2.04
N GLU A 57 13.47 -9.74 -2.22
CA GLU A 57 13.56 -10.45 -3.53
C GLU A 57 12.17 -10.92 -3.98
N THR A 58 11.43 -11.52 -3.10
CA THR A 58 10.06 -12.00 -3.47
C THR A 58 9.09 -10.81 -3.56
N LEU A 59 9.28 -9.82 -2.74
CA LEU A 59 8.38 -8.64 -2.78
C LEU A 59 8.47 -7.95 -4.15
N ILE A 60 9.66 -7.77 -4.64
CA ILE A 60 9.81 -7.10 -5.96
C ILE A 60 9.23 -7.99 -7.06
N GLN A 61 9.24 -9.28 -6.86
CA GLN A 61 8.66 -10.20 -7.87
C GLN A 61 7.24 -9.77 -8.23
N THR A 62 6.45 -9.46 -7.24
CA THR A 62 5.04 -9.05 -7.51
C THR A 62 5.00 -7.84 -8.45
N ILE A 63 5.88 -6.88 -8.24
CA ILE A 63 5.88 -5.68 -9.13
C ILE A 63 5.95 -6.10 -10.60
N GLU A 64 6.67 -7.14 -10.91
CA GLU A 64 6.76 -7.58 -12.33
C GLU A 64 5.35 -7.75 -12.91
N SER A 65 4.41 -8.15 -12.10
CA SER A 65 3.02 -8.33 -12.60
C SER A 65 2.40 -6.96 -12.92
N VAL A 66 2.38 -6.06 -11.96
CA VAL A 66 1.77 -4.72 -12.21
C VAL A 66 2.57 -3.94 -13.26
N ARG A 67 3.88 -4.00 -13.20
CA ARG A 67 4.69 -3.25 -14.21
C ARG A 67 4.51 -3.85 -15.60
N ASN A 68 4.47 -5.16 -15.71
CA ASN A 68 4.31 -5.79 -17.04
C ASN A 68 2.85 -5.69 -17.52
N VAL A 69 1.93 -5.47 -16.62
CA VAL A 69 0.50 -5.36 -17.05
C VAL A 69 0.31 -4.09 -17.89
N GLU A 70 -0.21 -4.23 -19.07
CA GLU A 70 -0.43 -3.04 -19.95
C GLU A 70 -1.25 -1.97 -19.22
N GLY A 71 -2.36 -2.36 -18.63
CA GLY A 71 -3.20 -1.38 -17.91
C GLY A 71 -2.32 -0.50 -17.02
N VAL A 72 -1.27 -1.06 -16.49
CA VAL A 72 -0.37 -0.27 -15.60
C VAL A 72 0.58 0.59 -16.44
N LEU A 73 0.47 1.89 -16.33
CA LEU A 73 1.36 2.78 -17.12
C LEU A 73 2.51 3.28 -16.24
N ALA A 74 2.35 3.21 -14.95
CA ALA A 74 3.43 3.68 -14.04
C ALA A 74 3.38 2.90 -12.71
N VAL A 75 4.36 3.08 -11.88
CA VAL A 75 4.37 2.34 -10.58
C VAL A 75 5.22 3.09 -9.56
N SER A 76 4.62 3.52 -8.47
CA SER A 76 5.39 4.26 -7.44
C SER A 76 5.19 3.60 -6.07
N LEU A 77 6.07 2.70 -5.70
CA LEU A 77 5.94 2.02 -4.39
C LEU A 77 6.96 2.59 -3.39
N VAL A 78 6.51 3.40 -2.46
CA VAL A 78 7.44 3.99 -1.47
C VAL A 78 6.81 3.98 -0.07
N TYR A 79 7.04 2.94 0.68
CA TYR A 79 6.46 2.86 2.06
C TYR A 79 6.90 1.56 2.74
N HIS A 80 7.67 1.66 3.79
CA HIS A 80 8.12 0.44 4.51
C HIS A 80 7.16 0.10 5.63
N GLN A 81 6.70 -1.13 5.69
CA GLN A 81 5.75 -1.51 6.78
C GLN A 81 6.23 -2.78 7.48
N GLN A 82 6.82 -2.64 8.65
CA GLN A 82 7.31 -3.85 9.37
C GLN A 82 7.53 -3.52 10.85
N GLU A 83 7.16 -4.41 11.72
CA GLU A 83 7.33 -4.15 13.19
C GLU A 83 8.59 -4.86 13.70
N GLU A 84 9.54 -4.12 14.19
CA GLU A 84 10.79 -4.75 14.71
C GLU A 84 11.75 -3.68 15.22
N GLN A 85 11.95 -2.63 14.45
CA GLN A 85 12.88 -1.55 14.89
C GLN A 85 12.69 -0.31 14.01
N GLY A 86 13.31 0.77 14.37
CA GLY A 86 13.16 2.03 13.56
C GLY A 86 14.52 2.49 13.08
N GLU A 87 14.65 2.83 11.82
CA GLU A 87 15.95 3.29 11.30
C GLU A 87 15.83 3.68 9.82
N GLU A 88 14.67 4.15 9.42
CA GLU A 88 14.48 4.55 8.00
C GLU A 88 13.62 5.81 7.92
N THR A 89 13.11 6.13 6.76
CA THR A 89 12.27 7.34 6.61
C THR A 89 10.86 6.96 6.19
N PRO A 90 10.00 7.95 6.14
CA PRO A 90 8.59 7.72 5.74
C PRO A 90 8.50 7.45 4.23
N MET B 1 -11.98 -13.72 7.93
CA MET B 1 -10.55 -13.57 7.52
C MET B 1 -9.74 -12.97 8.67
N LYS B 2 -8.43 -13.02 8.56
CA LYS B 2 -7.59 -12.44 9.64
C LYS B 2 -7.09 -11.05 9.24
N LEU B 3 -7.97 -10.08 9.22
CA LEU B 3 -7.56 -8.70 8.84
C LEU B 3 -7.55 -7.79 10.07
N SER B 4 -6.39 -7.40 10.52
CA SER B 4 -6.32 -6.51 11.73
C SER B 4 -5.11 -5.59 11.63
N ARG B 5 -5.09 -4.73 10.65
CA ARG B 5 -3.93 -3.80 10.50
C ARG B 5 -4.16 -2.84 9.33
N ARG B 6 -4.84 -3.29 8.30
CA ARG B 6 -5.10 -2.42 7.13
C ARG B 6 -5.66 -1.07 7.59
N SER B 7 -6.27 -1.03 8.75
CA SER B 7 -6.84 0.25 9.26
C SER B 7 -5.72 1.13 9.81
N PHE B 8 -4.79 0.54 10.50
CA PHE B 8 -3.67 1.34 11.07
C PHE B 8 -2.62 1.61 9.98
N MET B 9 -2.35 0.65 9.14
CA MET B 9 -1.34 0.85 8.06
C MET B 9 -1.85 1.87 7.06
N LYS B 10 -3.07 1.72 6.60
CA LYS B 10 -3.61 2.69 5.61
C LYS B 10 -3.41 4.13 6.11
N ALA B 11 -3.39 4.31 7.41
CA ALA B 11 -3.20 5.69 7.95
C ALA B 11 -1.80 6.20 7.60
N ASN B 12 -0.80 5.39 7.77
CA ASN B 12 0.59 5.83 7.44
C ASN B 12 0.85 5.67 5.93
N ALA B 13 0.38 4.60 5.36
CA ALA B 13 0.61 4.39 3.89
C ALA B 13 0.11 5.60 3.10
N VAL B 14 -1.08 6.06 3.38
CA VAL B 14 -1.60 7.23 2.64
C VAL B 14 -0.69 8.45 2.84
N ALA B 15 -0.09 8.56 4.00
CA ALA B 15 0.83 9.72 4.25
C ALA B 15 2.03 9.65 3.32
N ALA B 16 2.47 8.48 2.97
CA ALA B 16 3.64 8.35 2.06
C ALA B 16 3.17 8.15 0.61
N ALA B 17 1.92 7.83 0.43
CA ALA B 17 1.40 7.60 -0.95
C ALA B 17 0.69 8.86 -1.45
N ALA B 18 0.22 9.68 -0.56
CA ALA B 18 -0.49 10.92 -0.99
C ALA B 18 0.53 12.04 -1.25
N ALA B 19 1.41 12.29 -0.31
CA ALA B 19 2.42 13.37 -0.51
C ALA B 19 3.44 12.94 -1.57
N ALA B 20 3.42 11.69 -1.96
CA ALA B 20 4.39 11.22 -3.00
C ALA B 20 3.66 10.90 -4.30
N ALA B 21 2.63 10.10 -4.25
CA ALA B 21 1.88 9.77 -5.49
C ALA B 21 0.73 10.76 -5.70
N GLY B 22 0.75 11.86 -5.00
CA GLY B 22 -0.34 12.87 -5.15
C GLY B 22 -1.69 12.21 -4.89
N LEU B 23 -1.71 11.17 -4.11
CA LEU B 23 -3.00 10.48 -3.81
C LEU B 23 -3.91 11.39 -2.99
N SER B 24 -4.92 10.85 -2.37
CA SER B 24 -5.83 11.69 -1.56
C SER B 24 -5.24 11.94 -0.17
N VAL B 25 -5.73 12.92 0.53
CA VAL B 25 -5.20 13.22 1.88
C VAL B 25 -6.21 12.82 2.96
N PRO B 26 -6.21 11.56 3.28
CA PRO B 26 -7.15 11.04 4.30
C PRO B 26 -6.72 11.47 5.70
N GLY B 27 -5.49 11.21 6.07
CA GLY B 27 -5.02 11.61 7.42
C GLY B 27 -3.91 12.67 7.27
N VAL B 28 -3.87 13.34 6.15
CA VAL B 28 -2.83 14.38 5.94
C VAL B 28 -3.45 15.78 5.98
N ALA B 29 -4.71 15.86 6.34
CA ALA B 29 -5.38 17.19 6.39
C ALA B 29 -6.09 17.37 7.73
N ARG B 30 -7.12 16.59 7.98
CA ARG B 30 -7.85 16.72 9.27
C ARG B 30 -6.86 16.84 10.43
N ALA B 31 -6.56 18.04 10.83
CA ALA B 31 -5.60 18.23 11.97
C ALA B 31 -6.11 19.32 12.91
N VAL B 32 -7.29 19.81 12.68
CA VAL B 32 -7.85 20.87 13.57
C VAL B 32 -7.93 20.37 15.01
N VAL B 33 -7.81 19.08 15.21
CA VAL B 33 -7.88 18.53 16.60
C VAL B 33 -6.48 18.11 17.06
N GLY B 34 -6.12 18.48 18.26
CA GLY B 34 -4.77 18.10 18.78
C GLY B 34 -4.93 17.03 19.86
N GLN B 35 -4.36 17.24 21.01
CA GLN B 35 -4.47 16.23 22.11
C GLN B 35 -3.94 14.87 21.62
N GLY A 1 -2.41 -8.57 24.74
CA GLY A 1 -3.17 -7.86 25.81
C GLY A 1 -3.40 -6.41 25.42
N SER A 2 -2.35 -5.64 25.31
CA SER A 2 -2.50 -4.21 24.93
C SER A 2 -1.65 -3.90 23.70
N HIS A 3 -1.16 -4.91 23.03
CA HIS A 3 -0.33 -4.68 21.82
C HIS A 3 -0.18 -5.97 21.02
N MET A 4 0.18 -5.86 19.76
CA MET A 4 0.34 -7.09 18.93
C MET A 4 0.90 -6.71 17.55
N HIS A 5 2.19 -6.59 17.43
CA HIS A 5 2.79 -6.24 16.11
C HIS A 5 3.96 -7.17 15.79
N THR A 6 3.91 -7.85 14.67
CA THR A 6 5.01 -8.77 14.31
C THR A 6 4.95 -9.11 12.82
N ASN A 7 5.96 -8.77 12.07
CA ASN A 7 5.95 -9.08 10.61
C ASN A 7 7.38 -9.26 10.10
N TRP A 8 7.53 -9.69 8.88
CA TRP A 8 8.90 -9.89 8.32
C TRP A 8 9.26 -8.74 7.38
N GLN A 9 8.61 -8.66 6.24
CA GLN A 9 8.92 -7.56 5.28
C GLN A 9 7.70 -7.27 4.41
N VAL A 10 7.22 -6.06 4.42
CA VAL A 10 6.04 -5.71 3.58
C VAL A 10 5.98 -4.21 3.34
N CYS A 11 5.59 -3.79 2.16
CA CYS A 11 5.51 -2.32 1.87
C CYS A 11 4.25 -2.01 1.06
N SER A 12 3.95 -0.76 0.88
CA SER A 12 2.73 -0.40 0.09
C SER A 12 3.13 0.12 -1.29
N LEU A 13 2.75 -0.59 -2.33
CA LEU A 13 3.11 -0.15 -3.71
C LEU A 13 1.92 0.54 -4.37
N VAL A 14 2.16 1.63 -5.04
CA VAL A 14 1.04 2.35 -5.71
C VAL A 14 0.99 2.00 -7.20
N VAL A 15 0.12 1.10 -7.58
CA VAL A 15 0.03 0.72 -9.02
C VAL A 15 -0.73 1.78 -9.80
N GLN A 16 -0.14 2.29 -10.86
CA GLN A 16 -0.83 3.33 -11.67
C GLN A 16 -1.27 2.75 -13.01
N ALA A 17 -2.56 2.61 -13.22
CA ALA A 17 -3.06 2.06 -14.50
C ALA A 17 -4.32 2.80 -14.94
N LYS A 18 -4.76 2.59 -16.15
CA LYS A 18 -5.99 3.30 -16.63
C LYS A 18 -7.05 3.27 -15.52
N SER A 19 -7.87 4.28 -15.46
CA SER A 19 -8.92 4.33 -14.40
C SER A 19 -9.67 3.00 -14.33
N GLU A 20 -10.09 2.46 -15.44
CA GLU A 20 -10.84 1.17 -15.38
C GLU A 20 -9.87 -0.01 -15.53
N ARG A 21 -8.62 0.25 -15.80
CA ARG A 21 -7.64 -0.85 -15.90
C ARG A 21 -7.33 -1.35 -14.50
N ILE A 22 -7.02 -0.44 -13.61
CA ILE A 22 -6.69 -0.83 -12.22
C ILE A 22 -7.84 -1.64 -11.60
N SER A 23 -9.05 -1.27 -11.85
CA SER A 23 -10.16 -2.05 -11.26
C SER A 23 -9.96 -3.53 -11.61
N ASP A 24 -9.55 -3.79 -12.80
CA ASP A 24 -9.31 -5.21 -13.21
C ASP A 24 -8.04 -5.77 -12.55
N ILE A 25 -6.92 -5.14 -12.78
CA ILE A 25 -5.64 -5.65 -12.18
C ILE A 25 -5.51 -5.25 -10.71
N SER A 26 -5.72 -4.01 -10.38
CA SER A 26 -5.59 -3.59 -8.96
C SER A 26 -6.46 -4.49 -8.07
N THR A 27 -7.72 -4.63 -8.39
CA THR A 27 -8.60 -5.49 -7.55
C THR A 27 -7.99 -6.88 -7.42
N GLN A 28 -7.31 -7.35 -8.43
CA GLN A 28 -6.69 -8.69 -8.38
C GLN A 28 -5.65 -8.73 -7.25
N LEU A 29 -4.84 -7.71 -7.14
CA LEU A 29 -3.81 -7.69 -6.07
C LEU A 29 -4.45 -7.98 -4.71
N ASN A 30 -5.66 -7.53 -4.51
CA ASN A 30 -6.34 -7.78 -3.20
C ASN A 30 -6.79 -9.24 -3.12
N ALA A 31 -6.96 -9.88 -4.25
CA ALA A 31 -7.40 -11.31 -4.23
C ALA A 31 -6.25 -12.21 -3.78
N PHE A 32 -5.04 -11.81 -4.03
CA PHE A 32 -3.88 -12.64 -3.61
C PHE A 32 -3.67 -12.57 -2.10
N PRO A 33 -3.14 -13.62 -1.55
CA PRO A 33 -2.89 -13.68 -0.09
C PRO A 33 -1.71 -12.78 0.29
N GLY A 34 -0.65 -12.83 -0.47
CA GLY A 34 0.53 -11.97 -0.16
C GLY A 34 0.19 -10.50 -0.43
N CYS A 35 -0.13 -10.18 -1.66
CA CYS A 35 -0.48 -8.78 -1.99
C CYS A 35 -1.90 -8.45 -1.51
N GLU A 36 -2.12 -7.23 -1.12
CA GLU A 36 -3.49 -6.85 -0.65
C GLU A 36 -3.72 -5.35 -0.85
N VAL A 37 -4.81 -5.00 -1.49
CA VAL A 37 -5.09 -3.55 -1.73
C VAL A 37 -5.40 -2.84 -0.40
N ALA A 38 -4.62 -1.85 -0.06
CA ALA A 38 -4.87 -1.12 1.23
C ALA A 38 -5.81 0.05 0.98
N VAL A 39 -5.50 0.90 0.05
CA VAL A 39 -6.37 2.07 -0.24
C VAL A 39 -6.84 2.03 -1.69
N SER A 40 -8.13 1.98 -1.90
CA SER A 40 -8.65 1.93 -3.30
C SER A 40 -9.27 3.28 -3.67
N ASP A 41 -8.57 4.08 -4.43
CA ASP A 41 -9.10 5.41 -4.84
C ASP A 41 -8.88 5.63 -6.33
N ALA A 42 -9.77 6.34 -6.97
CA ALA A 42 -9.61 6.58 -8.42
C ALA A 42 -9.31 8.06 -8.71
N PRO A 43 -8.28 8.57 -8.08
CA PRO A 43 -7.88 9.98 -8.29
C PRO A 43 -7.29 10.15 -9.69
N SER A 44 -6.54 9.19 -10.14
CA SER A 44 -5.93 9.28 -11.50
C SER A 44 -5.78 7.88 -12.11
N GLY A 45 -6.43 6.90 -11.52
CA GLY A 45 -6.33 5.52 -12.07
C GLY A 45 -5.22 4.76 -11.35
N GLN A 46 -4.95 5.12 -10.12
CA GLN A 46 -3.88 4.41 -9.35
C GLN A 46 -4.39 3.99 -7.97
N LEU A 47 -4.09 2.78 -7.57
CA LEU A 47 -4.56 2.31 -6.23
C LEU A 47 -3.36 1.92 -5.36
N ILE A 48 -3.53 1.87 -4.07
CA ILE A 48 -2.40 1.50 -3.17
C ILE A 48 -2.52 0.03 -2.76
N VAL A 49 -1.50 -0.75 -3.02
CA VAL A 49 -1.57 -2.19 -2.64
C VAL A 49 -0.28 -2.61 -1.93
N VAL A 50 -0.38 -3.19 -0.77
CA VAL A 50 0.84 -3.61 -0.03
C VAL A 50 1.05 -5.11 -0.16
N VAL A 51 2.27 -5.56 -0.27
CA VAL A 51 2.54 -7.01 -0.41
C VAL A 51 3.66 -7.45 0.55
N GLU A 52 3.57 -8.63 1.08
CA GLU A 52 4.62 -9.10 2.03
C GLU A 52 5.14 -10.48 1.60
N ALA A 53 6.40 -10.74 1.80
CA ALA A 53 6.96 -12.07 1.41
C ALA A 53 8.23 -12.36 2.21
N GLU A 54 8.86 -13.47 1.94
CA GLU A 54 10.11 -13.82 2.69
C GLU A 54 11.04 -12.60 2.74
N ASP A 55 11.29 -11.99 1.62
CA ASP A 55 12.19 -10.80 1.59
C ASP A 55 11.88 -9.91 0.39
N SER A 56 12.72 -8.96 0.10
CA SER A 56 12.48 -8.06 -1.05
C SER A 56 12.49 -8.87 -2.36
N GLU A 57 13.33 -9.86 -2.44
CA GLU A 57 13.40 -10.69 -3.68
C GLU A 57 11.99 -11.11 -4.11
N THR A 58 11.21 -11.64 -3.21
CA THR A 58 9.83 -12.06 -3.58
C THR A 58 8.93 -10.83 -3.72
N LEU A 59 9.18 -9.81 -2.95
CA LEU A 59 8.33 -8.59 -3.04
C LEU A 59 8.45 -7.96 -4.44
N ILE A 60 9.65 -7.86 -4.94
CA ILE A 60 9.84 -7.26 -6.29
C ILE A 60 9.20 -8.17 -7.35
N GLN A 61 9.17 -9.45 -7.09
CA GLN A 61 8.55 -10.38 -8.07
C GLN A 61 7.15 -9.90 -8.44
N THR A 62 6.37 -9.52 -7.46
CA THR A 62 4.98 -9.05 -7.75
C THR A 62 5.02 -7.87 -8.73
N ILE A 63 5.95 -6.96 -8.57
CA ILE A 63 6.02 -5.80 -9.49
C ILE A 63 5.99 -6.27 -10.95
N GLU A 64 6.61 -7.39 -11.23
CA GLU A 64 6.61 -7.88 -12.64
C GLU A 64 5.17 -7.94 -13.17
N SER A 65 4.23 -8.23 -12.31
CA SER A 65 2.81 -8.29 -12.76
C SER A 65 2.30 -6.89 -13.11
N VAL A 66 2.40 -5.96 -12.20
CA VAL A 66 1.91 -4.59 -12.47
C VAL A 66 2.73 -3.91 -13.58
N ARG A 67 4.02 -4.07 -13.57
CA ARG A 67 4.86 -3.44 -14.62
C ARG A 67 4.56 -4.05 -15.99
N ASN A 68 4.39 -5.34 -16.06
CA ASN A 68 4.12 -5.99 -17.37
C ASN A 68 2.67 -5.75 -17.79
N VAL A 69 1.80 -5.43 -16.86
CA VAL A 69 0.38 -5.17 -17.23
C VAL A 69 0.28 -3.88 -18.06
N GLU A 70 -0.23 -3.98 -19.26
CA GLU A 70 -0.35 -2.77 -20.12
C GLU A 70 -1.21 -1.71 -19.43
N GLY A 71 -2.27 -2.12 -18.78
CA GLY A 71 -3.15 -1.13 -18.10
C GLY A 71 -2.32 -0.27 -17.15
N VAL A 72 -1.27 -0.82 -16.60
CA VAL A 72 -0.43 -0.03 -15.65
C VAL A 72 0.50 0.91 -16.44
N LEU A 73 0.33 2.20 -16.26
CA LEU A 73 1.20 3.16 -16.98
C LEU A 73 2.35 3.62 -16.08
N ALA A 74 2.18 3.50 -14.80
CA ALA A 74 3.27 3.93 -13.85
C ALA A 74 3.20 3.11 -12.56
N VAL A 75 4.17 3.28 -11.70
CA VAL A 75 4.17 2.50 -10.43
C VAL A 75 5.04 3.20 -9.38
N SER A 76 4.46 3.60 -8.28
CA SER A 76 5.26 4.30 -7.23
C SER A 76 5.10 3.58 -5.89
N LEU A 77 6.06 2.77 -5.52
CA LEU A 77 5.95 2.04 -4.22
C LEU A 77 6.96 2.59 -3.21
N VAL A 78 6.50 3.36 -2.26
CA VAL A 78 7.43 3.93 -1.24
C VAL A 78 6.80 3.87 0.15
N TYR A 79 7.08 2.84 0.89
CA TYR A 79 6.49 2.73 2.26
C TYR A 79 6.97 1.44 2.93
N HIS A 80 7.80 1.55 3.93
CA HIS A 80 8.31 0.33 4.63
C HIS A 80 7.51 0.09 5.92
N GLN A 81 6.97 -1.07 6.09
CA GLN A 81 6.18 -1.36 7.32
C GLN A 81 6.65 -2.67 7.96
N GLN A 82 7.35 -2.60 9.06
CA GLN A 82 7.84 -3.84 9.73
C GLN A 82 8.18 -3.55 11.18
N GLU A 83 7.82 -4.44 12.07
CA GLU A 83 8.14 -4.22 13.51
C GLU A 83 9.40 -5.02 13.91
N GLU A 84 10.18 -4.48 14.79
CA GLU A 84 11.42 -5.21 15.23
C GLU A 84 12.08 -4.48 16.40
N GLN A 85 12.08 -3.17 16.37
CA GLN A 85 12.72 -2.40 17.48
C GLN A 85 14.19 -2.79 17.63
N GLY A 86 15.07 -2.05 17.02
CA GLY A 86 16.52 -2.39 17.12
C GLY A 86 17.05 -1.97 18.50
N GLU A 87 18.34 -1.98 18.67
CA GLU A 87 18.91 -1.58 19.99
C GLU A 87 19.53 -0.18 19.90
N GLU A 88 20.14 0.14 18.80
CA GLU A 88 20.75 1.49 18.64
C GLU A 88 19.97 2.31 17.62
N THR A 89 20.39 3.53 17.37
CA THR A 89 19.68 4.38 16.38
C THR A 89 20.61 5.48 15.85
N PRO A 90 21.13 5.24 14.67
CA PRO A 90 22.05 6.21 14.04
C PRO A 90 21.28 7.44 13.55
N MET B 1 -10.09 4.19 12.81
CA MET B 1 -9.72 3.87 14.21
C MET B 1 -8.99 2.53 14.26
N LYS B 2 -8.79 2.00 15.44
CA LYS B 2 -8.09 0.69 15.56
C LYS B 2 -9.10 -0.46 15.66
N LEU B 3 -9.50 -1.03 14.56
CA LEU B 3 -10.49 -2.14 14.61
C LEU B 3 -9.85 -3.43 14.09
N SER B 4 -8.85 -3.33 13.25
CA SER B 4 -8.20 -4.56 12.73
C SER B 4 -6.74 -4.27 12.36
N ARG B 5 -6.53 -3.54 11.29
CA ARG B 5 -5.13 -3.22 10.88
C ARG B 5 -5.14 -2.36 9.61
N ARG B 6 -6.13 -2.55 8.76
CA ARG B 6 -6.18 -1.75 7.51
C ARG B 6 -6.44 -0.27 7.84
N SER B 7 -7.01 0.00 8.98
CA SER B 7 -7.28 1.42 9.36
C SER B 7 -6.00 2.06 9.90
N PHE B 8 -5.22 1.32 10.63
CA PHE B 8 -3.96 1.88 11.19
C PHE B 8 -2.89 1.93 10.10
N MET B 9 -2.84 0.93 9.26
CA MET B 9 -1.81 0.92 8.17
C MET B 9 -2.15 2.00 7.14
N LYS B 10 -3.36 2.01 6.66
CA LYS B 10 -3.73 3.05 5.65
C LYS B 10 -3.45 4.44 6.19
N ALA B 11 -3.50 4.61 7.49
CA ALA B 11 -3.22 5.96 8.08
C ALA B 11 -1.79 6.39 7.75
N ASN B 12 -0.84 5.54 7.98
CA ASN B 12 0.58 5.89 7.69
C ASN B 12 0.89 5.68 6.21
N ALA B 13 0.36 4.64 5.62
CA ALA B 13 0.61 4.37 4.18
C ALA B 13 0.17 5.56 3.34
N VAL B 14 -1.02 6.06 3.57
CA VAL B 14 -1.51 7.22 2.77
C VAL B 14 -0.56 8.41 2.94
N ALA B 15 0.05 8.54 4.09
CA ALA B 15 0.98 9.68 4.32
C ALA B 15 2.19 9.57 3.38
N ALA B 16 2.57 8.38 3.03
CA ALA B 16 3.74 8.20 2.12
C ALA B 16 3.26 8.00 0.67
N ALA B 17 2.00 7.72 0.50
CA ALA B 17 1.47 7.51 -0.87
C ALA B 17 0.75 8.77 -1.37
N ALA B 18 0.27 9.58 -0.46
CA ALA B 18 -0.44 10.82 -0.87
C ALA B 18 0.57 11.94 -1.12
N ALA B 19 1.41 12.20 -0.16
CA ALA B 19 2.41 13.30 -0.34
C ALA B 19 3.47 12.88 -1.37
N ALA B 20 3.48 11.64 -1.75
CA ALA B 20 4.48 11.17 -2.75
C ALA B 20 3.79 10.87 -4.09
N ALA B 21 2.76 10.07 -4.07
CA ALA B 21 2.06 9.74 -5.35
C ALA B 21 0.92 10.74 -5.59
N GLY B 22 0.91 11.84 -4.88
CA GLY B 22 -0.17 12.84 -5.07
C GLY B 22 -1.53 12.18 -4.84
N LEU B 23 -1.57 11.15 -4.04
CA LEU B 23 -2.87 10.46 -3.79
C LEU B 23 -3.81 11.38 -2.99
N SER B 24 -4.82 10.82 -2.40
CA SER B 24 -5.78 11.65 -1.61
C SER B 24 -5.21 11.93 -0.21
N VAL B 25 -5.74 12.91 0.46
CA VAL B 25 -5.23 13.23 1.83
C VAL B 25 -6.26 12.82 2.89
N PRO B 26 -6.25 11.56 3.22
CA PRO B 26 -7.20 11.03 4.23
C PRO B 26 -6.80 11.50 5.64
N GLY B 27 -5.98 10.75 6.31
CA GLY B 27 -5.56 11.16 7.68
C GLY B 27 -4.24 11.93 7.62
N VAL B 28 -4.10 12.79 6.64
CA VAL B 28 -2.83 13.57 6.51
C VAL B 28 -3.07 15.03 6.89
N ALA B 29 -4.29 15.37 7.22
CA ALA B 29 -4.59 16.78 7.61
C ALA B 29 -5.15 16.84 9.03
N ARG B 30 -5.67 15.74 9.50
CA ARG B 30 -6.25 15.73 10.88
C ARG B 30 -5.44 14.79 11.79
N ALA B 31 -4.82 15.33 12.80
CA ALA B 31 -4.01 14.47 13.72
C ALA B 31 -4.35 14.79 15.18
N VAL B 32 -5.42 14.23 15.68
CA VAL B 32 -5.81 14.51 17.10
C VAL B 32 -7.09 13.76 17.45
N VAL B 33 -7.97 13.58 16.49
CA VAL B 33 -9.25 12.86 16.77
C VAL B 33 -8.97 11.62 17.63
N GLY B 34 -9.33 11.67 18.89
CA GLY B 34 -9.10 10.50 19.77
C GLY B 34 -8.92 10.97 21.21
N GLN B 35 -9.72 11.91 21.64
CA GLN B 35 -9.59 12.41 23.04
C GLN B 35 -10.15 11.38 24.02
N GLY A 1 -6.84 -12.21 25.92
CA GLY A 1 -5.67 -11.91 25.05
C GLY A 1 -4.96 -10.65 25.55
N SER A 2 -4.10 -10.07 24.74
CA SER A 2 -3.39 -8.84 25.18
C SER A 2 -2.91 -8.05 23.96
N HIS A 3 -2.36 -8.72 22.98
CA HIS A 3 -1.87 -8.01 21.77
C HIS A 3 -1.37 -9.02 20.73
N MET A 4 -0.63 -8.56 19.76
CA MET A 4 -0.11 -9.50 18.71
C MET A 4 0.77 -8.74 17.72
N HIS A 5 2.06 -8.79 17.88
CA HIS A 5 2.96 -8.07 16.93
C HIS A 5 3.94 -9.06 16.28
N THR A 6 3.89 -9.19 14.99
CA THR A 6 4.81 -10.13 14.30
C THR A 6 4.78 -9.89 12.79
N ASN A 7 5.89 -9.54 12.21
CA ASN A 7 5.93 -9.28 10.74
C ASN A 7 7.34 -9.56 10.19
N TRP A 8 7.43 -9.89 8.94
CA TRP A 8 8.77 -10.17 8.33
C TRP A 8 9.15 -9.06 7.35
N GLN A 9 8.46 -8.98 6.23
CA GLN A 9 8.79 -7.92 5.24
C GLN A 9 7.56 -7.59 4.39
N VAL A 10 7.13 -6.36 4.41
CA VAL A 10 5.94 -5.97 3.61
C VAL A 10 5.86 -4.45 3.47
N CYS A 11 5.44 -3.97 2.33
CA CYS A 11 5.35 -2.49 2.13
C CYS A 11 4.12 -2.16 1.29
N SER A 12 3.79 -0.90 1.17
CA SER A 12 2.60 -0.50 0.38
C SER A 12 3.04 0.09 -0.97
N LEU A 13 2.63 -0.50 -2.05
CA LEU A 13 3.02 0.03 -3.39
C LEU A 13 1.82 0.71 -4.06
N VAL A 14 2.06 1.80 -4.75
CA VAL A 14 0.94 2.51 -5.42
C VAL A 14 0.91 2.16 -6.91
N VAL A 15 0.07 1.25 -7.31
CA VAL A 15 0.00 0.86 -8.74
C VAL A 15 -0.78 1.92 -9.54
N GLN A 16 -0.21 2.40 -10.62
CA GLN A 16 -0.92 3.43 -11.43
C GLN A 16 -1.33 2.85 -12.78
N ALA A 17 -2.61 2.71 -13.01
CA ALA A 17 -3.09 2.14 -14.30
C ALA A 17 -4.34 2.89 -14.77
N LYS A 18 -4.75 2.68 -15.98
CA LYS A 18 -5.97 3.38 -16.48
C LYS A 18 -7.07 3.33 -15.41
N SER A 19 -7.89 4.34 -15.35
CA SER A 19 -8.96 4.37 -14.31
C SER A 19 -9.72 3.03 -14.27
N GLU A 20 -10.12 2.52 -15.41
CA GLU A 20 -10.87 1.23 -15.40
C GLU A 20 -9.91 0.06 -15.55
N ARG A 21 -8.65 0.33 -15.78
CA ARG A 21 -7.67 -0.79 -15.88
C ARG A 21 -7.40 -1.32 -14.49
N ILE A 22 -7.09 -0.44 -13.59
CA ILE A 22 -6.80 -0.85 -12.19
C ILE A 22 -7.97 -1.65 -11.60
N SER A 23 -9.17 -1.24 -11.87
CA SER A 23 -10.31 -2.01 -11.31
C SER A 23 -10.13 -3.47 -11.69
N ASP A 24 -9.70 -3.72 -12.90
CA ASP A 24 -9.49 -5.13 -13.34
C ASP A 24 -8.25 -5.74 -12.66
N ILE A 25 -7.10 -5.14 -12.86
CA ILE A 25 -5.85 -5.69 -12.24
C ILE A 25 -5.73 -5.32 -10.76
N SER A 26 -5.92 -4.07 -10.42
CA SER A 26 -5.80 -3.68 -8.99
C SER A 26 -6.69 -4.57 -8.13
N THR A 27 -7.95 -4.68 -8.47
CA THR A 27 -8.86 -5.55 -7.67
C THR A 27 -8.29 -6.97 -7.56
N GLN A 28 -7.62 -7.42 -8.59
CA GLN A 28 -7.03 -8.78 -8.56
C GLN A 28 -6.00 -8.87 -7.43
N LEU A 29 -5.17 -7.89 -7.29
CA LEU A 29 -4.15 -7.91 -6.20
C LEU A 29 -4.82 -8.23 -4.86
N ASN A 30 -6.02 -7.74 -4.66
CA ASN A 30 -6.71 -8.02 -3.37
C ASN A 30 -7.15 -9.48 -3.30
N ALA A 31 -7.32 -10.11 -4.43
CA ALA A 31 -7.73 -11.55 -4.43
C ALA A 31 -6.56 -12.44 -4.00
N PHE A 32 -5.35 -12.01 -4.25
CA PHE A 32 -4.18 -12.84 -3.86
C PHE A 32 -3.94 -12.74 -2.35
N PRO A 33 -3.35 -13.77 -1.81
CA PRO A 33 -3.06 -13.81 -0.36
C PRO A 33 -1.90 -12.87 -0.03
N GLY A 34 -0.79 -13.01 -0.69
CA GLY A 34 0.38 -12.13 -0.41
C GLY A 34 0.00 -10.68 -0.74
N CYS A 35 -0.29 -10.40 -1.98
CA CYS A 35 -0.66 -9.01 -2.37
C CYS A 35 -2.07 -8.68 -1.88
N GLU A 36 -2.32 -7.47 -1.49
CA GLU A 36 -3.67 -7.09 -1.00
C GLU A 36 -3.88 -5.57 -1.12
N VAL A 37 -4.96 -5.17 -1.71
CA VAL A 37 -5.23 -3.70 -1.87
C VAL A 37 -5.54 -3.07 -0.51
N ALA A 38 -4.76 -2.12 -0.09
CA ALA A 38 -5.01 -1.46 1.22
C ALA A 38 -5.93 -0.25 1.03
N VAL A 39 -5.63 0.59 0.08
CA VAL A 39 -6.48 1.79 -0.15
C VAL A 39 -7.04 1.77 -1.58
N SER A 40 -8.33 1.75 -1.72
CA SER A 40 -8.93 1.72 -3.08
C SER A 40 -9.53 3.09 -3.43
N ASP A 41 -8.83 3.88 -4.18
CA ASP A 41 -9.34 5.23 -4.55
C ASP A 41 -9.14 5.47 -6.05
N ALA A 42 -10.02 6.21 -6.66
CA ALA A 42 -9.89 6.48 -8.11
C ALA A 42 -9.56 7.96 -8.37
N PRO A 43 -8.51 8.44 -7.75
CA PRO A 43 -8.10 9.85 -7.95
C PRO A 43 -7.53 10.03 -9.35
N SER A 44 -6.79 9.07 -9.82
CA SER A 44 -6.20 9.18 -11.18
C SER A 44 -6.05 7.79 -11.81
N GLY A 45 -6.71 6.81 -11.25
CA GLY A 45 -6.61 5.43 -11.82
C GLY A 45 -5.49 4.67 -11.12
N GLN A 46 -5.20 5.01 -9.90
CA GLN A 46 -4.09 4.30 -9.17
C GLN A 46 -4.59 3.84 -7.79
N LEU A 47 -4.26 2.63 -7.41
CA LEU A 47 -4.69 2.13 -6.08
C LEU A 47 -3.48 1.70 -5.25
N ILE A 48 -3.62 1.62 -3.96
CA ILE A 48 -2.47 1.22 -3.10
C ILE A 48 -2.60 -0.25 -2.71
N VAL A 49 -1.61 -1.04 -2.99
CA VAL A 49 -1.67 -2.49 -2.64
C VAL A 49 -0.39 -2.91 -1.90
N VAL A 50 -0.54 -3.48 -0.73
CA VAL A 50 0.66 -3.91 0.04
C VAL A 50 0.91 -5.41 -0.17
N VAL A 51 2.16 -5.80 -0.27
CA VAL A 51 2.47 -7.24 -0.46
C VAL A 51 3.59 -7.68 0.47
N GLU A 52 3.56 -8.90 0.93
CA GLU A 52 4.63 -9.39 1.85
C GLU A 52 5.24 -10.68 1.31
N ALA A 53 6.51 -10.89 1.56
CA ALA A 53 7.17 -12.13 1.05
C ALA A 53 8.42 -12.44 1.89
N GLU A 54 9.10 -13.50 1.58
CA GLU A 54 10.33 -13.86 2.35
C GLU A 54 11.21 -12.62 2.54
N ASP A 55 11.47 -11.90 1.48
CA ASP A 55 12.32 -10.68 1.61
C ASP A 55 12.01 -9.70 0.48
N SER A 56 12.83 -8.68 0.31
CA SER A 56 12.58 -7.69 -0.77
C SER A 56 12.62 -8.39 -2.14
N GLU A 57 13.55 -9.30 -2.33
CA GLU A 57 13.65 -10.00 -3.64
C GLU A 57 12.27 -10.54 -4.05
N THR A 58 11.60 -11.23 -3.17
CA THR A 58 10.26 -11.77 -3.51
C THR A 58 9.23 -10.65 -3.60
N LEU A 59 9.39 -9.63 -2.80
CA LEU A 59 8.42 -8.49 -2.83
C LEU A 59 8.50 -7.78 -4.19
N ILE A 60 9.68 -7.54 -4.67
CA ILE A 60 9.82 -6.84 -5.99
C ILE A 60 9.28 -7.74 -7.10
N GLN A 61 9.34 -9.03 -6.91
CA GLN A 61 8.82 -9.96 -7.95
C GLN A 61 7.40 -9.58 -8.33
N THR A 62 6.57 -9.31 -7.35
CA THR A 62 5.16 -8.92 -7.65
C THR A 62 5.13 -7.70 -8.58
N ILE A 63 5.97 -6.74 -8.34
CA ILE A 63 5.99 -5.52 -9.20
C ILE A 63 6.04 -5.93 -10.69
N GLU A 64 6.76 -6.97 -11.00
CA GLU A 64 6.84 -7.40 -12.42
C GLU A 64 5.43 -7.54 -13.00
N SER A 65 4.48 -7.94 -12.20
CA SER A 65 3.09 -8.08 -12.71
C SER A 65 2.49 -6.71 -13.02
N VAL A 66 2.49 -5.82 -12.07
CA VAL A 66 1.91 -4.46 -12.29
C VAL A 66 2.71 -3.69 -13.34
N ARG A 67 4.01 -3.76 -13.28
CA ARG A 67 4.84 -3.02 -14.27
C ARG A 67 4.65 -3.60 -15.68
N ASN A 68 4.59 -4.90 -15.80
CA ASN A 68 4.41 -5.50 -17.14
C ASN A 68 2.96 -5.36 -17.62
N VAL A 69 2.04 -5.13 -16.71
CA VAL A 69 0.62 -4.97 -17.12
C VAL A 69 0.44 -3.66 -17.89
N GLU A 70 -0.05 -3.73 -19.09
CA GLU A 70 -0.24 -2.49 -19.90
C GLU A 70 -1.16 -1.50 -19.16
N GLY A 71 -2.24 -1.97 -18.61
CA GLY A 71 -3.17 -1.06 -17.89
C GLY A 71 -2.36 -0.16 -16.94
N VAL A 72 -1.29 -0.68 -16.40
CA VAL A 72 -0.46 0.14 -15.48
C VAL A 72 0.44 1.09 -16.26
N LEU A 73 0.25 2.38 -16.10
CA LEU A 73 1.10 3.36 -16.83
C LEU A 73 2.24 3.84 -15.93
N ALA A 74 2.10 3.70 -14.64
CA ALA A 74 3.16 4.15 -13.71
C ALA A 74 3.15 3.30 -12.44
N VAL A 75 4.11 3.49 -11.58
CA VAL A 75 4.15 2.69 -10.31
C VAL A 75 5.00 3.41 -9.26
N SER A 76 4.41 3.77 -8.15
CA SER A 76 5.18 4.46 -7.09
C SER A 76 5.01 3.72 -5.75
N LEU A 77 5.97 2.90 -5.39
CA LEU A 77 5.88 2.16 -4.11
C LEU A 77 6.92 2.67 -3.12
N VAL A 78 6.51 3.44 -2.14
CA VAL A 78 7.48 3.96 -1.14
C VAL A 78 6.86 3.93 0.26
N TYR A 79 7.10 2.87 0.99
CA TYR A 79 6.53 2.78 2.36
C TYR A 79 6.95 1.45 3.02
N HIS A 80 7.68 1.53 4.11
CA HIS A 80 8.11 0.28 4.79
C HIS A 80 7.11 -0.10 5.88
N GLN A 81 6.76 -1.36 5.97
CA GLN A 81 5.79 -1.80 7.00
C GLN A 81 6.31 -3.04 7.73
N GLN A 82 6.79 -2.86 8.94
CA GLN A 82 7.31 -4.02 9.71
C GLN A 82 7.38 -3.69 11.21
N GLU A 83 7.01 -4.63 12.04
CA GLU A 83 7.05 -4.36 13.51
C GLU A 83 8.25 -5.08 14.14
N GLU A 84 8.80 -4.53 15.18
CA GLU A 84 9.97 -5.18 15.84
C GLU A 84 10.36 -4.41 17.10
N GLN A 85 11.00 -3.27 16.96
CA GLN A 85 11.40 -2.48 18.16
C GLN A 85 12.07 -1.18 17.74
N GLY A 86 11.31 -0.17 17.46
CA GLY A 86 11.90 1.14 17.04
C GLY A 86 10.82 2.22 17.03
N GLU A 87 11.21 3.45 16.85
CA GLU A 87 10.20 4.55 16.84
C GLU A 87 10.64 5.66 15.88
N GLU A 88 11.91 5.97 15.86
CA GLU A 88 12.41 7.05 14.95
C GLU A 88 13.33 6.45 13.88
N THR A 89 13.39 7.06 12.74
CA THR A 89 14.27 6.53 11.65
C THR A 89 14.15 5.02 11.56
N PRO A 90 13.01 4.57 11.11
CA PRO A 90 12.75 3.12 10.96
C PRO A 90 13.54 2.55 9.79
N MET B 1 -12.17 -10.06 17.09
CA MET B 1 -11.78 -10.49 15.71
C MET B 1 -12.30 -9.48 14.67
N LYS B 2 -11.61 -8.39 14.50
CA LYS B 2 -12.07 -7.38 13.50
C LYS B 2 -10.88 -6.86 12.70
N LEU B 3 -11.12 -6.28 11.55
CA LEU B 3 -10.01 -5.76 10.72
C LEU B 3 -9.39 -4.53 11.39
N SER B 4 -8.91 -4.68 12.59
CA SER B 4 -8.28 -3.53 13.29
C SER B 4 -6.79 -3.42 12.94
N ARG B 5 -6.50 -3.15 11.69
CA ARG B 5 -5.08 -3.03 11.27
C ARG B 5 -4.97 -2.22 9.99
N ARG B 6 -5.87 -2.42 9.06
CA ARG B 6 -5.82 -1.65 7.78
C ARG B 6 -6.19 -0.19 8.03
N SER B 7 -6.78 0.10 9.15
CA SER B 7 -7.16 1.51 9.45
C SER B 7 -5.96 2.27 10.00
N PHE B 8 -5.13 1.61 10.76
CA PHE B 8 -3.93 2.28 11.33
C PHE B 8 -2.82 2.34 10.27
N MET B 9 -2.61 1.26 9.56
CA MET B 9 -1.55 1.25 8.51
C MET B 9 -1.91 2.23 7.39
N LYS B 10 -3.12 2.17 6.91
CA LYS B 10 -3.53 3.10 5.81
C LYS B 10 -3.23 4.55 6.20
N ALA B 11 -3.30 4.86 7.47
CA ALA B 11 -3.02 6.25 7.92
C ALA B 11 -1.60 6.65 7.55
N ASN B 12 -0.65 5.79 7.81
CA ASN B 12 0.77 6.12 7.46
C ASN B 12 1.04 5.80 6.00
N ALA B 13 0.52 4.71 5.51
CA ALA B 13 0.75 4.34 4.08
C ALA B 13 0.32 5.48 3.16
N VAL B 14 -0.85 6.01 3.36
CA VAL B 14 -1.32 7.13 2.51
C VAL B 14 -0.36 8.31 2.59
N ALA B 15 0.27 8.50 3.73
CA ALA B 15 1.22 9.62 3.88
C ALA B 15 2.41 9.45 2.93
N ALA B 16 2.76 8.24 2.63
CA ALA B 16 3.91 7.99 1.71
C ALA B 16 3.40 7.71 0.29
N ALA B 17 2.13 7.44 0.15
CA ALA B 17 1.57 7.17 -1.20
C ALA B 17 0.95 8.43 -1.79
N ALA B 18 0.55 9.35 -0.96
CA ALA B 18 -0.07 10.61 -1.47
C ALA B 18 1.03 11.64 -1.79
N ALA B 19 1.89 11.91 -0.84
CA ALA B 19 2.96 12.91 -1.10
C ALA B 19 4.00 12.33 -2.07
N ALA B 20 3.92 11.06 -2.35
CA ALA B 20 4.89 10.44 -3.29
C ALA B 20 4.20 10.11 -4.63
N ALA B 21 3.13 9.38 -4.58
CA ALA B 21 2.42 9.02 -5.85
C ALA B 21 1.32 10.06 -6.14
N GLY B 22 1.38 11.20 -5.51
CA GLY B 22 0.35 12.24 -5.75
C GLY B 22 -1.04 11.66 -5.47
N LEU B 23 -1.12 10.67 -4.62
CA LEU B 23 -2.44 10.06 -4.30
C LEU B 23 -3.33 11.07 -3.56
N SER B 24 -4.36 10.59 -2.92
CA SER B 24 -5.27 11.51 -2.18
C SER B 24 -4.69 11.82 -0.79
N VAL B 25 -5.15 12.87 -0.16
CA VAL B 25 -4.63 13.22 1.18
C VAL B 25 -5.69 12.92 2.25
N PRO B 26 -5.74 11.68 2.65
CA PRO B 26 -6.71 11.24 3.69
C PRO B 26 -6.31 11.78 5.06
N GLY B 27 -5.52 11.03 5.79
CA GLY B 27 -5.09 11.50 7.14
C GLY B 27 -3.77 12.26 7.02
N VAL B 28 -3.62 13.06 6.00
CA VAL B 28 -2.36 13.83 5.83
C VAL B 28 -2.34 15.03 6.78
N ALA B 29 -3.08 16.05 6.47
CA ALA B 29 -3.10 17.26 7.35
C ALA B 29 -4.10 18.30 6.82
N ARG B 30 -5.12 17.86 6.14
CA ARG B 30 -6.11 18.84 5.59
C ARG B 30 -7.47 18.15 5.42
N ALA B 31 -8.54 18.87 5.64
CA ALA B 31 -9.89 18.26 5.47
C ALA B 31 -10.01 16.99 6.31
N VAL B 32 -9.15 16.83 7.28
CA VAL B 32 -9.20 15.61 8.14
C VAL B 32 -9.36 16.00 9.61
N VAL B 33 -8.99 17.20 9.96
CA VAL B 33 -9.13 17.64 11.38
C VAL B 33 -9.51 19.12 11.43
N GLY B 34 -10.25 19.51 12.44
CA GLY B 34 -10.67 20.93 12.55
C GLY B 34 -11.69 21.26 11.46
N GLN B 35 -12.22 20.25 10.82
CA GLN B 35 -13.23 20.50 9.74
C GLN B 35 -12.73 21.61 8.80
N GLY A 1 -7.25 -9.39 23.70
CA GLY A 1 -6.09 -9.23 22.78
C GLY A 1 -5.05 -8.32 23.43
N SER A 2 -4.37 -8.79 24.45
CA SER A 2 -3.34 -7.95 25.12
C SER A 2 -2.07 -7.90 24.27
N HIS A 3 -1.77 -6.77 23.70
CA HIS A 3 -0.54 -6.65 22.87
C HIS A 3 -0.60 -7.64 21.70
N MET A 4 -0.04 -7.29 20.58
CA MET A 4 -0.07 -8.20 19.40
C MET A 4 0.69 -7.58 18.23
N HIS A 5 1.95 -7.88 18.10
CA HIS A 5 2.75 -7.30 16.97
C HIS A 5 3.74 -8.33 16.44
N THR A 6 3.63 -8.68 15.18
CA THR A 6 4.57 -9.69 14.61
C THR A 6 4.46 -9.69 13.08
N ASN A 7 5.53 -9.33 12.41
CA ASN A 7 5.48 -9.32 10.91
C ASN A 7 6.88 -9.60 10.34
N TRP A 8 6.97 -9.84 9.07
CA TRP A 8 8.30 -10.13 8.46
C TRP A 8 8.70 -8.98 7.52
N GLN A 9 8.05 -8.88 6.39
CA GLN A 9 8.40 -7.78 5.44
C GLN A 9 7.19 -7.43 4.56
N VAL A 10 6.81 -6.19 4.53
CA VAL A 10 5.63 -5.79 3.70
C VAL A 10 5.67 -4.28 3.43
N CYS A 11 5.28 -3.87 2.25
CA CYS A 11 5.29 -2.41 1.93
C CYS A 11 4.04 -2.04 1.14
N SER A 12 3.81 -0.77 0.93
CA SER A 12 2.60 -0.35 0.17
C SER A 12 3.00 0.10 -1.24
N LEU A 13 2.54 -0.58 -2.25
CA LEU A 13 2.89 -0.20 -3.64
C LEU A 13 1.70 0.50 -4.31
N VAL A 14 1.95 1.60 -4.97
CA VAL A 14 0.83 2.33 -5.64
C VAL A 14 0.81 1.99 -7.13
N VAL A 15 -0.07 1.11 -7.53
CA VAL A 15 -0.15 0.74 -8.97
C VAL A 15 -0.88 1.83 -9.77
N GLN A 16 -0.24 2.39 -10.75
CA GLN A 16 -0.90 3.46 -11.56
C GLN A 16 -1.32 2.89 -12.93
N ALA A 17 -2.59 2.76 -13.15
CA ALA A 17 -3.07 2.22 -14.46
C ALA A 17 -4.33 2.96 -14.90
N LYS A 18 -4.75 2.78 -16.12
CA LYS A 18 -5.97 3.48 -16.60
C LYS A 18 -7.06 3.42 -15.53
N SER A 19 -7.88 4.43 -15.47
CA SER A 19 -8.95 4.45 -14.42
C SER A 19 -9.70 3.11 -14.38
N GLU A 20 -10.10 2.59 -15.51
CA GLU A 20 -10.85 1.30 -15.47
C GLU A 20 -9.87 0.13 -15.64
N ARG A 21 -8.62 0.40 -15.88
CA ARG A 21 -7.63 -0.70 -15.98
C ARG A 21 -7.34 -1.22 -14.58
N ILE A 22 -7.04 -0.32 -13.69
CA ILE A 22 -6.74 -0.73 -12.29
C ILE A 22 -7.88 -1.55 -11.70
N SER A 23 -9.10 -1.17 -11.95
CA SER A 23 -10.22 -1.96 -11.38
C SER A 23 -10.00 -3.43 -11.75
N ASP A 24 -9.59 -3.68 -12.97
CA ASP A 24 -9.34 -5.08 -13.40
C ASP A 24 -8.09 -5.66 -12.73
N ILE A 25 -6.96 -5.03 -12.94
CA ILE A 25 -5.69 -5.54 -12.34
C ILE A 25 -5.58 -5.18 -10.86
N SER A 26 -5.78 -3.94 -10.51
CA SER A 26 -5.67 -3.54 -9.08
C SER A 26 -6.54 -4.46 -8.21
N THR A 27 -7.81 -4.59 -8.54
CA THR A 27 -8.69 -5.46 -7.73
C THR A 27 -8.10 -6.87 -7.63
N GLN A 28 -7.42 -7.31 -8.67
CA GLN A 28 -6.80 -8.66 -8.64
C GLN A 28 -5.78 -8.74 -7.52
N LEU A 29 -4.96 -7.73 -7.38
CA LEU A 29 -3.92 -7.74 -6.31
C LEU A 29 -4.57 -8.08 -4.96
N ASN A 30 -5.80 -7.68 -4.77
CA ASN A 30 -6.49 -7.97 -3.48
C ASN A 30 -6.84 -9.46 -3.40
N ALA A 31 -7.00 -10.10 -4.52
CA ALA A 31 -7.34 -11.55 -4.50
C ALA A 31 -6.12 -12.38 -4.11
N PHE A 32 -4.94 -11.88 -4.38
CA PHE A 32 -3.71 -12.64 -4.02
C PHE A 32 -3.52 -12.66 -2.50
N PRO A 33 -2.89 -13.69 -2.02
CA PRO A 33 -2.64 -13.83 -0.57
C PRO A 33 -1.55 -12.86 -0.12
N GLY A 34 -0.43 -12.86 -0.79
CA GLY A 34 0.67 -11.94 -0.41
C GLY A 34 0.26 -10.49 -0.71
N CYS A 35 -0.05 -10.20 -1.94
CA CYS A 35 -0.46 -8.82 -2.30
C CYS A 35 -1.87 -8.54 -1.77
N GLU A 36 -2.15 -7.33 -1.38
CA GLU A 36 -3.50 -6.99 -0.86
C GLU A 36 -3.78 -5.49 -1.03
N VAL A 37 -4.89 -5.16 -1.61
CA VAL A 37 -5.22 -3.72 -1.81
C VAL A 37 -5.56 -3.06 -0.47
N ALA A 38 -4.82 -2.06 -0.09
CA ALA A 38 -5.10 -1.38 1.21
C ALA A 38 -6.05 -0.20 1.00
N VAL A 39 -5.72 0.68 0.10
CA VAL A 39 -6.60 1.85 -0.15
C VAL A 39 -7.05 1.87 -1.61
N SER A 40 -8.34 1.80 -1.85
CA SER A 40 -8.85 1.80 -3.25
C SER A 40 -9.47 3.15 -3.59
N ASP A 41 -8.78 3.98 -4.33
CA ASP A 41 -9.34 5.31 -4.70
C ASP A 41 -9.14 5.58 -6.18
N ALA A 42 -10.05 6.29 -6.79
CA ALA A 42 -9.93 6.57 -8.25
C ALA A 42 -9.63 8.07 -8.50
N PRO A 43 -8.61 8.56 -7.87
CA PRO A 43 -8.22 9.98 -8.05
C PRO A 43 -7.65 10.20 -9.46
N SER A 44 -6.89 9.26 -9.93
CA SER A 44 -6.30 9.39 -11.29
C SER A 44 -6.10 8.00 -11.92
N GLY A 45 -6.71 6.99 -11.37
CA GLY A 45 -6.56 5.62 -11.93
C GLY A 45 -5.43 4.89 -11.19
N GLN A 46 -5.21 5.23 -9.95
CA GLN A 46 -4.11 4.54 -9.19
C GLN A 46 -4.65 4.05 -7.84
N LEU A 47 -4.27 2.86 -7.44
CA LEU A 47 -4.75 2.33 -6.14
C LEU A 47 -3.56 1.90 -5.27
N ILE A 48 -3.76 1.80 -3.99
CA ILE A 48 -2.63 1.38 -3.09
C ILE A 48 -2.75 -0.10 -2.74
N VAL A 49 -1.72 -0.86 -2.96
CA VAL A 49 -1.77 -2.32 -2.64
C VAL A 49 -0.52 -2.74 -1.89
N VAL A 50 -0.68 -3.32 -0.72
CA VAL A 50 0.51 -3.76 0.06
C VAL A 50 0.77 -5.25 -0.16
N VAL A 51 2.02 -5.63 -0.26
CA VAL A 51 2.34 -7.06 -0.48
C VAL A 51 3.47 -7.50 0.45
N GLU A 52 3.35 -8.67 1.04
CA GLU A 52 4.42 -9.16 1.96
C GLU A 52 4.98 -10.50 1.46
N ALA A 53 6.24 -10.72 1.66
CA ALA A 53 6.85 -12.00 1.20
C ALA A 53 8.10 -12.33 2.03
N GLU A 54 8.76 -13.41 1.72
CA GLU A 54 9.98 -13.77 2.49
C GLU A 54 10.89 -12.55 2.66
N ASP A 55 11.19 -11.87 1.59
CA ASP A 55 12.07 -10.67 1.69
C ASP A 55 11.79 -9.71 0.52
N SER A 56 12.63 -8.74 0.33
CA SER A 56 12.42 -7.77 -0.78
C SER A 56 12.45 -8.51 -2.13
N GLU A 57 13.37 -9.43 -2.28
CA GLU A 57 13.46 -10.18 -3.57
C GLU A 57 12.07 -10.68 -3.98
N THR A 58 11.36 -11.30 -3.07
CA THR A 58 10.00 -11.81 -3.40
C THR A 58 9.01 -10.65 -3.55
N LEU A 59 9.19 -9.61 -2.78
CA LEU A 59 8.27 -8.45 -2.88
C LEU A 59 8.41 -7.76 -4.24
N ILE A 60 9.61 -7.57 -4.70
CA ILE A 60 9.82 -6.91 -6.02
C ILE A 60 9.27 -7.82 -7.13
N GLN A 61 9.30 -9.11 -6.91
CA GLN A 61 8.78 -10.04 -7.94
C GLN A 61 7.37 -9.63 -8.35
N THR A 62 6.53 -9.33 -7.40
CA THR A 62 5.13 -8.92 -7.74
C THR A 62 5.12 -7.73 -8.70
N ILE A 63 6.00 -6.78 -8.48
CA ILE A 63 6.04 -5.58 -9.36
C ILE A 63 6.07 -6.02 -10.83
N GLU A 64 6.73 -7.10 -11.14
CA GLU A 64 6.79 -7.55 -12.56
C GLU A 64 5.36 -7.64 -13.12
N SER A 65 4.42 -7.99 -12.30
CA SER A 65 3.00 -8.09 -12.77
C SER A 65 2.45 -6.69 -13.11
N VAL A 66 2.49 -5.80 -12.16
CA VAL A 66 1.96 -4.43 -12.41
C VAL A 66 2.77 -3.70 -13.48
N ARG A 67 4.07 -3.81 -13.45
CA ARG A 67 4.91 -3.12 -14.47
C ARG A 67 4.66 -3.72 -15.86
N ASN A 68 4.54 -5.02 -15.96
CA ASN A 68 4.32 -5.65 -17.28
C ASN A 68 2.86 -5.45 -17.73
N VAL A 69 1.97 -5.17 -16.82
CA VAL A 69 0.55 -4.96 -17.21
C VAL A 69 0.42 -3.67 -18.03
N GLU A 70 -0.10 -3.77 -19.23
CA GLU A 70 -0.24 -2.55 -20.08
C GLU A 70 -1.11 -1.51 -19.36
N GLY A 71 -2.21 -1.92 -18.78
CA GLY A 71 -3.10 -0.95 -18.09
C GLY A 71 -2.26 -0.11 -17.11
N VAL A 72 -1.23 -0.68 -16.56
CA VAL A 72 -0.38 0.07 -15.60
C VAL A 72 0.57 1.02 -16.36
N LEU A 73 0.43 2.29 -16.16
CA LEU A 73 1.32 3.26 -16.87
C LEU A 73 2.43 3.74 -15.92
N ALA A 74 2.23 3.59 -14.64
CA ALA A 74 3.27 4.03 -13.67
C ALA A 74 3.20 3.19 -12.39
N VAL A 75 4.13 3.36 -11.50
CA VAL A 75 4.11 2.57 -10.23
C VAL A 75 4.92 3.28 -9.15
N SER A 76 4.30 3.64 -8.07
CA SER A 76 5.04 4.33 -6.97
C SER A 76 4.92 3.54 -5.67
N LEU A 77 5.92 2.77 -5.33
CA LEU A 77 5.87 1.96 -4.08
C LEU A 77 6.90 2.47 -3.08
N VAL A 78 6.46 3.17 -2.07
CA VAL A 78 7.43 3.69 -1.06
C VAL A 78 6.79 3.69 0.34
N TYR A 79 7.00 2.66 1.10
CA TYR A 79 6.42 2.60 2.47
C TYR A 79 6.85 1.31 3.17
N HIS A 80 7.71 1.43 4.15
CA HIS A 80 8.17 0.21 4.88
C HIS A 80 7.40 0.06 6.19
N GLN A 81 6.80 -1.07 6.43
CA GLN A 81 6.03 -1.26 7.69
C GLN A 81 6.29 -2.65 8.26
N GLN A 82 6.99 -2.74 9.36
CA GLN A 82 7.28 -4.07 9.97
C GLN A 82 7.51 -3.94 11.47
N GLU A 83 6.98 -4.85 12.24
CA GLU A 83 7.17 -4.76 13.72
C GLU A 83 8.24 -5.76 14.17
N GLU A 84 8.98 -5.43 15.19
CA GLU A 84 10.04 -6.35 15.68
C GLU A 84 10.86 -5.68 16.80
N GLN A 85 12.02 -5.18 16.49
CA GLN A 85 12.85 -4.52 17.54
C GLN A 85 12.42 -3.05 17.71
N GLY A 86 12.77 -2.45 18.82
CA GLY A 86 12.38 -1.03 19.04
C GLY A 86 13.27 -0.11 18.19
N GLU A 87 12.71 0.90 17.60
CA GLU A 87 13.52 1.83 16.77
C GLU A 87 12.68 3.03 16.34
N GLU A 88 11.86 3.53 17.21
CA GLU A 88 11.01 4.71 16.85
C GLU A 88 11.85 6.00 16.87
N THR A 89 11.57 6.91 15.98
CA THR A 89 12.35 8.18 15.95
C THR A 89 11.61 9.23 15.11
N PRO A 90 11.99 10.46 15.32
CA PRO A 90 11.36 11.58 14.58
C PRO A 90 11.82 11.59 13.12
N MET B 1 -13.34 -3.11 14.66
CA MET B 1 -13.93 -4.09 15.63
C MET B 1 -13.26 -5.46 15.48
N LYS B 2 -13.37 -6.05 14.32
CA LYS B 2 -12.75 -7.40 14.11
C LYS B 2 -11.32 -7.23 13.57
N LEU B 3 -11.02 -6.11 12.98
CA LEU B 3 -9.65 -5.88 12.44
C LEU B 3 -8.78 -5.17 13.48
N SER B 4 -7.65 -4.67 13.07
CA SER B 4 -6.76 -3.97 14.03
C SER B 4 -5.41 -3.64 13.38
N ARG B 5 -5.44 -3.04 12.21
CA ARG B 5 -4.17 -2.71 11.52
C ARG B 5 -4.44 -1.85 10.29
N ARG B 6 -5.21 -2.36 9.35
CA ARG B 6 -5.51 -1.57 8.13
C ARG B 6 -5.92 -0.14 8.50
N SER B 7 -6.49 0.04 9.66
CA SER B 7 -6.90 1.41 10.08
C SER B 7 -5.66 2.22 10.49
N PHE B 8 -4.76 1.59 11.21
CA PHE B 8 -3.52 2.31 11.63
C PHE B 8 -2.52 2.34 10.49
N MET B 9 -2.41 1.26 9.75
CA MET B 9 -1.44 1.23 8.62
C MET B 9 -1.88 2.20 7.52
N LYS B 10 -3.10 2.10 7.07
CA LYS B 10 -3.57 3.02 6.00
C LYS B 10 -3.31 4.48 6.40
N ALA B 11 -3.26 4.74 7.68
CA ALA B 11 -3.01 6.14 8.14
C ALA B 11 -1.61 6.59 7.72
N ASN B 12 -0.62 5.78 7.97
CA ASN B 12 0.77 6.15 7.58
C ASN B 12 1.02 5.82 6.11
N ALA B 13 0.48 4.72 5.64
CA ALA B 13 0.68 4.34 4.22
C ALA B 13 0.26 5.49 3.29
N VAL B 14 -0.90 6.05 3.52
CA VAL B 14 -1.37 7.16 2.65
C VAL B 14 -0.38 8.32 2.71
N ALA B 15 0.28 8.49 3.82
CA ALA B 15 1.26 9.61 3.95
C ALA B 15 2.43 9.40 2.97
N ALA B 16 2.77 8.17 2.69
CA ALA B 16 3.89 7.91 1.75
C ALA B 16 3.34 7.59 0.36
N ALA B 17 2.07 7.31 0.26
CA ALA B 17 1.47 6.99 -1.07
C ALA B 17 0.80 8.24 -1.66
N ALA B 18 0.45 9.17 -0.84
CA ALA B 18 -0.20 10.42 -1.35
C ALA B 18 0.86 11.43 -1.80
N ALA B 19 1.80 11.72 -0.94
CA ALA B 19 2.86 12.70 -1.30
C ALA B 19 3.80 12.10 -2.36
N ALA B 20 3.68 10.82 -2.60
CA ALA B 20 4.55 10.17 -3.62
C ALA B 20 3.74 9.77 -4.85
N ALA B 21 2.67 9.04 -4.65
CA ALA B 21 1.83 8.62 -5.80
C ALA B 21 0.74 9.67 -6.08
N GLY B 22 0.86 10.82 -5.49
CA GLY B 22 -0.17 11.88 -5.72
C GLY B 22 -1.55 11.34 -5.35
N LEU B 23 -1.61 10.39 -4.45
CA LEU B 23 -2.92 9.82 -4.05
C LEU B 23 -3.74 10.86 -3.28
N SER B 24 -4.74 10.44 -2.58
CA SER B 24 -5.58 11.40 -1.81
C SER B 24 -4.92 11.72 -0.47
N VAL B 25 -5.32 12.80 0.16
CA VAL B 25 -4.71 13.17 1.47
C VAL B 25 -5.72 12.92 2.60
N PRO B 26 -5.80 11.70 3.03
CA PRO B 26 -6.73 11.32 4.12
C PRO B 26 -6.21 11.84 5.46
N GLY B 27 -5.01 11.48 5.82
CA GLY B 27 -4.45 11.95 7.13
C GLY B 27 -2.97 12.27 6.96
N VAL B 28 -2.57 12.70 5.79
CA VAL B 28 -1.14 13.03 5.56
C VAL B 28 -0.66 14.09 6.57
N ALA B 29 -1.55 14.95 7.01
CA ALA B 29 -1.16 15.99 7.99
C ALA B 29 -1.36 15.48 9.42
N ARG B 30 -1.93 14.32 9.57
CA ARG B 30 -2.14 13.77 10.93
C ARG B 30 -1.53 12.37 11.04
N ALA B 31 -0.39 12.17 10.43
CA ALA B 31 0.26 10.83 10.50
C ALA B 31 1.78 10.98 10.50
N VAL B 32 2.28 12.03 11.08
CA VAL B 32 3.76 12.23 11.12
C VAL B 32 4.34 11.66 12.41
N VAL B 33 3.66 11.84 13.51
CA VAL B 33 4.18 11.31 14.80
C VAL B 33 3.02 11.08 15.78
N GLY B 34 3.29 10.43 16.88
CA GLY B 34 2.21 10.17 17.87
C GLY B 34 2.48 10.97 19.14
N GLN B 35 1.48 11.16 19.97
CA GLN B 35 1.68 11.92 21.22
C GLN B 35 1.58 10.99 22.43
N GLY A 1 6.43 -3.41 21.61
CA GLY A 1 5.83 -2.64 22.74
C GLY A 1 5.03 -3.59 23.65
N SER A 2 5.41 -4.83 23.69
CA SER A 2 4.67 -5.81 24.55
C SER A 2 3.17 -5.67 24.32
N HIS A 3 2.75 -5.65 23.09
CA HIS A 3 1.28 -5.52 22.80
C HIS A 3 0.87 -6.53 21.72
N MET A 4 1.31 -6.34 20.51
CA MET A 4 0.94 -7.29 19.43
C MET A 4 1.67 -6.91 18.13
N HIS A 5 2.95 -7.15 18.06
CA HIS A 5 3.72 -6.81 16.82
C HIS A 5 4.46 -8.05 16.31
N THR A 6 4.25 -8.40 15.07
CA THR A 6 4.93 -9.60 14.51
C THR A 6 4.82 -9.61 12.99
N ASN A 7 5.88 -9.27 12.29
CA ASN A 7 5.82 -9.26 10.80
C ASN A 7 7.21 -9.52 10.23
N TRP A 8 7.30 -9.75 8.95
CA TRP A 8 8.63 -10.00 8.32
C TRP A 8 9.00 -8.86 7.37
N GLN A 9 8.36 -8.79 6.23
CA GLN A 9 8.68 -7.70 5.27
C GLN A 9 7.45 -7.42 4.39
N VAL A 10 7.01 -6.19 4.35
CA VAL A 10 5.82 -5.85 3.51
C VAL A 10 5.72 -4.33 3.34
N CYS A 11 5.35 -3.89 2.17
CA CYS A 11 5.22 -2.42 1.94
C CYS A 11 3.97 -2.11 1.13
N SER A 12 3.62 -0.86 0.99
CA SER A 12 2.41 -0.49 0.21
C SER A 12 2.82 0.08 -1.15
N LEU A 13 2.45 -0.59 -2.22
CA LEU A 13 2.82 -0.08 -3.57
C LEU A 13 1.62 0.62 -4.22
N VAL A 14 1.86 1.72 -4.88
CA VAL A 14 0.74 2.45 -5.53
C VAL A 14 0.68 2.11 -7.02
N VAL A 15 -0.19 1.22 -7.41
CA VAL A 15 -0.28 0.84 -8.85
C VAL A 15 -1.04 1.92 -9.63
N GLN A 16 -0.40 2.53 -10.59
CA GLN A 16 -1.08 3.59 -11.39
C GLN A 16 -1.46 3.04 -12.77
N ALA A 17 -2.72 2.85 -13.02
CA ALA A 17 -3.15 2.31 -14.34
C ALA A 17 -4.43 3.02 -14.80
N LYS A 18 -4.82 2.84 -16.03
CA LYS A 18 -6.07 3.50 -16.52
C LYS A 18 -7.16 3.39 -15.46
N SER A 19 -8.00 4.37 -15.36
CA SER A 19 -9.08 4.34 -14.34
C SER A 19 -9.81 3.00 -14.34
N GLU A 20 -10.20 2.51 -15.49
CA GLU A 20 -10.92 1.20 -15.52
C GLU A 20 -9.92 0.05 -15.70
N ARG A 21 -8.68 0.34 -15.91
CA ARG A 21 -7.68 -0.75 -16.04
C ARG A 21 -7.40 -1.32 -14.65
N ILE A 22 -7.12 -0.44 -13.73
CA ILE A 22 -6.83 -0.88 -12.34
C ILE A 22 -7.98 -1.71 -11.78
N SER A 23 -9.19 -1.34 -12.06
CA SER A 23 -10.31 -2.16 -11.53
C SER A 23 -10.08 -3.61 -11.93
N ASP A 24 -9.62 -3.83 -13.12
CA ASP A 24 -9.35 -5.22 -13.58
C ASP A 24 -8.11 -5.80 -12.87
N ILE A 25 -6.99 -5.16 -13.03
CA ILE A 25 -5.73 -5.69 -12.40
C ILE A 25 -5.65 -5.32 -10.91
N SER A 26 -5.86 -4.08 -10.57
CA SER A 26 -5.77 -3.69 -9.14
C SER A 26 -6.64 -4.62 -8.30
N THR A 27 -7.87 -4.80 -8.69
CA THR A 27 -8.77 -5.70 -7.91
C THR A 27 -8.15 -7.10 -7.82
N GLN A 28 -7.45 -7.51 -8.84
CA GLN A 28 -6.81 -8.85 -8.83
C GLN A 28 -5.80 -8.94 -7.68
N LEU A 29 -5.00 -7.92 -7.50
CA LEU A 29 -3.99 -7.95 -6.41
C LEU A 29 -4.67 -8.30 -5.08
N ASN A 30 -5.88 -7.85 -4.87
CA ASN A 30 -6.59 -8.17 -3.61
C ASN A 30 -6.93 -9.66 -3.55
N ALA A 31 -7.06 -10.29 -4.68
CA ALA A 31 -7.40 -11.74 -4.70
C ALA A 31 -6.17 -12.56 -4.28
N PHE A 32 -4.99 -12.07 -4.52
CA PHE A 32 -3.77 -12.83 -4.14
C PHE A 32 -3.53 -12.73 -2.63
N PRO A 33 -2.91 -13.74 -2.09
CA PRO A 33 -2.62 -13.78 -0.64
C PRO A 33 -1.50 -12.80 -0.30
N GLY A 34 -0.39 -12.89 -0.99
CA GLY A 34 0.74 -11.97 -0.70
C GLY A 34 0.33 -10.54 -1.00
N CYS A 35 -0.01 -10.25 -2.24
CA CYS A 35 -0.44 -8.86 -2.59
C CYS A 35 -1.87 -8.62 -2.14
N GLU A 36 -2.17 -7.43 -1.67
CA GLU A 36 -3.56 -7.13 -1.22
C GLU A 36 -3.82 -5.63 -1.30
N VAL A 37 -4.88 -5.24 -1.95
CA VAL A 37 -5.19 -3.79 -2.07
C VAL A 37 -5.54 -3.20 -0.69
N ALA A 38 -4.80 -2.24 -0.24
CA ALA A 38 -5.09 -1.63 1.09
C ALA A 38 -6.04 -0.44 0.92
N VAL A 39 -5.75 0.44 0.01
CA VAL A 39 -6.63 1.62 -0.21
C VAL A 39 -7.15 1.62 -1.65
N SER A 40 -8.45 1.58 -1.81
CA SER A 40 -9.02 1.57 -3.19
C SER A 40 -9.65 2.92 -3.52
N ASP A 41 -8.97 3.74 -4.27
CA ASP A 41 -9.52 5.07 -4.62
C ASP A 41 -9.34 5.34 -6.11
N ALA A 42 -10.24 6.07 -6.71
CA ALA A 42 -10.13 6.35 -8.16
C ALA A 42 -9.91 7.84 -8.43
N PRO A 43 -8.94 8.40 -7.74
CA PRO A 43 -8.63 9.84 -7.92
C PRO A 43 -7.94 10.06 -9.27
N SER A 44 -7.02 9.19 -9.62
CA SER A 44 -6.32 9.35 -10.93
C SER A 44 -6.24 8.00 -11.64
N GLY A 45 -6.78 6.96 -11.05
CA GLY A 45 -6.72 5.62 -11.70
C GLY A 45 -5.62 4.78 -11.06
N GLN A 46 -5.26 5.06 -9.84
CA GLN A 46 -4.19 4.27 -9.17
C GLN A 46 -4.66 3.81 -7.79
N LEU A 47 -4.44 2.57 -7.45
CA LEU A 47 -4.86 2.06 -6.12
C LEU A 47 -3.64 1.65 -5.29
N ILE A 48 -3.77 1.62 -4.00
CA ILE A 48 -2.61 1.23 -3.14
C ILE A 48 -2.71 -0.26 -2.79
N VAL A 49 -1.68 -1.02 -3.06
CA VAL A 49 -1.72 -2.47 -2.75
C VAL A 49 -0.44 -2.88 -2.02
N VAL A 50 -0.56 -3.48 -0.87
CA VAL A 50 0.64 -3.91 -0.11
C VAL A 50 0.89 -5.40 -0.31
N VAL A 51 2.13 -5.81 -0.40
CA VAL A 51 2.43 -7.26 -0.60
C VAL A 51 3.51 -7.71 0.38
N GLU A 52 3.36 -8.88 0.95
CA GLU A 52 4.38 -9.38 1.92
C GLU A 52 5.01 -10.67 1.40
N ALA A 53 6.26 -10.88 1.69
CA ALA A 53 6.94 -12.12 1.21
C ALA A 53 8.15 -12.44 2.09
N GLU A 54 8.79 -13.55 1.86
CA GLU A 54 9.98 -13.91 2.68
C GLU A 54 10.93 -12.72 2.81
N ASP A 55 11.19 -12.04 1.72
CA ASP A 55 12.09 -10.86 1.77
C ASP A 55 11.79 -9.90 0.62
N SER A 56 12.58 -8.88 0.47
CA SER A 56 12.34 -7.92 -0.64
C SER A 56 12.43 -8.62 -1.99
N GLU A 57 13.29 -9.61 -2.10
CA GLU A 57 13.42 -10.34 -3.39
C GLU A 57 12.05 -10.84 -3.86
N THR A 58 11.32 -11.48 -3.00
CA THR A 58 9.98 -12.00 -3.40
C THR A 58 8.98 -10.84 -3.50
N LEU A 59 9.19 -9.80 -2.75
CA LEU A 59 8.26 -8.63 -2.79
C LEU A 59 8.39 -7.90 -4.12
N ILE A 60 9.60 -7.69 -4.58
CA ILE A 60 9.79 -6.98 -5.88
C ILE A 60 9.27 -7.85 -7.02
N GLN A 61 9.29 -9.14 -6.84
CA GLN A 61 8.78 -10.04 -7.90
C GLN A 61 7.36 -9.63 -8.31
N THR A 62 6.52 -9.35 -7.35
CA THR A 62 5.12 -8.95 -7.67
C THR A 62 5.12 -7.72 -8.60
N ILE A 63 5.97 -6.77 -8.34
CA ILE A 63 6.01 -5.55 -9.20
C ILE A 63 6.05 -5.95 -10.69
N GLU A 64 6.74 -7.00 -11.02
CA GLU A 64 6.80 -7.42 -12.45
C GLU A 64 5.38 -7.52 -13.02
N SER A 65 4.42 -7.90 -12.21
CA SER A 65 3.03 -8.01 -12.69
C SER A 65 2.45 -6.61 -12.99
N VAL A 66 2.49 -5.73 -12.02
CA VAL A 66 1.94 -4.36 -12.24
C VAL A 66 2.80 -3.59 -13.25
N ARG A 67 4.09 -3.67 -13.14
CA ARG A 67 4.97 -2.94 -14.10
C ARG A 67 4.81 -3.52 -15.52
N ASN A 68 4.71 -4.81 -15.65
CA ASN A 68 4.56 -5.41 -17.00
C ASN A 68 3.13 -5.22 -17.52
N VAL A 69 2.20 -4.98 -16.65
CA VAL A 69 0.79 -4.76 -17.11
C VAL A 69 0.69 -3.45 -17.88
N GLU A 70 0.15 -3.50 -19.08
CA GLU A 70 0.03 -2.24 -19.88
C GLU A 70 -0.89 -1.24 -19.19
N GLY A 71 -2.03 -1.68 -18.73
CA GLY A 71 -2.98 -0.75 -18.04
C GLY A 71 -2.20 0.12 -17.05
N VAL A 72 -1.16 -0.41 -16.48
CA VAL A 72 -0.37 0.38 -15.49
C VAL A 72 0.57 1.34 -16.21
N LEU A 73 0.37 2.62 -16.05
CA LEU A 73 1.25 3.61 -16.73
C LEU A 73 2.32 4.11 -15.75
N ALA A 74 2.09 3.95 -14.47
CA ALA A 74 3.08 4.42 -13.47
C ALA A 74 3.11 3.47 -12.26
N VAL A 75 4.03 3.65 -11.36
CA VAL A 75 4.10 2.77 -10.18
C VAL A 75 4.97 3.40 -9.09
N SER A 76 4.39 3.76 -7.97
CA SER A 76 5.19 4.38 -6.88
C SER A 76 5.06 3.56 -5.59
N LEU A 77 6.03 2.74 -5.30
CA LEU A 77 5.96 1.91 -4.06
C LEU A 77 6.98 2.41 -3.04
N VAL A 78 6.54 3.19 -2.08
CA VAL A 78 7.49 3.71 -1.05
C VAL A 78 6.84 3.66 0.33
N TYR A 79 7.06 2.60 1.06
CA TYR A 79 6.45 2.49 2.41
C TYR A 79 6.88 1.18 3.08
N HIS A 80 7.67 1.26 4.12
CA HIS A 80 8.12 0.02 4.80
C HIS A 80 7.25 -0.24 6.03
N GLN A 81 6.83 -1.46 6.22
CA GLN A 81 5.97 -1.78 7.41
C GLN A 81 6.53 -3.00 8.15
N GLN A 82 7.20 -2.80 9.24
CA GLN A 82 7.76 -3.94 10.01
C GLN A 82 8.02 -3.54 11.46
N GLU A 83 7.71 -4.40 12.39
CA GLU A 83 7.94 -4.08 13.82
C GLU A 83 9.43 -4.14 14.15
N GLU A 84 9.95 -3.16 14.81
CA GLU A 84 11.40 -3.16 15.16
C GLU A 84 11.71 -2.06 16.17
N GLN A 85 10.75 -1.67 16.96
CA GLN A 85 10.99 -0.58 17.95
C GLN A 85 11.43 0.70 17.26
N GLY A 86 10.63 1.21 16.36
CA GLY A 86 11.01 2.45 15.63
C GLY A 86 11.51 3.49 16.64
N GLU A 87 12.29 4.43 16.19
CA GLU A 87 12.81 5.48 17.12
C GLU A 87 12.44 6.87 16.62
N GLU A 88 11.78 6.96 15.49
CA GLU A 88 11.39 8.29 14.95
C GLU A 88 10.58 9.06 15.99
N THR A 89 10.92 10.30 16.21
CA THR A 89 10.16 11.11 17.22
C THR A 89 8.99 11.82 16.55
N PRO A 90 7.91 11.92 17.28
CA PRO A 90 6.70 12.58 16.75
C PRO A 90 6.89 14.10 16.70
N MET B 1 -16.32 2.29 10.88
CA MET B 1 -16.03 0.93 11.43
C MET B 1 -15.21 1.04 12.72
N LYS B 2 -14.80 -0.06 13.28
CA LYS B 2 -14.00 -0.01 14.54
C LYS B 2 -12.91 -1.09 14.50
N LEU B 3 -11.78 -0.79 13.92
CA LEU B 3 -10.68 -1.79 13.86
C LEU B 3 -9.47 -1.29 14.64
N SER B 4 -8.37 -2.01 14.58
CA SER B 4 -7.15 -1.57 15.32
C SER B 4 -5.90 -1.97 14.54
N ARG B 5 -5.87 -1.71 13.27
CA ARG B 5 -4.67 -2.07 12.46
C ARG B 5 -4.72 -1.37 11.09
N ARG B 6 -5.70 -1.69 10.28
CA ARG B 6 -5.80 -1.05 8.95
C ARG B 6 -5.97 0.47 9.11
N SER B 7 -6.32 0.91 10.28
CA SER B 7 -6.49 2.38 10.50
C SER B 7 -5.12 3.03 10.73
N PHE B 8 -4.26 2.36 11.45
CA PHE B 8 -2.90 2.92 11.71
C PHE B 8 -2.03 2.77 10.47
N MET B 9 -2.08 1.63 9.83
CA MET B 9 -1.25 1.41 8.61
C MET B 9 -1.74 2.33 7.48
N LYS B 10 -3.00 2.27 7.15
CA LYS B 10 -3.52 3.14 6.06
C LYS B 10 -3.20 4.61 6.36
N ALA B 11 -3.19 4.98 7.62
CA ALA B 11 -2.88 6.39 7.98
C ALA B 11 -1.47 6.76 7.51
N ASN B 12 -0.51 5.91 7.77
CA ASN B 12 0.89 6.21 7.35
C ASN B 12 1.08 5.83 5.88
N ALA B 13 0.53 4.71 5.47
CA ALA B 13 0.69 4.28 4.05
C ALA B 13 0.20 5.39 3.11
N VAL B 14 -0.97 5.89 3.32
CA VAL B 14 -1.51 6.97 2.44
C VAL B 14 -0.57 8.18 2.47
N ALA B 15 0.04 8.44 3.60
CA ALA B 15 0.96 9.60 3.69
C ALA B 15 2.17 9.40 2.78
N ALA B 16 2.57 8.16 2.59
CA ALA B 16 3.75 7.89 1.71
C ALA B 16 3.28 7.59 0.29
N ALA B 17 2.01 7.34 0.11
CA ALA B 17 1.49 7.03 -1.25
C ALA B 17 0.82 8.27 -1.84
N ALA B 18 0.38 9.18 -1.01
CA ALA B 18 -0.28 10.41 -1.52
C ALA B 18 0.76 11.50 -1.78
N ALA B 19 1.61 11.75 -0.83
CA ALA B 19 2.65 12.80 -1.02
C ALA B 19 3.73 12.30 -1.99
N ALA B 20 3.72 11.04 -2.30
CA ALA B 20 4.75 10.49 -3.24
C ALA B 20 4.11 10.18 -4.60
N ALA B 21 3.08 9.38 -4.61
CA ALA B 21 2.42 9.04 -5.90
C ALA B 21 1.30 10.04 -6.21
N GLY B 22 1.29 11.15 -5.52
CA GLY B 22 0.23 12.17 -5.77
C GLY B 22 -1.15 11.53 -5.58
N LEU B 23 -1.24 10.54 -4.73
CA LEU B 23 -2.55 9.88 -4.50
C LEU B 23 -3.50 10.82 -3.78
N SER B 24 -4.54 10.30 -3.20
CA SER B 24 -5.52 11.17 -2.47
C SER B 24 -5.01 11.45 -1.06
N VAL B 25 -5.55 12.46 -0.41
CA VAL B 25 -5.10 12.79 0.97
C VAL B 25 -6.18 12.41 1.98
N PRO B 26 -6.20 11.15 2.34
CA PRO B 26 -7.20 10.64 3.31
C PRO B 26 -6.87 11.15 4.72
N GLY B 27 -6.09 10.42 5.47
CA GLY B 27 -5.75 10.86 6.85
C GLY B 27 -4.33 11.44 6.86
N VAL B 28 -3.93 12.08 5.80
CA VAL B 28 -2.56 12.66 5.77
C VAL B 28 -2.34 13.59 6.95
N ALA B 29 -3.41 14.02 7.58
CA ALA B 29 -3.26 14.94 8.75
C ALA B 29 -4.50 14.85 9.65
N ARG B 30 -5.64 15.23 9.13
CA ARG B 30 -6.88 15.17 9.95
C ARG B 30 -8.10 15.52 9.09
N ALA B 31 -9.17 14.81 9.25
CA ALA B 31 -10.39 15.10 8.44
C ALA B 31 -10.84 16.55 8.67
N VAL B 32 -10.38 17.18 9.72
CA VAL B 32 -10.77 18.59 9.99
C VAL B 32 -10.71 19.40 8.70
N VAL B 33 -9.89 19.02 7.77
CA VAL B 33 -9.80 19.77 6.50
C VAL B 33 -10.97 19.43 5.58
N GLY B 34 -12.17 19.69 6.03
CA GLY B 34 -13.36 19.37 5.18
C GLY B 34 -14.15 18.23 5.82
N GLN B 35 -15.37 18.49 6.22
CA GLN B 35 -16.19 17.43 6.86
C GLN B 35 -16.26 16.20 5.94
N GLY A 1 1.98 -13.96 28.74
CA GLY A 1 0.73 -13.62 28.02
C GLY A 1 1.07 -12.86 26.73
N SER A 2 1.48 -13.55 25.71
CA SER A 2 1.83 -12.87 24.43
C SER A 2 0.57 -12.27 23.80
N HIS A 3 0.73 -11.28 22.96
CA HIS A 3 -0.45 -10.65 22.31
C HIS A 3 -0.65 -11.22 20.91
N MET A 4 -0.06 -10.63 19.92
CA MET A 4 -0.22 -11.14 18.53
C MET A 4 0.47 -10.21 17.53
N HIS A 5 1.77 -10.17 17.53
CA HIS A 5 2.50 -9.28 16.58
C HIS A 5 3.72 -10.00 16.00
N THR A 6 3.74 -10.20 14.72
CA THR A 6 4.90 -10.89 14.09
C THR A 6 4.87 -10.72 12.57
N ASN A 7 5.87 -10.10 12.01
CA ASN A 7 5.89 -9.90 10.53
C ASN A 7 7.32 -10.04 10.00
N TRP A 8 7.47 -10.14 8.70
CA TRP A 8 8.83 -10.28 8.12
C TRP A 8 9.18 -9.02 7.30
N GLN A 9 8.54 -8.84 6.19
CA GLN A 9 8.82 -7.65 5.35
C GLN A 9 7.64 -7.36 4.41
N VAL A 10 7.14 -6.16 4.43
CA VAL A 10 5.98 -5.82 3.55
C VAL A 10 5.92 -4.31 3.32
N CYS A 11 5.56 -3.88 2.14
CA CYS A 11 5.48 -2.43 1.86
C CYS A 11 4.20 -2.12 1.05
N SER A 12 3.89 -0.87 0.88
CA SER A 12 2.66 -0.51 0.11
C SER A 12 3.04 -0.02 -1.29
N LEU A 13 2.63 -0.72 -2.31
CA LEU A 13 2.97 -0.28 -3.70
C LEU A 13 1.78 0.43 -4.34
N VAL A 14 2.03 1.53 -5.01
CA VAL A 14 0.92 2.27 -5.66
C VAL A 14 0.85 1.92 -7.15
N VAL A 15 -0.05 1.05 -7.52
CA VAL A 15 -0.17 0.66 -8.95
C VAL A 15 -0.91 1.75 -9.74
N GLN A 16 -0.26 2.32 -10.72
CA GLN A 16 -0.91 3.40 -11.53
C GLN A 16 -1.36 2.83 -12.88
N ALA A 17 -2.64 2.70 -13.08
CA ALA A 17 -3.14 2.16 -14.38
C ALA A 17 -4.40 2.91 -14.80
N LYS A 18 -4.84 2.72 -16.01
CA LYS A 18 -6.06 3.43 -16.48
C LYS A 18 -7.13 3.40 -15.39
N SER A 19 -7.95 4.40 -15.31
CA SER A 19 -8.99 4.43 -14.25
C SER A 19 -9.76 3.10 -14.19
N GLU A 20 -10.19 2.59 -15.32
CA GLU A 20 -10.94 1.30 -15.28
C GLU A 20 -9.98 0.13 -15.45
N ARG A 21 -8.73 0.38 -15.70
CA ARG A 21 -7.74 -0.74 -15.83
C ARG A 21 -7.44 -1.26 -14.43
N ILE A 22 -7.12 -0.36 -13.54
CA ILE A 22 -6.80 -0.77 -12.15
C ILE A 22 -7.95 -1.56 -11.54
N SER A 23 -9.17 -1.17 -11.77
CA SER A 23 -10.29 -1.93 -11.19
C SER A 23 -10.12 -3.40 -11.58
N ASP A 24 -9.72 -3.65 -12.80
CA ASP A 24 -9.52 -5.05 -13.26
C ASP A 24 -8.26 -5.65 -12.61
N ILE A 25 -7.12 -5.05 -12.82
CA ILE A 25 -5.85 -5.62 -12.24
C ILE A 25 -5.70 -5.25 -10.77
N SER A 26 -5.88 -4.01 -10.41
CA SER A 26 -5.73 -3.62 -8.99
C SER A 26 -6.60 -4.53 -8.10
N THR A 27 -7.87 -4.63 -8.42
CA THR A 27 -8.76 -5.50 -7.60
C THR A 27 -8.18 -6.91 -7.51
N GLN A 28 -7.53 -7.35 -8.55
CA GLN A 28 -6.91 -8.72 -8.52
C GLN A 28 -5.87 -8.80 -7.41
N LEU A 29 -5.04 -7.80 -7.29
CA LEU A 29 -3.99 -7.82 -6.24
C LEU A 29 -4.63 -8.13 -4.87
N ASN A 30 -5.87 -7.79 -4.70
CA ASN A 30 -6.54 -8.08 -3.39
C ASN A 30 -6.93 -9.55 -3.32
N ALA A 31 -7.04 -10.21 -4.44
CA ALA A 31 -7.43 -11.65 -4.43
C ALA A 31 -6.26 -12.51 -3.95
N PHE A 32 -5.05 -12.05 -4.16
CA PHE A 32 -3.86 -12.84 -3.70
C PHE A 32 -3.65 -12.66 -2.20
N PRO A 33 -3.08 -13.66 -1.59
CA PRO A 33 -2.80 -13.62 -0.14
C PRO A 33 -1.65 -12.66 0.16
N GLY A 34 -0.53 -12.83 -0.50
CA GLY A 34 0.63 -11.94 -0.26
C GLY A 34 0.24 -10.49 -0.59
N CYS A 35 -0.14 -10.23 -1.82
CA CYS A 35 -0.53 -8.85 -2.20
C CYS A 35 -1.95 -8.55 -1.70
N GLU A 36 -2.18 -7.34 -1.26
CA GLU A 36 -3.54 -6.98 -0.76
C GLU A 36 -3.78 -5.48 -0.93
N VAL A 37 -4.84 -5.11 -1.60
CA VAL A 37 -5.13 -3.65 -1.80
C VAL A 37 -5.42 -2.99 -0.46
N ALA A 38 -4.64 -2.01 -0.09
CA ALA A 38 -4.86 -1.31 1.20
C ALA A 38 -5.80 -0.12 1.01
N VAL A 39 -5.50 0.74 0.06
CA VAL A 39 -6.38 1.91 -0.18
C VAL A 39 -6.92 1.89 -1.62
N SER A 40 -8.20 1.84 -1.78
CA SER A 40 -8.78 1.80 -3.15
C SER A 40 -9.41 3.15 -3.50
N ASP A 41 -8.71 3.96 -4.26
CA ASP A 41 -9.26 5.30 -4.63
C ASP A 41 -9.07 5.54 -6.13
N ALA A 42 -9.96 6.26 -6.73
CA ALA A 42 -9.84 6.52 -8.19
C ALA A 42 -9.55 8.01 -8.47
N PRO A 43 -8.52 8.51 -7.84
CA PRO A 43 -8.14 9.93 -8.03
C PRO A 43 -7.56 10.13 -9.44
N SER A 44 -6.78 9.18 -9.89
CA SER A 44 -6.18 9.29 -11.25
C SER A 44 -6.01 7.90 -11.86
N GLY A 45 -6.65 6.91 -11.30
CA GLY A 45 -6.54 5.53 -11.85
C GLY A 45 -5.39 4.79 -11.16
N GLN A 46 -5.11 5.14 -9.93
CA GLN A 46 -4.00 4.45 -9.20
C GLN A 46 -4.47 3.98 -7.82
N LEU A 47 -4.20 2.75 -7.48
CA LEU A 47 -4.63 2.24 -6.15
C LEU A 47 -3.40 1.82 -5.32
N ILE A 48 -3.55 1.74 -4.03
CA ILE A 48 -2.40 1.34 -3.17
C ILE A 48 -2.52 -0.14 -2.78
N VAL A 49 -1.51 -0.92 -3.07
CA VAL A 49 -1.57 -2.37 -2.72
C VAL A 49 -0.28 -2.78 -1.99
N VAL A 50 -0.40 -3.36 -0.83
CA VAL A 50 0.82 -3.78 -0.07
C VAL A 50 1.08 -5.28 -0.29
N VAL A 51 2.32 -5.67 -0.31
CA VAL A 51 2.65 -7.10 -0.53
C VAL A 51 3.82 -7.52 0.38
N GLU A 52 3.82 -8.74 0.84
CA GLU A 52 4.93 -9.21 1.72
C GLU A 52 5.60 -10.44 1.12
N ALA A 53 6.89 -10.58 1.29
CA ALA A 53 7.60 -11.76 0.73
C ALA A 53 8.85 -12.07 1.55
N GLU A 54 9.53 -13.13 1.24
CA GLU A 54 10.76 -13.49 2.01
C GLU A 54 11.64 -12.25 2.21
N ASP A 55 11.87 -11.50 1.16
CA ASP A 55 12.72 -10.28 1.31
C ASP A 55 12.38 -9.27 0.21
N SER A 56 13.18 -8.25 0.05
CA SER A 56 12.90 -7.24 -1.01
C SER A 56 12.96 -7.88 -2.39
N GLU A 57 13.84 -8.83 -2.58
CA GLU A 57 13.95 -9.49 -3.91
C GLU A 57 12.59 -10.12 -4.29
N THR A 58 11.96 -10.79 -3.38
CA THR A 58 10.65 -11.42 -3.68
C THR A 58 9.55 -10.35 -3.77
N LEU A 59 9.66 -9.32 -2.97
CA LEU A 59 8.63 -8.25 -3.01
C LEU A 59 8.62 -7.57 -4.38
N ILE A 60 9.77 -7.29 -4.93
CA ILE A 60 9.83 -6.64 -6.26
C ILE A 60 9.30 -7.61 -7.32
N GLN A 61 9.44 -8.88 -7.08
CA GLN A 61 8.94 -9.87 -8.07
C GLN A 61 7.48 -9.58 -8.41
N THR A 62 6.67 -9.31 -7.41
CA THR A 62 5.23 -9.01 -7.68
C THR A 62 5.10 -7.83 -8.65
N ILE A 63 5.92 -6.82 -8.47
CA ILE A 63 5.84 -5.63 -9.37
C ILE A 63 5.83 -6.09 -10.85
N GLU A 64 6.56 -7.12 -11.17
CA GLU A 64 6.58 -7.58 -12.58
C GLU A 64 5.15 -7.75 -13.09
N SER A 65 4.24 -8.13 -12.24
CA SER A 65 2.82 -8.31 -12.68
C SER A 65 2.21 -6.94 -13.00
N VAL A 66 2.23 -6.04 -12.06
CA VAL A 66 1.63 -4.69 -12.29
C VAL A 66 2.43 -3.91 -13.36
N ARG A 67 3.72 -3.95 -13.29
CA ARG A 67 4.54 -3.20 -14.28
C ARG A 67 4.35 -3.78 -15.69
N ASN A 68 4.27 -5.08 -15.80
CA ASN A 68 4.09 -5.69 -17.16
C ASN A 68 2.64 -5.51 -17.63
N VAL A 69 1.72 -5.28 -16.73
CA VAL A 69 0.30 -5.10 -17.15
C VAL A 69 0.16 -3.80 -17.96
N GLU A 70 -0.29 -3.89 -19.18
CA GLU A 70 -0.44 -2.67 -20.01
C GLU A 70 -1.28 -1.62 -19.28
N GLY A 71 -2.39 -2.03 -18.70
CA GLY A 71 -3.24 -1.06 -17.98
C GLY A 71 -2.39 -0.24 -17.01
N VAL A 72 -1.36 -0.84 -16.47
CA VAL A 72 -0.48 -0.10 -15.51
C VAL A 72 0.51 0.80 -16.28
N LEU A 73 0.41 2.09 -16.09
CA LEU A 73 1.33 3.01 -16.80
C LEU A 73 2.46 3.46 -15.86
N ALA A 74 2.24 3.38 -14.57
CA ALA A 74 3.30 3.80 -13.60
C ALA A 74 3.18 2.99 -12.32
N VAL A 75 4.11 3.15 -11.41
CA VAL A 75 4.06 2.38 -10.13
C VAL A 75 4.90 3.08 -9.06
N SER A 76 4.29 3.49 -7.99
CA SER A 76 5.05 4.19 -6.91
C SER A 76 4.94 3.39 -5.60
N LEU A 77 5.95 2.64 -5.26
CA LEU A 77 5.91 1.85 -4.01
C LEU A 77 6.94 2.38 -3.00
N VAL A 78 6.50 3.08 -1.99
CA VAL A 78 7.45 3.62 -0.98
C VAL A 78 6.80 3.63 0.40
N TYR A 79 6.99 2.60 1.17
CA TYR A 79 6.38 2.55 2.53
C TYR A 79 6.76 1.24 3.24
N HIS A 80 7.46 1.34 4.34
CA HIS A 80 7.86 0.10 5.08
C HIS A 80 6.82 -0.25 6.14
N GLN A 81 6.47 -1.50 6.26
CA GLN A 81 5.45 -1.89 7.28
C GLN A 81 5.93 -3.13 8.05
N GLN A 82 6.23 -2.98 9.31
CA GLN A 82 6.70 -4.13 10.11
C GLN A 82 6.42 -3.90 11.60
N GLU A 83 5.98 -4.91 12.29
CA GLU A 83 5.69 -4.75 13.75
C GLU A 83 6.99 -4.67 14.55
N GLU A 84 7.23 -3.58 15.22
CA GLU A 84 8.49 -3.45 16.01
C GLU A 84 8.18 -2.86 17.39
N GLN A 85 7.24 -1.95 17.46
CA GLN A 85 6.90 -1.33 18.78
C GLN A 85 8.10 -0.58 19.33
N GLY A 86 8.12 0.73 19.16
CA GLY A 86 9.27 1.52 19.69
C GLY A 86 8.74 2.76 20.43
N GLU A 87 9.46 3.84 20.38
CA GLU A 87 8.99 5.07 21.10
C GLU A 87 8.43 6.07 20.09
N GLU A 88 7.53 5.64 19.24
CA GLU A 88 6.95 6.57 18.24
C GLU A 88 5.44 6.33 18.10
N THR A 89 4.71 7.31 17.62
CA THR A 89 3.24 7.12 17.47
C THR A 89 2.77 7.76 16.15
N PRO A 90 1.56 7.45 15.78
CA PRO A 90 0.97 7.99 14.54
C PRO A 90 0.62 9.47 14.73
N MET B 1 -11.45 -7.61 15.38
CA MET B 1 -12.37 -6.51 15.77
C MET B 1 -13.18 -6.03 14.55
N LYS B 2 -13.54 -6.92 13.68
CA LYS B 2 -14.32 -6.51 12.47
C LYS B 2 -13.46 -5.62 11.57
N LEU B 3 -13.15 -4.43 12.02
CA LEU B 3 -12.33 -3.52 11.18
C LEU B 3 -11.41 -2.67 12.07
N SER B 4 -10.15 -3.03 12.16
CA SER B 4 -9.21 -2.24 13.01
C SER B 4 -7.78 -2.42 12.51
N ARG B 5 -7.58 -2.42 11.22
CA ARG B 5 -6.20 -2.59 10.68
C ARG B 5 -6.00 -1.68 9.47
N ARG B 6 -6.78 -1.86 8.45
CA ARG B 6 -6.63 -1.00 7.23
C ARG B 6 -6.83 0.47 7.60
N SER B 7 -7.46 0.74 8.71
CA SER B 7 -7.67 2.15 9.12
C SER B 7 -6.40 2.71 9.76
N PHE B 8 -5.70 1.90 10.50
CA PHE B 8 -4.45 2.37 11.15
C PHE B 8 -3.30 2.35 10.14
N MET B 9 -3.21 1.31 9.36
CA MET B 9 -2.10 1.23 8.35
C MET B 9 -2.30 2.29 7.28
N LYS B 10 -3.48 2.39 6.73
CA LYS B 10 -3.73 3.41 5.67
C LYS B 10 -3.29 4.80 6.16
N ALA B 11 -3.38 5.04 7.44
CA ALA B 11 -2.97 6.38 7.97
C ALA B 11 -1.48 6.62 7.67
N ASN B 12 -0.65 5.65 7.93
CA ASN B 12 0.80 5.83 7.65
C ASN B 12 1.10 5.54 6.18
N ALA B 13 0.43 4.57 5.61
CA ALA B 13 0.67 4.25 4.17
C ALA B 13 0.36 5.45 3.30
N VAL B 14 -0.76 6.08 3.51
CA VAL B 14 -1.12 7.27 2.68
C VAL B 14 -0.05 8.36 2.83
N ALA B 15 0.59 8.41 3.97
CA ALA B 15 1.65 9.45 4.17
C ALA B 15 2.80 9.21 3.20
N ALA B 16 3.07 7.97 2.87
CA ALA B 16 4.19 7.66 1.93
C ALA B 16 3.63 7.42 0.53
N ALA B 17 2.34 7.23 0.42
CA ALA B 17 1.74 6.99 -0.92
C ALA B 17 1.06 8.26 -1.43
N ALA B 18 0.72 9.15 -0.55
CA ALA B 18 0.06 10.41 -0.98
C ALA B 18 1.11 11.46 -1.36
N ALA B 19 2.05 11.70 -0.50
CA ALA B 19 3.10 12.71 -0.81
C ALA B 19 4.03 12.19 -1.91
N ALA B 20 3.91 10.93 -2.25
CA ALA B 20 4.78 10.36 -3.32
C ALA B 20 3.95 10.03 -4.56
N ALA B 21 2.88 9.29 -4.40
CA ALA B 21 2.03 8.94 -5.56
C ALA B 21 0.93 10.00 -5.76
N GLY B 22 1.06 11.12 -5.11
CA GLY B 22 0.03 12.18 -5.25
C GLY B 22 -1.34 11.63 -4.86
N LEU B 23 -1.37 10.62 -4.03
CA LEU B 23 -2.67 10.03 -3.62
C LEU B 23 -3.46 11.04 -2.77
N SER B 24 -4.45 10.57 -2.06
CA SER B 24 -5.26 11.49 -1.22
C SER B 24 -4.48 11.90 0.04
N VAL B 25 -4.89 12.95 0.68
CA VAL B 25 -4.18 13.40 1.91
C VAL B 25 -5.06 13.22 3.14
N PRO B 26 -5.23 11.99 3.54
CA PRO B 26 -6.08 11.67 4.71
C PRO B 26 -5.36 12.08 6.00
N GLY B 27 -4.60 11.19 6.59
CA GLY B 27 -3.88 11.53 7.85
C GLY B 27 -2.73 12.47 7.54
N VAL B 28 -2.44 12.68 6.29
CA VAL B 28 -1.32 13.59 5.91
C VAL B 28 -1.68 15.04 6.21
N ALA B 29 -2.95 15.32 6.39
CA ALA B 29 -3.38 16.71 6.68
C ALA B 29 -4.80 16.73 7.25
N ARG B 30 -5.74 16.21 6.52
CA ARG B 30 -7.15 16.19 7.02
C ARG B 30 -7.65 17.62 7.23
N ALA B 31 -7.95 18.31 6.16
CA ALA B 31 -8.45 19.71 6.31
C ALA B 31 -9.84 19.72 6.97
N VAL B 32 -10.43 18.56 7.11
CA VAL B 32 -11.78 18.50 7.74
C VAL B 32 -12.79 19.29 6.90
N VAL B 33 -12.42 19.64 5.71
CA VAL B 33 -13.34 20.42 4.82
C VAL B 33 -14.12 21.45 5.64
N GLY B 34 -13.50 22.02 6.63
CA GLY B 34 -14.21 23.03 7.47
C GLY B 34 -13.30 23.48 8.61
N GLN B 35 -12.60 24.57 8.43
CA GLN B 35 -11.69 25.06 9.51
C GLN B 35 -12.39 24.97 10.86
N GLY A 1 2.19 0.88 16.81
CA GLY A 1 0.86 1.49 16.49
C GLY A 1 0.02 1.55 17.77
N SER A 2 -0.20 0.43 18.40
CA SER A 2 -1.02 0.43 19.65
C SER A 2 -0.62 -0.74 20.54
N HIS A 3 -1.21 -1.89 20.33
CA HIS A 3 -0.86 -3.08 21.16
C HIS A 3 -1.05 -4.37 20.37
N MET A 4 -0.51 -4.42 19.17
CA MET A 4 -0.66 -5.65 18.34
C MET A 4 0.02 -5.46 16.98
N HIS A 5 1.32 -5.43 16.96
CA HIS A 5 2.04 -5.26 15.67
C HIS A 5 3.13 -6.32 15.51
N THR A 6 3.05 -7.11 14.46
CA THR A 6 4.07 -8.17 14.25
C THR A 6 4.08 -8.60 12.79
N ASN A 7 5.15 -8.33 12.08
CA ASN A 7 5.22 -8.73 10.64
C ASN A 7 6.66 -9.00 10.24
N TRP A 8 6.87 -9.51 9.06
CA TRP A 8 8.26 -9.81 8.60
C TRP A 8 8.73 -8.73 7.62
N GLN A 9 8.16 -8.69 6.45
CA GLN A 9 8.58 -7.66 5.45
C GLN A 9 7.43 -7.37 4.49
N VAL A 10 7.01 -6.13 4.41
CA VAL A 10 5.88 -5.78 3.50
C VAL A 10 5.87 -4.27 3.25
N CYS A 11 5.56 -3.86 2.04
CA CYS A 11 5.54 -2.41 1.73
C CYS A 11 4.25 -2.05 0.98
N SER A 12 3.99 -0.79 0.79
CA SER A 12 2.76 -0.38 0.06
C SER A 12 3.11 0.09 -1.36
N LEU A 13 2.65 -0.62 -2.35
CA LEU A 13 2.97 -0.22 -3.75
C LEU A 13 1.78 0.50 -4.38
N VAL A 14 2.02 1.58 -5.07
CA VAL A 14 0.90 2.33 -5.70
C VAL A 14 0.79 1.96 -7.19
N VAL A 15 -0.12 1.11 -7.52
CA VAL A 15 -0.27 0.71 -8.95
C VAL A 15 -1.00 1.79 -9.74
N GLN A 16 -0.36 2.36 -10.73
CA GLN A 16 -1.02 3.42 -11.53
C GLN A 16 -1.46 2.87 -12.90
N ALA A 17 -2.73 2.74 -13.11
CA ALA A 17 -3.21 2.20 -14.41
C ALA A 17 -4.48 2.94 -14.84
N LYS A 18 -4.91 2.76 -16.06
CA LYS A 18 -6.13 3.46 -16.53
C LYS A 18 -7.21 3.40 -15.44
N SER A 19 -8.04 4.40 -15.36
CA SER A 19 -9.10 4.40 -14.32
C SER A 19 -9.84 3.07 -14.26
N GLU A 20 -10.24 2.54 -15.39
CA GLU A 20 -10.97 1.24 -15.37
C GLU A 20 -9.99 0.08 -15.53
N ARG A 21 -8.74 0.38 -15.77
CA ARG A 21 -7.74 -0.72 -15.89
C ARG A 21 -7.44 -1.25 -14.50
N ILE A 22 -7.14 -0.35 -13.60
CA ILE A 22 -6.83 -0.77 -12.20
C ILE A 22 -7.96 -1.59 -11.61
N SER A 23 -9.19 -1.21 -11.86
CA SER A 23 -10.30 -2.02 -11.28
C SER A 23 -10.08 -3.47 -11.68
N ASP A 24 -9.67 -3.71 -12.89
CA ASP A 24 -9.41 -5.11 -13.35
C ASP A 24 -8.14 -5.67 -12.70
N ILE A 25 -7.02 -5.04 -12.90
CA ILE A 25 -5.74 -5.55 -12.31
C ILE A 25 -5.61 -5.19 -10.83
N SER A 26 -5.82 -3.95 -10.48
CA SER A 26 -5.70 -3.56 -9.05
C SER A 26 -6.55 -4.49 -8.18
N THR A 27 -7.81 -4.63 -8.50
CA THR A 27 -8.69 -5.52 -7.68
C THR A 27 -8.06 -6.90 -7.57
N GLN A 28 -7.38 -7.33 -8.60
CA GLN A 28 -6.72 -8.67 -8.57
C GLN A 28 -5.69 -8.72 -7.43
N LEU A 29 -4.91 -7.69 -7.30
CA LEU A 29 -3.87 -7.68 -6.22
C LEU A 29 -4.51 -8.02 -4.88
N ASN A 30 -5.74 -7.63 -4.68
CA ASN A 30 -6.42 -7.94 -3.39
C ASN A 30 -6.72 -9.44 -3.30
N ALA A 31 -6.87 -10.10 -4.42
CA ALA A 31 -7.16 -11.55 -4.40
C ALA A 31 -5.91 -12.35 -4.00
N PHE A 32 -4.74 -11.81 -4.29
CA PHE A 32 -3.49 -12.53 -3.94
C PHE A 32 -3.35 -12.62 -2.41
N PRO A 33 -2.67 -13.65 -1.98
CA PRO A 33 -2.45 -13.87 -0.53
C PRO A 33 -1.44 -12.85 0.02
N GLY A 34 -0.34 -12.67 -0.68
CA GLY A 34 0.69 -11.71 -0.20
C GLY A 34 0.26 -10.28 -0.57
N CYS A 35 -0.03 -10.05 -1.83
CA CYS A 35 -0.45 -8.69 -2.26
C CYS A 35 -1.87 -8.40 -1.77
N GLU A 36 -2.15 -7.16 -1.44
CA GLU A 36 -3.52 -6.80 -0.95
C GLU A 36 -3.76 -5.31 -1.11
N VAL A 37 -4.88 -4.94 -1.68
CA VAL A 37 -5.18 -3.49 -1.87
C VAL A 37 -5.49 -2.84 -0.52
N ALA A 38 -4.73 -1.85 -0.13
CA ALA A 38 -4.97 -1.17 1.17
C ALA A 38 -5.89 0.04 0.97
N VAL A 39 -5.59 0.86 0.00
CA VAL A 39 -6.44 2.06 -0.24
C VAL A 39 -7.02 2.02 -1.66
N SER A 40 -8.32 2.02 -1.78
CA SER A 40 -8.95 1.96 -3.12
C SER A 40 -9.54 3.33 -3.48
N ASP A 41 -8.88 4.05 -4.36
CA ASP A 41 -9.39 5.39 -4.76
C ASP A 41 -9.34 5.51 -6.28
N ALA A 42 -10.26 6.24 -6.85
CA ALA A 42 -10.26 6.38 -8.34
C ALA A 42 -10.26 7.85 -8.77
N PRO A 43 -9.42 8.62 -8.14
CA PRO A 43 -9.30 10.06 -8.47
C PRO A 43 -8.55 10.21 -9.80
N SER A 44 -7.52 9.42 -10.00
CA SER A 44 -6.74 9.51 -11.26
C SER A 44 -6.68 8.13 -11.93
N GLY A 45 -6.81 7.08 -11.17
CA GLY A 45 -6.76 5.72 -11.76
C GLY A 45 -5.63 4.91 -11.12
N GLN A 46 -5.29 5.22 -9.89
CA GLN A 46 -4.19 4.46 -9.21
C GLN A 46 -4.65 4.00 -7.83
N LEU A 47 -4.35 2.76 -7.48
CA LEU A 47 -4.76 2.25 -6.14
C LEU A 47 -3.51 1.86 -5.34
N ILE A 48 -3.64 1.77 -4.04
CA ILE A 48 -2.45 1.38 -3.21
C ILE A 48 -2.59 -0.08 -2.74
N VAL A 49 -1.62 -0.90 -3.03
CA VAL A 49 -1.69 -2.32 -2.61
C VAL A 49 -0.38 -2.74 -1.92
N VAL A 50 -0.47 -3.32 -0.76
CA VAL A 50 0.76 -3.74 -0.05
C VAL A 50 0.99 -5.25 -0.22
N VAL A 51 2.22 -5.68 -0.22
CA VAL A 51 2.50 -7.14 -0.39
C VAL A 51 3.61 -7.57 0.57
N GLU A 52 3.50 -8.76 1.12
CA GLU A 52 4.54 -9.24 2.06
C GLU A 52 5.15 -10.55 1.55
N ALA A 53 6.41 -10.76 1.79
CA ALA A 53 7.06 -12.02 1.32
C ALA A 53 8.30 -12.32 2.15
N GLU A 54 8.94 -13.43 1.90
CA GLU A 54 10.16 -13.78 2.68
C GLU A 54 11.09 -12.56 2.78
N ASP A 55 11.35 -11.90 1.68
CA ASP A 55 12.24 -10.71 1.72
C ASP A 55 11.92 -9.78 0.54
N SER A 56 12.71 -8.76 0.35
CA SER A 56 12.46 -7.82 -0.78
C SER A 56 12.53 -8.56 -2.11
N GLU A 57 13.44 -9.49 -2.24
CA GLU A 57 13.56 -10.24 -3.52
C GLU A 57 12.18 -10.76 -3.95
N THR A 58 11.43 -11.32 -3.05
CA THR A 58 10.09 -11.84 -3.40
C THR A 58 9.09 -10.68 -3.53
N LEU A 59 9.25 -9.67 -2.73
CA LEU A 59 8.31 -8.51 -2.80
C LEU A 59 8.41 -7.84 -4.17
N ILE A 60 9.61 -7.62 -4.65
CA ILE A 60 9.77 -6.97 -5.98
C ILE A 60 9.23 -7.88 -7.07
N GLN A 61 9.26 -9.17 -6.85
CA GLN A 61 8.74 -10.12 -7.87
C GLN A 61 7.31 -9.71 -8.27
N THR A 62 6.49 -9.41 -7.31
CA THR A 62 5.08 -9.02 -7.61
C THR A 62 5.06 -7.83 -8.59
N ILE A 63 5.93 -6.87 -8.40
CA ILE A 63 5.94 -5.69 -9.30
C ILE A 63 5.95 -6.15 -10.77
N GLU A 64 6.62 -7.22 -11.07
CA GLU A 64 6.65 -7.70 -12.49
C GLU A 64 5.21 -7.80 -13.02
N SER A 65 4.27 -8.13 -12.18
CA SER A 65 2.86 -8.24 -12.63
C SER A 65 2.30 -6.87 -12.97
N VAL A 66 2.37 -5.94 -12.06
CA VAL A 66 1.83 -4.57 -12.31
C VAL A 66 2.65 -3.86 -13.40
N ARG A 67 3.95 -3.97 -13.35
CA ARG A 67 4.79 -3.29 -14.38
C ARG A 67 4.53 -3.88 -15.77
N ASN A 68 4.40 -5.18 -15.85
CA ASN A 68 4.16 -5.81 -17.18
C ASN A 68 2.72 -5.60 -17.63
N VAL A 69 1.82 -5.30 -16.72
CA VAL A 69 0.40 -5.08 -17.11
C VAL A 69 0.29 -3.80 -17.94
N GLU A 70 -0.27 -3.88 -19.11
CA GLU A 70 -0.41 -2.67 -19.97
C GLU A 70 -1.24 -1.59 -19.25
N GLY A 71 -2.38 -1.96 -18.75
CA GLY A 71 -3.24 -0.97 -18.04
C GLY A 71 -2.39 -0.16 -17.07
N VAL A 72 -1.39 -0.76 -16.50
CA VAL A 72 -0.51 -0.01 -15.53
C VAL A 72 0.45 0.91 -16.29
N LEU A 73 0.32 2.19 -16.09
CA LEU A 73 1.23 3.14 -16.79
C LEU A 73 2.34 3.61 -15.85
N ALA A 74 2.12 3.51 -14.56
CA ALA A 74 3.17 3.95 -13.60
C ALA A 74 3.10 3.10 -12.32
N VAL A 75 4.04 3.28 -11.43
CA VAL A 75 4.03 2.48 -10.17
C VAL A 75 4.92 3.16 -9.12
N SER A 76 4.35 3.55 -8.02
CA SER A 76 5.16 4.20 -6.95
C SER A 76 4.99 3.47 -5.61
N LEU A 77 5.94 2.64 -5.26
CA LEU A 77 5.83 1.90 -3.97
C LEU A 77 6.86 2.42 -2.97
N VAL A 78 6.43 3.18 -2.00
CA VAL A 78 7.39 3.72 -0.99
C VAL A 78 6.77 3.68 0.41
N TYR A 79 7.01 2.63 1.14
CA TYR A 79 6.44 2.53 2.51
C TYR A 79 6.90 1.24 3.19
N HIS A 80 7.77 1.33 4.15
CA HIS A 80 8.25 0.11 4.85
C HIS A 80 7.55 -0.05 6.19
N GLN A 81 6.95 -1.18 6.43
CA GLN A 81 6.24 -1.39 7.73
C GLN A 81 6.58 -2.77 8.30
N GLN A 82 7.30 -2.80 9.39
CA GLN A 82 7.67 -4.11 10.00
C GLN A 82 8.11 -3.91 11.45
N GLU A 83 7.69 -4.79 12.33
CA GLU A 83 8.08 -4.66 13.76
C GLU A 83 9.18 -5.67 14.11
N GLU A 84 10.08 -5.30 14.97
CA GLU A 84 11.17 -6.24 15.36
C GLU A 84 11.96 -5.69 16.53
N GLN A 85 12.14 -4.39 16.60
CA GLN A 85 12.90 -3.79 17.72
C GLN A 85 12.88 -2.26 17.62
N GLY A 86 11.71 -1.68 17.59
CA GLY A 86 11.62 -0.19 17.49
C GLY A 86 10.34 0.29 18.19
N GLU A 87 9.65 1.23 17.60
CA GLU A 87 8.40 1.74 18.22
C GLU A 87 8.72 2.46 19.53
N GLU A 88 9.71 3.32 19.52
CA GLU A 88 10.07 4.07 20.76
C GLU A 88 8.84 4.80 21.30
N THR A 89 9.05 5.74 22.20
CA THR A 89 7.90 6.50 22.77
C THR A 89 6.91 6.87 21.65
N PRO A 90 7.41 7.54 20.64
CA PRO A 90 6.53 7.95 19.50
C PRO A 90 6.13 6.72 18.68
N MET B 1 -14.49 -11.10 12.52
CA MET B 1 -13.17 -10.70 11.95
C MET B 1 -12.76 -9.32 12.47
N LYS B 2 -13.53 -8.31 12.18
CA LYS B 2 -13.18 -6.95 12.66
C LYS B 2 -11.82 -6.53 12.11
N LEU B 3 -11.57 -5.25 12.02
CA LEU B 3 -10.26 -4.77 11.50
C LEU B 3 -9.35 -4.35 12.65
N SER B 4 -8.06 -4.45 12.47
CA SER B 4 -7.12 -4.07 13.55
C SER B 4 -5.74 -3.75 12.98
N ARG B 5 -5.68 -3.40 11.73
CA ARG B 5 -4.36 -3.08 11.10
C ARG B 5 -4.56 -2.24 9.84
N ARG B 6 -5.33 -2.72 8.90
CA ARG B 6 -5.56 -1.94 7.65
C ARG B 6 -6.02 -0.52 8.00
N SER B 7 -6.58 -0.34 9.16
CA SER B 7 -7.05 1.03 9.55
C SER B 7 -5.85 1.89 9.97
N PHE B 8 -4.92 1.30 10.69
CA PHE B 8 -3.73 2.07 11.13
C PHE B 8 -2.71 2.14 9.99
N MET B 9 -2.56 1.07 9.25
CA MET B 9 -1.59 1.09 8.12
C MET B 9 -2.04 2.07 7.04
N LYS B 10 -3.27 1.96 6.59
CA LYS B 10 -3.76 2.90 5.54
C LYS B 10 -3.52 4.35 5.98
N ALA B 11 -3.62 4.62 7.26
CA ALA B 11 -3.39 6.01 7.75
C ALA B 11 -1.95 6.44 7.44
N ASN B 12 -1.00 5.59 7.72
CA ASN B 12 0.42 5.94 7.45
C ASN B 12 0.76 5.68 5.98
N ALA B 13 0.25 4.60 5.43
CA ALA B 13 0.55 4.29 4.01
C ALA B 13 0.16 5.46 3.11
N VAL B 14 -1.02 5.99 3.29
CA VAL B 14 -1.45 7.14 2.45
C VAL B 14 -0.48 8.30 2.61
N ALA B 15 0.13 8.43 3.75
CA ALA B 15 1.09 9.55 3.97
C ALA B 15 2.30 9.38 3.04
N ALA B 16 2.67 8.16 2.76
CA ALA B 16 3.83 7.93 1.85
C ALA B 16 3.36 7.80 0.40
N ALA B 17 2.08 7.61 0.21
CA ALA B 17 1.56 7.47 -1.18
C ALA B 17 0.98 8.81 -1.66
N ALA B 18 0.60 9.66 -0.75
CA ALA B 18 0.03 10.97 -1.15
C ALA B 18 1.17 11.98 -1.40
N ALA B 19 2.07 12.12 -0.48
CA ALA B 19 3.20 13.07 -0.66
C ALA B 19 4.16 12.55 -1.74
N ALA B 20 3.98 11.32 -2.15
CA ALA B 20 4.88 10.75 -3.20
C ALA B 20 4.11 10.57 -4.51
N ALA B 21 2.98 9.91 -4.45
CA ALA B 21 2.19 9.70 -5.71
C ALA B 21 1.18 10.85 -5.87
N GLY B 22 1.34 11.90 -5.13
CA GLY B 22 0.38 13.04 -5.25
C GLY B 22 -1.04 12.56 -5.03
N LEU B 23 -1.21 11.50 -4.29
CA LEU B 23 -2.58 10.96 -4.04
C LEU B 23 -3.37 11.93 -3.14
N SER B 24 -4.43 11.46 -2.56
CA SER B 24 -5.24 12.34 -1.66
C SER B 24 -4.64 12.37 -0.25
N VAL B 25 -5.01 13.34 0.52
CA VAL B 25 -4.46 13.44 1.92
C VAL B 25 -5.54 13.07 2.93
N PRO B 26 -5.70 11.79 3.13
CA PRO B 26 -6.70 11.27 4.09
C PRO B 26 -6.28 11.56 5.53
N GLY B 27 -5.56 10.64 6.14
CA GLY B 27 -5.12 10.86 7.55
C GLY B 27 -3.64 11.27 7.57
N VAL B 28 -3.25 12.16 6.70
CA VAL B 28 -1.83 12.60 6.68
C VAL B 28 -1.55 13.50 7.88
N ALA B 29 -2.56 14.15 8.40
CA ALA B 29 -2.35 15.05 9.58
C ALA B 29 -3.29 14.65 10.71
N ARG B 30 -4.19 13.74 10.46
CA ARG B 30 -5.14 13.31 11.52
C ARG B 30 -6.10 14.44 11.88
N ALA B 31 -7.27 14.44 11.29
CA ALA B 31 -8.25 15.52 11.59
C ALA B 31 -8.32 15.78 13.10
N VAL B 32 -8.16 14.75 13.88
CA VAL B 32 -8.22 14.93 15.37
C VAL B 32 -7.47 16.19 15.78
N VAL B 33 -6.50 16.59 15.01
CA VAL B 33 -5.73 17.82 15.36
C VAL B 33 -6.39 19.05 14.71
N GLY B 34 -7.01 19.88 15.51
CA GLY B 34 -7.66 21.10 14.94
C GLY B 34 -7.62 22.23 15.96
N GLN B 35 -6.44 22.64 16.35
CA GLN B 35 -6.33 23.74 17.36
C GLN B 35 -5.31 24.79 16.89
N GLY A 1 4.14 -1.87 30.18
CA GLY A 1 5.19 -2.74 30.75
C GLY A 1 5.62 -3.78 29.72
N SER A 2 4.80 -4.03 28.74
CA SER A 2 5.17 -5.03 27.69
C SER A 2 4.70 -4.55 26.32
N HIS A 3 4.47 -5.46 25.41
CA HIS A 3 4.02 -5.06 24.05
C HIS A 3 3.73 -6.30 23.20
N MET A 4 3.56 -6.13 21.91
CA MET A 4 3.28 -7.29 21.03
C MET A 4 3.47 -6.90 19.56
N HIS A 5 4.69 -6.73 19.14
CA HIS A 5 4.94 -6.35 17.71
C HIS A 5 5.84 -7.38 17.04
N THR A 6 5.38 -7.97 15.97
CA THR A 6 6.21 -8.99 15.27
C THR A 6 5.82 -9.06 13.79
N ASN A 7 6.73 -8.79 12.91
CA ASN A 7 6.41 -8.84 11.45
C ASN A 7 7.63 -9.32 10.66
N TRP A 8 7.45 -9.59 9.40
CA TRP A 8 8.60 -10.05 8.56
C TRP A 8 9.01 -8.98 7.56
N GLN A 9 8.25 -8.82 6.51
CA GLN A 9 8.61 -7.78 5.50
C GLN A 9 7.38 -7.47 4.62
N VAL A 10 7.00 -6.23 4.53
CA VAL A 10 5.83 -5.86 3.68
C VAL A 10 5.76 -4.34 3.49
N CYS A 11 5.39 -3.91 2.32
CA CYS A 11 5.31 -2.44 2.07
C CYS A 11 4.07 -2.12 1.23
N SER A 12 3.75 -0.86 1.08
CA SER A 12 2.56 -0.48 0.28
C SER A 12 2.99 0.06 -1.09
N LEU A 13 2.60 -0.59 -2.15
CA LEU A 13 2.99 -0.11 -3.50
C LEU A 13 1.80 0.60 -4.18
N VAL A 14 2.05 1.70 -4.83
CA VAL A 14 0.94 2.43 -5.51
C VAL A 14 0.92 2.08 -7.00
N VAL A 15 0.04 1.20 -7.41
CA VAL A 15 -0.02 0.83 -8.84
C VAL A 15 -0.76 1.91 -9.64
N GLN A 16 -0.17 2.38 -10.70
CA GLN A 16 -0.83 3.43 -11.52
C GLN A 16 -1.27 2.86 -12.87
N ALA A 17 -2.55 2.76 -13.09
CA ALA A 17 -3.05 2.20 -14.39
C ALA A 17 -4.30 2.97 -14.84
N LYS A 18 -4.73 2.77 -16.05
CA LYS A 18 -5.94 3.48 -16.54
C LYS A 18 -7.02 3.45 -15.45
N SER A 19 -7.83 4.46 -15.38
CA SER A 19 -8.90 4.50 -14.33
C SER A 19 -9.65 3.17 -14.28
N GLU A 20 -10.07 2.66 -15.40
CA GLU A 20 -10.83 1.37 -15.37
C GLU A 20 -9.86 0.18 -15.53
N ARG A 21 -8.61 0.45 -15.77
CA ARG A 21 -7.63 -0.67 -15.89
C ARG A 21 -7.35 -1.19 -14.48
N ILE A 22 -7.03 -0.29 -13.59
CA ILE A 22 -6.73 -0.70 -12.19
C ILE A 22 -7.88 -1.51 -11.60
N SER A 23 -9.09 -1.13 -11.86
CA SER A 23 -10.21 -1.91 -11.29
C SER A 23 -10.03 -3.38 -11.65
N ASP A 24 -9.59 -3.64 -12.86
CA ASP A 24 -9.36 -5.04 -13.29
C ASP A 24 -8.12 -5.63 -12.60
N ILE A 25 -6.98 -5.01 -12.80
CA ILE A 25 -5.72 -5.55 -12.18
C ILE A 25 -5.62 -5.16 -10.70
N SER A 26 -5.81 -3.92 -10.36
CA SER A 26 -5.71 -3.52 -8.93
C SER A 26 -6.60 -4.44 -8.07
N THR A 27 -7.84 -4.57 -8.42
CA THR A 27 -8.74 -5.45 -7.61
C THR A 27 -8.16 -6.86 -7.54
N GLN A 28 -7.49 -7.29 -8.56
CA GLN A 28 -6.89 -8.65 -8.56
C GLN A 28 -5.86 -8.76 -7.43
N LEU A 29 -5.04 -7.76 -7.28
CA LEU A 29 -4.01 -7.82 -6.19
C LEU A 29 -4.67 -8.15 -4.85
N ASN A 30 -5.87 -7.67 -4.64
CA ASN A 30 -6.57 -7.97 -3.35
C ASN A 30 -6.99 -9.44 -3.30
N ALA A 31 -7.16 -10.06 -4.44
CA ALA A 31 -7.57 -11.49 -4.46
C ALA A 31 -6.40 -12.38 -4.05
N PHE A 32 -5.20 -11.88 -4.14
CA PHE A 32 -4.01 -12.70 -3.76
C PHE A 32 -3.76 -12.59 -2.26
N PRO A 33 -3.17 -13.63 -1.71
CA PRO A 33 -2.85 -13.65 -0.26
C PRO A 33 -1.69 -12.71 0.04
N GLY A 34 -0.58 -12.88 -0.64
CA GLY A 34 0.59 -12.00 -0.38
C GLY A 34 0.22 -10.55 -0.70
N CYS A 35 -0.10 -10.27 -1.93
CA CYS A 35 -0.47 -8.86 -2.30
C CYS A 35 -1.89 -8.55 -1.81
N GLU A 36 -2.12 -7.35 -1.36
CA GLU A 36 -3.48 -6.97 -0.87
C GLU A 36 -3.69 -5.47 -1.02
N VAL A 37 -4.77 -5.07 -1.66
CA VAL A 37 -5.04 -3.62 -1.83
C VAL A 37 -5.34 -2.97 -0.49
N ALA A 38 -4.56 -2.00 -0.10
CA ALA A 38 -4.80 -1.32 1.21
C ALA A 38 -5.76 -0.14 1.02
N VAL A 39 -5.47 0.72 0.08
CA VAL A 39 -6.38 1.89 -0.16
C VAL A 39 -6.87 1.89 -1.61
N SER A 40 -8.15 1.82 -1.81
CA SER A 40 -8.68 1.82 -3.20
C SER A 40 -9.33 3.17 -3.53
N ASP A 41 -8.65 3.99 -4.27
CA ASP A 41 -9.21 5.33 -4.63
C ASP A 41 -9.03 5.59 -6.12
N ALA A 42 -9.94 6.30 -6.72
CA ALA A 42 -9.83 6.60 -8.17
C ALA A 42 -9.55 8.08 -8.42
N PRO A 43 -8.52 8.59 -7.80
CA PRO A 43 -8.14 10.01 -7.98
C PRO A 43 -7.59 10.22 -9.39
N SER A 44 -6.81 9.28 -9.88
CA SER A 44 -6.23 9.42 -11.24
C SER A 44 -6.07 8.04 -11.87
N GLY A 45 -6.69 7.03 -11.32
CA GLY A 45 -6.57 5.66 -11.89
C GLY A 45 -5.43 4.91 -11.19
N GLN A 46 -5.16 5.23 -9.96
CA GLN A 46 -4.06 4.52 -9.23
C GLN A 46 -4.56 4.04 -7.86
N LEU A 47 -4.20 2.84 -7.48
CA LEU A 47 -4.64 2.32 -6.15
C LEU A 47 -3.43 1.89 -5.33
N ILE A 48 -3.56 1.86 -4.03
CA ILE A 48 -2.41 1.45 -3.17
C ILE A 48 -2.52 -0.03 -2.83
N VAL A 49 -1.49 -0.78 -3.09
CA VAL A 49 -1.52 -2.24 -2.78
C VAL A 49 -0.27 -2.65 -2.01
N VAL A 50 -0.44 -3.31 -0.90
CA VAL A 50 0.74 -3.75 -0.10
C VAL A 50 1.01 -5.24 -0.32
N VAL A 51 2.26 -5.62 -0.37
CA VAL A 51 2.58 -7.06 -0.60
C VAL A 51 3.66 -7.52 0.40
N GLU A 52 3.51 -8.70 0.94
CA GLU A 52 4.53 -9.20 1.91
C GLU A 52 5.07 -10.56 1.47
N ALA A 53 6.31 -10.83 1.75
CA ALA A 53 6.89 -12.14 1.34
C ALA A 53 8.13 -12.46 2.18
N GLU A 54 8.78 -13.56 1.91
CA GLU A 54 9.99 -13.92 2.70
C GLU A 54 10.91 -12.70 2.83
N ASP A 55 11.21 -12.06 1.74
CA ASP A 55 12.10 -10.86 1.81
C ASP A 55 11.85 -9.94 0.61
N SER A 56 12.68 -8.97 0.40
CA SER A 56 12.48 -8.03 -0.74
C SER A 56 12.55 -8.81 -2.06
N GLU A 57 13.33 -9.84 -2.12
CA GLU A 57 13.44 -10.64 -3.38
C GLU A 57 12.04 -11.04 -3.86
N THR A 58 11.25 -11.62 -3.01
CA THR A 58 9.88 -12.03 -3.43
C THR A 58 8.98 -10.80 -3.56
N LEU A 59 9.23 -9.78 -2.79
CA LEU A 59 8.39 -8.55 -2.87
C LEU A 59 8.51 -7.92 -4.27
N ILE A 60 9.71 -7.83 -4.78
CA ILE A 60 9.89 -7.22 -6.13
C ILE A 60 9.25 -8.12 -7.18
N GLN A 61 9.19 -9.40 -6.92
CA GLN A 61 8.56 -10.33 -7.90
C GLN A 61 7.16 -9.83 -8.27
N THR A 62 6.39 -9.45 -7.28
CA THR A 62 5.01 -8.95 -7.57
C THR A 62 5.05 -7.78 -8.55
N ILE A 63 5.98 -6.88 -8.39
CA ILE A 63 6.06 -5.72 -9.32
C ILE A 63 6.03 -6.20 -10.77
N GLU A 64 6.66 -7.31 -11.06
CA GLU A 64 6.65 -7.81 -12.47
C GLU A 64 5.22 -7.88 -12.99
N SER A 65 4.28 -8.19 -12.13
CA SER A 65 2.86 -8.26 -12.58
C SER A 65 2.34 -6.87 -12.93
N VAL A 66 2.45 -5.93 -12.03
CA VAL A 66 1.95 -4.55 -12.30
C VAL A 66 2.78 -3.87 -13.39
N ARG A 67 4.07 -4.04 -13.37
CA ARG A 67 4.92 -3.37 -14.41
C ARG A 67 4.64 -3.98 -15.78
N ASN A 68 4.47 -5.27 -15.87
CA ASN A 68 4.21 -5.90 -17.20
C ASN A 68 2.76 -5.65 -17.64
N VAL A 69 1.89 -5.35 -16.72
CA VAL A 69 0.47 -5.09 -17.10
C VAL A 69 0.37 -3.79 -17.89
N GLU A 70 -0.14 -3.85 -19.09
CA GLU A 70 -0.26 -2.60 -19.90
C GLU A 70 -1.13 -1.56 -19.19
N GLY A 71 -2.24 -1.98 -18.64
CA GLY A 71 -3.13 -1.02 -17.95
C GLY A 71 -2.30 -0.15 -17.00
N VAL A 72 -1.25 -0.70 -16.45
CA VAL A 72 -0.40 0.10 -15.52
C VAL A 72 0.50 1.05 -16.30
N LEU A 73 0.32 2.33 -16.11
CA LEU A 73 1.18 3.31 -16.85
C LEU A 73 2.32 3.79 -15.95
N ALA A 74 2.18 3.64 -14.67
CA ALA A 74 3.25 4.09 -13.73
C ALA A 74 3.23 3.24 -12.45
N VAL A 75 4.19 3.41 -11.60
CA VAL A 75 4.22 2.62 -10.34
C VAL A 75 5.05 3.34 -9.28
N SER A 76 4.43 3.70 -8.17
CA SER A 76 5.19 4.41 -7.10
C SER A 76 5.07 3.63 -5.78
N LEU A 77 6.08 2.89 -5.42
CA LEU A 77 6.03 2.11 -4.15
C LEU A 77 7.00 2.70 -3.13
N VAL A 78 6.51 3.40 -2.15
CA VAL A 78 7.41 4.00 -1.13
C VAL A 78 6.74 3.95 0.25
N TYR A 79 6.99 2.92 1.00
CA TYR A 79 6.38 2.81 2.36
C TYR A 79 6.82 1.51 3.05
N HIS A 80 7.65 1.62 4.05
CA HIS A 80 8.13 0.39 4.76
C HIS A 80 7.25 0.12 5.98
N GLN A 81 6.88 -1.11 6.19
CA GLN A 81 6.02 -1.45 7.37
C GLN A 81 6.64 -2.61 8.15
N GLN A 82 7.28 -2.33 9.25
CA GLN A 82 7.90 -3.42 10.05
C GLN A 82 8.19 -2.94 11.47
N GLU A 83 7.92 -3.76 12.45
CA GLU A 83 8.18 -3.35 13.86
C GLU A 83 9.66 -3.53 14.20
N GLU A 84 10.32 -2.46 14.58
CA GLU A 84 11.78 -2.57 14.91
C GLU A 84 12.35 -1.19 15.20
N GLN A 85 11.80 -0.16 14.60
CA GLN A 85 12.33 1.22 14.85
C GLN A 85 13.80 1.29 14.49
N GLY A 86 14.17 0.82 13.32
CA GLY A 86 15.61 0.86 12.92
C GLY A 86 15.84 2.06 12.01
N GLU A 87 16.52 1.87 10.92
CA GLU A 87 16.80 3.01 9.99
C GLU A 87 17.78 4.00 10.63
N GLU A 88 18.31 3.65 11.78
CA GLU A 88 19.28 4.55 12.48
C GLU A 88 18.96 6.03 12.24
N THR A 89 18.32 6.65 13.19
CA THR A 89 17.99 8.11 13.02
C THR A 89 16.97 8.29 11.89
N PRO A 90 15.78 7.81 12.12
CA PRO A 90 14.71 7.92 11.11
C PRO A 90 14.20 9.35 11.03
N MET B 1 -11.37 -9.38 18.26
CA MET B 1 -10.01 -9.58 17.69
C MET B 1 -10.10 -10.24 16.30
N LYS B 2 -10.36 -9.47 15.29
CA LYS B 2 -10.48 -10.04 13.92
C LYS B 2 -9.58 -9.28 12.94
N LEU B 3 -9.96 -8.07 12.60
CA LEU B 3 -9.13 -7.27 11.65
C LEU B 3 -8.66 -5.98 12.32
N SER B 4 -7.38 -5.83 12.53
CA SER B 4 -6.87 -4.60 13.17
C SER B 4 -5.44 -4.30 12.70
N ARG B 5 -5.30 -3.86 11.47
CA ARG B 5 -3.93 -3.55 10.95
C ARG B 5 -4.03 -2.66 9.71
N ARG B 6 -5.04 -2.88 8.89
CA ARG B 6 -5.18 -2.05 7.67
C ARG B 6 -5.72 -0.67 8.04
N SER B 7 -6.34 -0.54 9.17
CA SER B 7 -6.88 0.78 9.59
C SER B 7 -5.73 1.67 10.08
N PHE B 8 -4.81 1.10 10.81
CA PHE B 8 -3.66 1.89 11.32
C PHE B 8 -2.61 2.06 10.21
N MET B 9 -2.46 1.06 9.38
CA MET B 9 -1.46 1.17 8.27
C MET B 9 -1.93 2.18 7.22
N LYS B 10 -3.11 1.99 6.70
CA LYS B 10 -3.63 2.94 5.66
C LYS B 10 -3.43 4.39 6.14
N ALA B 11 -3.45 4.61 7.43
CA ALA B 11 -3.25 5.99 7.95
C ALA B 11 -1.86 6.50 7.58
N ASN B 12 -0.84 5.72 7.84
CA ASN B 12 0.55 6.15 7.51
C ASN B 12 0.85 5.87 6.03
N ALA B 13 0.35 4.78 5.52
CA ALA B 13 0.61 4.44 4.09
C ALA B 13 0.18 5.60 3.19
N VAL B 14 -1.00 6.12 3.38
CA VAL B 14 -1.47 7.24 2.54
C VAL B 14 -0.52 8.43 2.67
N ALA B 15 0.11 8.59 3.80
CA ALA B 15 1.05 9.72 3.99
C ALA B 15 2.23 9.59 3.04
N ALA B 16 2.63 8.38 2.75
CA ALA B 16 3.80 8.18 1.83
C ALA B 16 3.30 7.93 0.40
N ALA B 17 2.04 7.66 0.24
CA ALA B 17 1.50 7.41 -1.13
C ALA B 17 0.79 8.66 -1.66
N ALA B 18 0.34 9.51 -0.78
CA ALA B 18 -0.35 10.75 -1.24
C ALA B 18 0.68 11.84 -1.59
N ALA B 19 1.63 12.08 -0.71
CA ALA B 19 2.66 13.12 -1.00
C ALA B 19 3.61 12.63 -2.10
N ALA B 20 3.53 11.38 -2.45
CA ALA B 20 4.43 10.84 -3.51
C ALA B 20 3.62 10.47 -4.76
N ALA B 21 2.60 9.68 -4.60
CA ALA B 21 1.77 9.30 -5.78
C ALA B 21 0.61 10.28 -5.96
N GLY B 22 0.69 11.42 -5.35
CA GLY B 22 -0.40 12.43 -5.50
C GLY B 22 -1.72 11.80 -5.08
N LEU B 23 -1.68 10.77 -4.27
CA LEU B 23 -2.94 10.12 -3.82
C LEU B 23 -3.80 11.10 -3.03
N SER B 24 -4.75 10.60 -2.29
CA SER B 24 -5.63 11.50 -1.49
C SER B 24 -4.93 11.87 -0.17
N VAL B 25 -5.39 12.92 0.46
CA VAL B 25 -4.75 13.34 1.75
C VAL B 25 -5.69 13.05 2.92
N PRO B 26 -5.72 11.82 3.31
CA PRO B 26 -6.59 11.40 4.45
C PRO B 26 -6.01 11.90 5.77
N GLY B 27 -4.80 11.52 6.09
CA GLY B 27 -4.19 11.97 7.36
C GLY B 27 -3.46 13.29 7.14
N VAL B 28 -2.85 13.46 6.00
CA VAL B 28 -2.12 14.74 5.72
C VAL B 28 -2.98 15.94 6.13
N ALA B 29 -4.24 15.91 5.81
CA ALA B 29 -5.13 17.05 6.17
C ALA B 29 -5.39 17.06 7.69
N ARG B 30 -4.96 16.04 8.38
CA ARG B 30 -5.17 15.99 9.85
C ARG B 30 -6.66 16.13 10.17
N ALA B 31 -7.42 15.08 10.03
CA ALA B 31 -8.88 15.16 10.33
C ALA B 31 -9.14 14.78 11.78
N VAL B 32 -8.11 14.47 12.52
CA VAL B 32 -8.31 14.09 13.95
C VAL B 32 -9.08 15.19 14.69
N VAL B 33 -8.79 16.43 14.40
CA VAL B 33 -9.52 17.54 15.09
C VAL B 33 -9.01 18.90 14.57
N GLY B 34 -7.74 18.98 14.26
CA GLY B 34 -7.20 20.27 13.76
C GLY B 34 -5.85 20.55 14.43
N GLN B 35 -5.86 20.83 15.70
CA GLN B 35 -4.58 21.11 16.42
C GLN B 35 -4.09 19.85 17.14
N GLY A 1 -2.55 -11.14 27.36
CA GLY A 1 -2.94 -11.05 25.93
C GLY A 1 -3.28 -9.60 25.57
N SER A 2 -2.32 -8.74 25.59
CA SER A 2 -2.59 -7.31 25.25
C SER A 2 -1.65 -6.83 24.13
N HIS A 3 -0.76 -7.68 23.70
CA HIS A 3 0.18 -7.29 22.61
C HIS A 3 0.07 -8.26 21.43
N MET A 4 0.54 -7.88 20.28
CA MET A 4 0.47 -8.79 19.11
C MET A 4 1.11 -8.13 17.89
N HIS A 5 2.41 -7.99 17.88
CA HIS A 5 3.09 -7.35 16.72
C HIS A 5 4.22 -8.25 16.21
N THR A 6 4.13 -8.69 14.98
CA THR A 6 5.20 -9.57 14.44
C THR A 6 5.06 -9.69 12.91
N ASN A 7 6.08 -9.34 12.18
CA ASN A 7 6.00 -9.43 10.70
C ASN A 7 7.40 -9.66 10.11
N TRP A 8 7.47 -9.98 8.84
CA TRP A 8 8.80 -10.20 8.21
C TRP A 8 9.14 -9.07 7.25
N GLN A 9 8.44 -8.97 6.15
CA GLN A 9 8.73 -7.88 5.18
C GLN A 9 7.48 -7.56 4.36
N VAL A 10 7.02 -6.33 4.41
CA VAL A 10 5.80 -5.96 3.63
C VAL A 10 5.71 -4.44 3.48
N CYS A 11 5.30 -3.98 2.34
CA CYS A 11 5.19 -2.50 2.12
C CYS A 11 3.96 -2.18 1.27
N SER A 12 3.63 -0.93 1.15
CA SER A 12 2.43 -0.55 0.33
C SER A 12 2.88 0.04 -1.01
N LEU A 13 2.59 -0.63 -2.09
CA LEU A 13 2.99 -0.10 -3.43
C LEU A 13 1.80 0.56 -4.13
N VAL A 14 2.02 1.68 -4.76
CA VAL A 14 0.91 2.38 -5.45
C VAL A 14 0.95 2.08 -6.95
N VAL A 15 0.13 1.17 -7.40
CA VAL A 15 0.13 0.82 -8.86
C VAL A 15 -0.63 1.89 -9.65
N GLN A 16 -0.04 2.40 -10.69
CA GLN A 16 -0.73 3.44 -11.50
C GLN A 16 -1.18 2.86 -12.84
N ALA A 17 -2.45 2.72 -13.04
CA ALA A 17 -2.96 2.16 -14.33
C ALA A 17 -4.23 2.90 -14.75
N LYS A 18 -4.69 2.70 -15.96
CA LYS A 18 -5.93 3.39 -16.41
C LYS A 18 -6.98 3.34 -15.29
N SER A 19 -7.80 4.34 -15.20
CA SER A 19 -8.84 4.35 -14.12
C SER A 19 -9.61 3.04 -14.10
N GLU A 20 -10.06 2.55 -15.22
CA GLU A 20 -10.82 1.27 -15.20
C GLU A 20 -9.87 0.09 -15.38
N ARG A 21 -8.62 0.34 -15.65
CA ARG A 21 -7.65 -0.78 -15.78
C ARG A 21 -7.36 -1.29 -14.39
N ILE A 22 -6.99 -0.40 -13.52
CA ILE A 22 -6.67 -0.80 -12.12
C ILE A 22 -7.83 -1.54 -11.50
N SER A 23 -9.03 -1.09 -11.69
CA SER A 23 -10.18 -1.82 -11.09
C SER A 23 -10.07 -3.28 -11.51
N ASP A 24 -9.70 -3.52 -12.74
CA ASP A 24 -9.56 -4.93 -13.23
C ASP A 24 -8.32 -5.60 -12.61
N ILE A 25 -7.18 -5.04 -12.83
CA ILE A 25 -5.92 -5.66 -12.28
C ILE A 25 -5.73 -5.33 -10.80
N SER A 26 -5.85 -4.08 -10.42
CA SER A 26 -5.66 -3.73 -8.99
C SER A 26 -6.56 -4.60 -8.11
N THR A 27 -7.83 -4.66 -8.41
CA THR A 27 -8.74 -5.49 -7.58
C THR A 27 -8.21 -6.92 -7.51
N GLN A 28 -7.58 -7.39 -8.56
CA GLN A 28 -7.02 -8.76 -8.55
C GLN A 28 -5.97 -8.90 -7.45
N LEU A 29 -5.11 -7.91 -7.33
CA LEU A 29 -4.05 -7.99 -6.28
C LEU A 29 -4.68 -8.30 -4.92
N ASN A 30 -5.88 -7.84 -4.70
CA ASN A 30 -6.54 -8.11 -3.39
C ASN A 30 -6.88 -9.60 -3.27
N ALA A 31 -7.08 -10.27 -4.38
CA ALA A 31 -7.40 -11.72 -4.34
C ALA A 31 -6.16 -12.53 -3.96
N PHE A 32 -4.99 -12.03 -4.30
CA PHE A 32 -3.75 -12.78 -3.97
C PHE A 32 -3.56 -12.86 -2.45
N PRO A 33 -2.96 -13.93 -2.02
CA PRO A 33 -2.71 -14.15 -0.58
C PRO A 33 -1.60 -13.22 -0.07
N GLY A 34 -0.58 -13.02 -0.87
CA GLY A 34 0.53 -12.13 -0.44
C GLY A 34 0.16 -10.68 -0.73
N CYS A 35 -0.17 -10.38 -1.96
CA CYS A 35 -0.53 -8.97 -2.30
C CYS A 35 -1.95 -8.66 -1.80
N GLU A 36 -2.21 -7.43 -1.44
CA GLU A 36 -3.57 -7.06 -0.95
C GLU A 36 -3.80 -5.55 -1.11
N VAL A 37 -4.89 -5.17 -1.69
CA VAL A 37 -5.17 -3.71 -1.87
C VAL A 37 -5.54 -3.07 -0.52
N ALA A 38 -4.78 -2.11 -0.09
CA ALA A 38 -5.09 -1.45 1.22
C ALA A 38 -6.02 -0.24 0.99
N VAL A 39 -5.66 0.62 0.08
CA VAL A 39 -6.53 1.81 -0.19
C VAL A 39 -6.99 1.80 -1.66
N SER A 40 -8.27 1.77 -1.88
CA SER A 40 -8.77 1.76 -3.28
C SER A 40 -9.38 3.12 -3.64
N ASP A 41 -8.65 3.93 -4.34
CA ASP A 41 -9.18 5.27 -4.73
C ASP A 41 -8.87 5.56 -6.20
N ALA A 42 -9.72 6.27 -6.86
CA ALA A 42 -9.48 6.58 -8.31
C ALA A 42 -9.18 8.06 -8.52
N PRO A 43 -8.18 8.55 -7.82
CA PRO A 43 -7.79 9.97 -7.96
C PRO A 43 -7.14 10.20 -9.32
N SER A 44 -6.37 9.26 -9.78
CA SER A 44 -5.71 9.42 -11.11
C SER A 44 -5.55 8.04 -11.77
N GLY A 45 -6.21 7.04 -11.27
CA GLY A 45 -6.10 5.68 -11.87
C GLY A 45 -5.02 4.89 -11.15
N GLN A 46 -4.78 5.18 -9.89
CA GLN A 46 -3.74 4.45 -9.13
C GLN A 46 -4.30 3.96 -7.79
N LEU A 47 -4.02 2.73 -7.42
CA LEU A 47 -4.53 2.21 -6.13
C LEU A 47 -3.36 1.77 -5.24
N ILE A 48 -3.56 1.72 -3.96
CA ILE A 48 -2.45 1.31 -3.04
C ILE A 48 -2.62 -0.17 -2.66
N VAL A 49 -1.61 -0.96 -2.93
CA VAL A 49 -1.70 -2.41 -2.58
C VAL A 49 -0.44 -2.85 -1.82
N VAL A 50 -0.60 -3.49 -0.70
CA VAL A 50 0.59 -3.93 0.09
C VAL A 50 0.83 -5.43 -0.12
N VAL A 51 2.06 -5.85 -0.18
CA VAL A 51 2.36 -7.29 -0.39
C VAL A 51 3.47 -7.74 0.56
N GLU A 52 3.41 -8.94 1.04
CA GLU A 52 4.47 -9.43 1.97
C GLU A 52 5.11 -10.70 1.41
N ALA A 53 6.40 -10.84 1.60
CA ALA A 53 7.09 -12.06 1.08
C ALA A 53 8.34 -12.35 1.92
N GLU A 54 9.02 -13.43 1.63
CA GLU A 54 10.24 -13.76 2.41
C GLU A 54 11.12 -12.52 2.59
N ASP A 55 11.37 -11.82 1.52
CA ASP A 55 12.22 -10.60 1.61
C ASP A 55 11.89 -9.63 0.47
N SER A 56 12.70 -8.62 0.28
CA SER A 56 12.43 -7.64 -0.81
C SER A 56 12.52 -8.34 -2.17
N GLU A 57 13.39 -9.31 -2.29
CA GLU A 57 13.52 -10.03 -3.59
C GLU A 57 12.17 -10.59 -4.03
N THR A 58 11.47 -11.23 -3.13
CA THR A 58 10.14 -11.81 -3.50
C THR A 58 9.09 -10.69 -3.61
N LEU A 59 9.22 -9.66 -2.82
CA LEU A 59 8.23 -8.54 -2.89
C LEU A 59 8.35 -7.83 -4.25
N ILE A 60 9.55 -7.57 -4.69
CA ILE A 60 9.71 -6.88 -6.00
C ILE A 60 9.23 -7.79 -7.13
N GLN A 61 9.31 -9.08 -6.93
CA GLN A 61 8.85 -10.02 -7.99
C GLN A 61 7.42 -9.67 -8.40
N THR A 62 6.56 -9.43 -7.46
CA THR A 62 5.14 -9.09 -7.79
C THR A 62 5.10 -7.86 -8.72
N ILE A 63 5.91 -6.88 -8.46
CA ILE A 63 5.90 -5.67 -9.32
C ILE A 63 5.97 -6.05 -10.80
N GLU A 64 6.70 -7.09 -11.12
CA GLU A 64 6.80 -7.49 -12.56
C GLU A 64 5.39 -7.64 -13.15
N SER A 65 4.44 -8.05 -12.35
CA SER A 65 3.05 -8.21 -12.86
C SER A 65 2.43 -6.84 -13.16
N VAL A 66 2.42 -5.96 -12.20
CA VAL A 66 1.82 -4.61 -12.41
C VAL A 66 2.61 -3.81 -13.45
N ARG A 67 3.92 -3.84 -13.37
CA ARG A 67 4.75 -3.08 -14.34
C ARG A 67 4.55 -3.61 -15.76
N ASN A 68 4.50 -4.91 -15.91
CA ASN A 68 4.33 -5.50 -17.27
C ASN A 68 2.89 -5.33 -17.75
N VAL A 69 1.96 -5.14 -16.85
CA VAL A 69 0.54 -4.98 -17.27
C VAL A 69 0.38 -3.67 -18.05
N GLU A 70 -0.12 -3.73 -19.26
CA GLU A 70 -0.29 -2.50 -20.07
C GLU A 70 -1.13 -1.47 -19.30
N GLY A 71 -2.25 -1.88 -18.78
CA GLY A 71 -3.11 -0.91 -18.03
C GLY A 71 -2.26 -0.10 -17.07
N VAL A 72 -1.21 -0.69 -16.53
CA VAL A 72 -0.33 0.07 -15.59
C VAL A 72 0.61 1.00 -16.36
N LEU A 73 0.49 2.28 -16.16
CA LEU A 73 1.38 3.23 -16.89
C LEU A 73 2.53 3.66 -15.97
N ALA A 74 2.35 3.55 -14.69
CA ALA A 74 3.43 3.95 -13.74
C ALA A 74 3.34 3.15 -12.44
N VAL A 75 4.30 3.29 -11.58
CA VAL A 75 4.27 2.53 -10.30
C VAL A 75 5.08 3.25 -9.23
N SER A 76 4.45 3.68 -8.17
CA SER A 76 5.20 4.40 -7.10
C SER A 76 5.02 3.67 -5.76
N LEU A 77 5.93 2.80 -5.43
CA LEU A 77 5.81 2.05 -4.14
C LEU A 77 6.85 2.57 -3.14
N VAL A 78 6.43 3.36 -2.19
CA VAL A 78 7.41 3.89 -1.19
C VAL A 78 6.78 3.87 0.22
N TYR A 79 6.98 2.82 0.95
CA TYR A 79 6.39 2.74 2.32
C TYR A 79 6.78 1.42 2.99
N HIS A 80 7.51 1.48 4.07
CA HIS A 80 7.91 0.22 4.77
C HIS A 80 6.89 -0.14 5.86
N GLN A 81 6.49 -1.38 5.93
CA GLN A 81 5.51 -1.78 6.97
C GLN A 81 6.01 -3.01 7.74
N GLN A 82 6.52 -2.81 8.93
CA GLN A 82 7.03 -3.94 9.74
C GLN A 82 7.13 -3.56 11.20
N GLU A 83 6.74 -4.45 12.08
CA GLU A 83 6.82 -4.13 13.55
C GLU A 83 8.19 -4.55 14.11
N GLU A 84 8.94 -3.61 14.62
CA GLU A 84 10.27 -3.96 15.18
C GLU A 84 11.01 -2.70 15.62
N GLN A 85 12.30 -2.78 15.79
CA GLN A 85 13.07 -1.57 16.22
C GLN A 85 13.50 -0.76 14.99
N GLY A 86 12.58 -0.46 14.12
CA GLY A 86 12.93 0.33 12.91
C GLY A 86 12.50 1.79 13.11
N GLU A 87 12.04 2.43 12.07
CA GLU A 87 11.61 3.85 12.20
C GLU A 87 11.09 4.37 10.86
N GLU A 88 10.24 3.62 10.21
CA GLU A 88 9.70 4.07 8.89
C GLU A 88 9.24 5.53 8.99
N THR A 89 9.76 6.38 8.15
CA THR A 89 9.34 7.82 8.19
C THR A 89 8.66 8.21 6.87
N PRO A 90 7.87 9.25 6.95
CA PRO A 90 7.15 9.74 5.75
C PRO A 90 8.11 10.43 4.80
N MET B 1 -10.32 -12.79 14.39
CA MET B 1 -11.06 -11.58 13.92
C MET B 1 -10.51 -10.33 14.59
N LYS B 2 -9.41 -9.82 14.11
CA LYS B 2 -8.83 -8.59 14.71
C LYS B 2 -8.02 -7.82 13.67
N LEU B 3 -8.57 -6.75 13.16
CA LEU B 3 -7.83 -5.96 12.13
C LEU B 3 -6.79 -5.06 12.81
N SER B 4 -7.22 -3.97 13.40
CA SER B 4 -6.26 -3.06 14.08
C SER B 4 -4.99 -2.89 13.23
N ARG B 5 -5.11 -2.99 11.93
CA ARG B 5 -3.92 -2.84 11.06
C ARG B 5 -4.26 -1.99 9.84
N ARG B 6 -5.22 -2.41 9.05
CA ARG B 6 -5.59 -1.64 7.84
C ARG B 6 -5.96 -0.21 8.22
N SER B 7 -6.49 -0.01 9.41
CA SER B 7 -6.86 1.36 9.84
C SER B 7 -5.60 2.14 10.21
N PHE B 8 -4.68 1.51 10.87
CA PHE B 8 -3.41 2.21 11.27
C PHE B 8 -2.46 2.25 10.07
N MET B 9 -2.40 1.20 9.30
CA MET B 9 -1.48 1.19 8.12
C MET B 9 -1.94 2.21 7.09
N LYS B 10 -3.18 2.14 6.67
CA LYS B 10 -3.68 3.12 5.67
C LYS B 10 -3.40 4.55 6.14
N ALA B 11 -3.43 4.77 7.43
CA ALA B 11 -3.16 6.15 7.95
C ALA B 11 -1.74 6.58 7.59
N ASN B 12 -0.77 5.74 7.82
CA ASN B 12 0.64 6.10 7.49
C ASN B 12 0.92 5.86 6.01
N ALA B 13 0.34 4.83 5.45
CA ALA B 13 0.58 4.53 4.00
C ALA B 13 0.16 5.73 3.15
N VAL B 14 -1.00 6.27 3.39
CA VAL B 14 -1.44 7.44 2.59
C VAL B 14 -0.45 8.60 2.73
N ALA B 15 0.21 8.69 3.86
CA ALA B 15 1.20 9.79 4.05
C ALA B 15 2.37 9.63 3.08
N ALA B 16 2.71 8.41 2.74
CA ALA B 16 3.84 8.19 1.80
C ALA B 16 3.30 7.91 0.38
N ALA B 17 2.03 7.64 0.27
CA ALA B 17 1.45 7.36 -1.07
C ALA B 17 0.81 8.63 -1.64
N ALA B 18 0.46 9.56 -0.80
CA ALA B 18 -0.16 10.82 -1.29
C ALA B 18 0.92 11.84 -1.66
N ALA B 19 1.84 12.09 -0.78
CA ALA B 19 2.92 13.08 -1.09
C ALA B 19 3.87 12.50 -2.14
N ALA B 20 3.75 11.23 -2.44
CA ALA B 20 4.65 10.61 -3.45
C ALA B 20 3.85 10.27 -4.72
N ALA B 21 2.77 9.54 -4.57
CA ALA B 21 1.95 9.17 -5.76
C ALA B 21 0.85 10.21 -5.99
N GLY B 22 0.96 11.35 -5.36
CA GLY B 22 -0.09 12.40 -5.55
C GLY B 22 -1.46 11.83 -5.18
N LEU B 23 -1.49 10.81 -4.36
CA LEU B 23 -2.79 10.21 -3.96
C LEU B 23 -3.64 11.24 -3.19
N SER B 24 -4.63 10.78 -2.48
CA SER B 24 -5.49 11.72 -1.70
C SER B 24 -4.83 12.04 -0.36
N VAL B 25 -5.25 13.10 0.28
CA VAL B 25 -4.66 13.46 1.59
C VAL B 25 -5.66 13.21 2.72
N PRO B 26 -5.76 11.96 3.11
CA PRO B 26 -6.69 11.58 4.19
C PRO B 26 -6.17 12.05 5.55
N GLY B 27 -4.98 11.65 5.92
CA GLY B 27 -4.43 12.08 7.22
C GLY B 27 -3.52 13.30 7.02
N VAL B 28 -3.23 13.64 5.79
CA VAL B 28 -2.37 14.82 5.53
C VAL B 28 -3.18 16.11 5.63
N ALA B 29 -4.42 16.02 6.03
CA ALA B 29 -5.25 17.25 6.16
C ALA B 29 -6.22 17.11 7.34
N ARG B 30 -6.98 16.05 7.37
CA ARG B 30 -7.94 15.86 8.49
C ARG B 30 -7.19 15.60 9.80
N ALA B 31 -7.71 14.75 10.64
CA ALA B 31 -7.02 14.44 11.92
C ALA B 31 -6.88 15.73 12.75
N VAL B 32 -7.61 16.75 12.42
CA VAL B 32 -7.52 18.02 13.19
C VAL B 32 -8.87 18.36 13.83
N VAL B 33 -9.90 17.66 13.45
CA VAL B 33 -11.25 17.94 14.03
C VAL B 33 -11.69 19.36 13.68
N GLY B 34 -12.57 19.51 12.74
CA GLY B 34 -13.03 20.88 12.36
C GLY B 34 -14.52 20.83 12.01
N GLN B 35 -15.21 19.80 12.43
CA GLN B 35 -16.66 19.70 12.11
C GLN B 35 -17.41 20.89 12.71
N GLY A 1 -0.49 -5.11 16.96
CA GLY A 1 -0.03 -3.91 17.72
C GLY A 1 -0.47 -4.02 19.18
N SER A 2 0.34 -3.55 20.08
CA SER A 2 -0.04 -3.63 21.52
C SER A 2 -0.32 -5.08 21.93
N HIS A 3 0.53 -5.67 22.73
CA HIS A 3 0.30 -7.07 23.15
C HIS A 3 0.20 -7.99 21.91
N MET A 4 0.84 -7.62 20.84
CA MET A 4 0.78 -8.45 19.61
C MET A 4 1.51 -7.76 18.45
N HIS A 5 2.81 -7.91 18.40
CA HIS A 5 3.58 -7.25 17.30
C HIS A 5 4.55 -8.25 16.66
N THR A 6 4.37 -8.51 15.39
CA THR A 6 5.27 -9.49 14.71
C THR A 6 5.10 -9.39 13.19
N ASN A 7 6.17 -9.16 12.47
CA ASN A 7 6.05 -9.06 10.99
C ASN A 7 7.38 -9.47 10.33
N TRP A 8 7.33 -9.87 9.08
CA TRP A 8 8.57 -10.28 8.39
C TRP A 8 8.98 -9.22 7.36
N GLN A 9 8.24 -9.11 6.30
CA GLN A 9 8.58 -8.09 5.26
C GLN A 9 7.34 -7.73 4.44
N VAL A 10 6.96 -6.49 4.41
CA VAL A 10 5.76 -6.08 3.63
C VAL A 10 5.79 -4.58 3.36
N CYS A 11 5.36 -4.17 2.19
CA CYS A 11 5.36 -2.71 1.86
C CYS A 11 4.12 -2.37 1.03
N SER A 12 3.84 -1.10 0.86
CA SER A 12 2.63 -0.72 0.06
C SER A 12 3.06 -0.20 -1.31
N LEU A 13 2.59 -0.83 -2.37
CA LEU A 13 2.97 -0.36 -3.73
C LEU A 13 1.80 0.38 -4.37
N VAL A 14 2.06 1.49 -5.02
CA VAL A 14 0.96 2.26 -5.67
C VAL A 14 0.90 1.92 -7.16
N VAL A 15 0.00 1.07 -7.55
CA VAL A 15 -0.11 0.70 -8.98
C VAL A 15 -0.85 1.80 -9.76
N GLN A 16 -0.20 2.38 -10.73
CA GLN A 16 -0.85 3.45 -11.53
C GLN A 16 -1.33 2.90 -12.87
N ALA A 17 -2.60 2.78 -13.06
CA ALA A 17 -3.12 2.24 -14.34
C ALA A 17 -4.39 3.01 -14.75
N LYS A 18 -4.85 2.81 -15.96
CA LYS A 18 -6.07 3.52 -16.41
C LYS A 18 -7.13 3.49 -15.30
N SER A 19 -7.94 4.51 -15.23
CA SER A 19 -8.98 4.55 -14.15
C SER A 19 -9.75 3.22 -14.09
N GLU A 20 -10.18 2.69 -15.20
CA GLU A 20 -10.93 1.41 -15.15
C GLU A 20 -9.98 0.22 -15.34
N ARG A 21 -8.73 0.48 -15.60
CA ARG A 21 -7.76 -0.63 -15.74
C ARG A 21 -7.45 -1.15 -14.35
N ILE A 22 -7.10 -0.26 -13.46
CA ILE A 22 -6.77 -0.67 -12.06
C ILE A 22 -7.93 -1.45 -11.44
N SER A 23 -9.13 -1.05 -11.68
CA SER A 23 -10.27 -1.81 -11.08
C SER A 23 -10.10 -3.28 -11.45
N ASP A 24 -9.70 -3.55 -12.67
CA ASP A 24 -9.51 -4.96 -13.09
C ASP A 24 -8.26 -5.57 -12.44
N ILE A 25 -7.12 -4.98 -12.67
CA ILE A 25 -5.85 -5.53 -12.08
C ILE A 25 -5.70 -5.15 -10.60
N SER A 26 -5.87 -3.90 -10.26
CA SER A 26 -5.73 -3.50 -8.83
C SER A 26 -6.61 -4.40 -7.95
N THR A 27 -7.87 -4.50 -8.26
CA THR A 27 -8.77 -5.35 -7.43
C THR A 27 -8.21 -6.78 -7.35
N GLN A 28 -7.57 -7.23 -8.40
CA GLN A 28 -7.00 -8.59 -8.40
C GLN A 28 -5.94 -8.72 -7.29
N LEU A 29 -5.09 -7.74 -7.17
CA LEU A 29 -4.04 -7.79 -6.11
C LEU A 29 -4.68 -8.12 -4.75
N ASN A 30 -5.93 -7.78 -4.57
CA ASN A 30 -6.60 -8.07 -3.28
C ASN A 30 -6.92 -9.56 -3.18
N ALA A 31 -7.10 -10.21 -4.29
CA ALA A 31 -7.41 -11.67 -4.26
C ALA A 31 -6.16 -12.47 -3.90
N PHE A 32 -5.01 -11.96 -4.23
CA PHE A 32 -3.75 -12.69 -3.91
C PHE A 32 -3.51 -12.70 -2.39
N PRO A 33 -2.85 -13.73 -1.95
CA PRO A 33 -2.54 -13.87 -0.50
C PRO A 33 -1.45 -12.88 -0.09
N GLY A 34 -0.33 -12.90 -0.77
CA GLY A 34 0.76 -11.96 -0.42
C GLY A 34 0.33 -10.52 -0.74
N CYS A 35 -0.02 -10.27 -1.97
CA CYS A 35 -0.44 -8.89 -2.35
C CYS A 35 -1.88 -8.64 -1.87
N GLU A 36 -2.19 -7.42 -1.52
CA GLU A 36 -3.57 -7.12 -1.04
C GLU A 36 -3.86 -5.63 -1.19
N VAL A 37 -4.98 -5.27 -1.78
CA VAL A 37 -5.31 -3.83 -1.95
C VAL A 37 -5.58 -3.18 -0.59
N ALA A 38 -4.81 -2.19 -0.25
CA ALA A 38 -5.02 -1.51 1.07
C ALA A 38 -5.98 -0.33 0.90
N VAL A 39 -5.68 0.57 0.00
CA VAL A 39 -6.57 1.75 -0.21
C VAL A 39 -7.06 1.77 -1.66
N SER A 40 -8.35 1.72 -1.86
CA SER A 40 -8.88 1.73 -3.26
C SER A 40 -9.50 3.10 -3.57
N ASP A 41 -8.79 3.93 -4.27
CA ASP A 41 -9.33 5.28 -4.62
C ASP A 41 -9.09 5.58 -6.09
N ALA A 42 -9.97 6.31 -6.71
CA ALA A 42 -9.78 6.63 -8.16
C ALA A 42 -9.46 8.11 -8.38
N PRO A 43 -8.47 8.59 -7.69
CA PRO A 43 -8.06 10.01 -7.84
C PRO A 43 -7.39 10.21 -9.21
N SER A 44 -6.60 9.27 -9.63
CA SER A 44 -5.91 9.38 -10.94
C SER A 44 -5.74 8.00 -11.58
N GLY A 45 -6.40 7.00 -11.05
CA GLY A 45 -6.27 5.63 -11.63
C GLY A 45 -5.18 4.86 -10.89
N GLN A 46 -4.94 5.19 -9.64
CA GLN A 46 -3.88 4.48 -8.88
C GLN A 46 -4.42 4.03 -7.52
N LEU A 47 -4.10 2.82 -7.11
CA LEU A 47 -4.59 2.33 -5.80
C LEU A 47 -3.41 1.90 -4.92
N ILE A 48 -3.61 1.81 -3.62
CA ILE A 48 -2.50 1.39 -2.72
C ILE A 48 -2.58 -0.12 -2.46
N VAL A 49 -1.53 -0.83 -2.75
CA VAL A 49 -1.54 -2.30 -2.53
C VAL A 49 -0.33 -2.74 -1.70
N VAL A 50 -0.54 -3.52 -0.68
CA VAL A 50 0.61 -3.99 0.14
C VAL A 50 0.97 -5.43 -0.23
N VAL A 51 2.23 -5.76 -0.18
CA VAL A 51 2.64 -7.16 -0.52
C VAL A 51 3.76 -7.62 0.41
N GLU A 52 3.70 -8.83 0.88
CA GLU A 52 4.77 -9.34 1.79
C GLU A 52 5.35 -10.64 1.23
N ALA A 53 6.62 -10.87 1.46
CA ALA A 53 7.25 -12.12 0.94
C ALA A 53 8.49 -12.47 1.76
N GLU A 54 9.14 -13.55 1.43
CA GLU A 54 10.36 -13.94 2.19
C GLU A 54 11.28 -12.73 2.40
N ASP A 55 11.56 -12.00 1.36
CA ASP A 55 12.44 -10.81 1.50
C ASP A 55 12.16 -9.80 0.37
N SER A 56 12.99 -8.81 0.25
CA SER A 56 12.77 -7.79 -0.83
C SER A 56 12.83 -8.46 -2.20
N GLU A 57 13.73 -9.40 -2.38
CA GLU A 57 13.84 -10.09 -3.69
C GLU A 57 12.47 -10.60 -4.14
N THR A 58 11.76 -11.27 -3.28
CA THR A 58 10.41 -11.78 -3.66
C THR A 58 9.40 -10.63 -3.75
N LEU A 59 9.56 -9.63 -2.92
CA LEU A 59 8.61 -8.49 -2.96
C LEU A 59 8.70 -7.77 -4.32
N ILE A 60 9.89 -7.54 -4.79
CA ILE A 60 10.03 -6.85 -6.10
C ILE A 60 9.49 -7.75 -7.22
N GLN A 61 9.55 -9.03 -7.03
CA GLN A 61 9.03 -9.96 -8.08
C GLN A 61 7.59 -9.58 -8.44
N THR A 62 6.77 -9.31 -7.46
CA THR A 62 5.35 -8.94 -7.75
C THR A 62 5.31 -7.72 -8.67
N ILE A 63 6.14 -6.74 -8.45
CA ILE A 63 6.14 -5.54 -9.32
C ILE A 63 6.16 -5.95 -10.80
N GLU A 64 6.87 -7.00 -11.11
CA GLU A 64 6.93 -7.43 -12.54
C GLU A 64 5.50 -7.58 -13.09
N SER A 65 4.58 -8.00 -12.25
CA SER A 65 3.17 -8.16 -12.70
C SER A 65 2.54 -6.79 -13.01
N VAL A 66 2.56 -5.90 -12.05
CA VAL A 66 1.95 -4.56 -12.26
C VAL A 66 2.72 -3.77 -13.32
N ARG A 67 4.03 -3.82 -13.28
CA ARG A 67 4.83 -3.07 -14.29
C ARG A 67 4.60 -3.64 -15.69
N ASN A 68 4.53 -4.93 -15.82
CA ASN A 68 4.33 -5.54 -17.17
C ASN A 68 2.87 -5.37 -17.62
N VAL A 69 1.97 -5.14 -16.70
CA VAL A 69 0.53 -4.98 -17.09
C VAL A 69 0.37 -3.69 -17.91
N GLU A 70 -0.23 -3.79 -19.07
CA GLU A 70 -0.41 -2.57 -19.91
C GLU A 70 -1.26 -1.53 -19.19
N GLY A 71 -2.39 -1.92 -18.65
CA GLY A 71 -3.26 -0.95 -17.93
C GLY A 71 -2.40 -0.11 -16.99
N VAL A 72 -1.37 -0.68 -16.44
CA VAL A 72 -0.49 0.09 -15.50
C VAL A 72 0.42 1.04 -16.29
N LEU A 73 0.27 2.31 -16.08
CA LEU A 73 1.13 3.30 -16.80
C LEU A 73 2.26 3.77 -15.88
N ALA A 74 2.12 3.60 -14.61
CA ALA A 74 3.18 4.05 -13.66
C ALA A 74 3.18 3.16 -12.42
N VAL A 75 4.14 3.34 -11.55
CA VAL A 75 4.19 2.50 -10.31
C VAL A 75 4.99 3.22 -9.22
N SER A 76 4.36 3.52 -8.12
CA SER A 76 5.07 4.22 -7.01
C SER A 76 4.99 3.40 -5.72
N LEU A 77 6.02 2.66 -5.41
CA LEU A 77 5.99 1.84 -4.17
C LEU A 77 6.99 2.40 -3.14
N VAL A 78 6.52 3.06 -2.13
CA VAL A 78 7.43 3.62 -1.10
C VAL A 78 6.76 3.58 0.28
N TYR A 79 6.99 2.54 1.03
CA TYR A 79 6.37 2.45 2.39
C TYR A 79 6.81 1.16 3.08
N HIS A 80 7.49 1.27 4.18
CA HIS A 80 7.95 0.05 4.90
C HIS A 80 6.98 -0.29 6.04
N GLN A 81 6.64 -1.54 6.19
CA GLN A 81 5.69 -1.92 7.28
C GLN A 81 6.25 -3.11 8.07
N GLN A 82 6.78 -2.85 9.24
CA GLN A 82 7.33 -3.96 10.07
C GLN A 82 7.46 -3.53 11.53
N GLU A 83 7.12 -4.39 12.44
CA GLU A 83 7.22 -4.02 13.88
C GLU A 83 8.64 -4.28 14.40
N GLU A 84 9.30 -3.25 14.86
CA GLU A 84 10.69 -3.44 15.38
C GLU A 84 11.26 -2.10 15.84
N GLN A 85 10.42 -1.22 16.30
CA GLN A 85 10.92 0.10 16.78
C GLN A 85 11.62 0.85 15.64
N GLY A 86 10.99 0.93 14.50
CA GLY A 86 11.63 1.63 13.35
C GLY A 86 10.98 3.01 13.18
N GLU A 87 11.56 3.85 12.35
CA GLU A 87 10.99 5.21 12.15
C GLU A 87 11.18 6.07 13.40
N GLU A 88 12.30 5.94 14.05
CA GLU A 88 12.56 6.74 15.27
C GLU A 88 14.06 6.99 15.44
N THR A 89 14.47 7.41 16.60
CA THR A 89 15.92 7.67 16.83
C THR A 89 16.16 8.15 18.27
N PRO A 90 17.10 7.52 18.92
CA PRO A 90 17.42 7.88 20.32
C PRO A 90 18.17 9.22 20.37
N MET B 1 -13.72 -4.68 17.14
CA MET B 1 -14.91 -5.46 16.72
C MET B 1 -14.56 -6.37 15.53
N LYS B 2 -14.47 -5.81 14.36
CA LYS B 2 -14.13 -6.63 13.16
C LYS B 2 -12.69 -6.36 12.73
N LEU B 3 -12.49 -5.39 11.86
CA LEU B 3 -11.10 -5.09 11.40
C LEU B 3 -10.52 -3.93 12.21
N SER B 4 -9.29 -4.04 12.62
CA SER B 4 -8.66 -2.95 13.42
C SER B 4 -7.19 -2.77 13.02
N ARG B 5 -6.92 -2.73 11.73
CA ARG B 5 -5.51 -2.56 11.27
C ARG B 5 -5.48 -1.72 9.99
N ARG B 6 -6.25 -2.10 9.01
CA ARG B 6 -6.25 -1.33 7.73
C ARG B 6 -6.58 0.14 8.01
N SER B 7 -7.17 0.43 9.13
CA SER B 7 -7.52 1.84 9.45
C SER B 7 -6.28 2.56 9.98
N PHE B 8 -5.48 1.89 10.76
CA PHE B 8 -4.25 2.53 11.31
C PHE B 8 -3.14 2.52 10.25
N MET B 9 -3.00 1.44 9.53
CA MET B 9 -1.95 1.36 8.48
C MET B 9 -2.26 2.34 7.35
N LYS B 10 -3.46 2.32 6.85
CA LYS B 10 -3.81 3.26 5.74
C LYS B 10 -3.44 4.69 6.12
N ALA B 11 -3.49 5.01 7.39
CA ALA B 11 -3.14 6.40 7.82
C ALA B 11 -1.68 6.70 7.46
N ASN B 12 -0.79 5.79 7.71
CA ASN B 12 0.64 6.02 7.37
C ASN B 12 0.90 5.73 5.89
N ALA B 13 0.35 4.66 5.39
CA ALA B 13 0.57 4.32 3.95
C ALA B 13 0.19 5.50 3.07
N VAL B 14 -0.94 6.09 3.30
CA VAL B 14 -1.37 7.25 2.46
C VAL B 14 -0.35 8.38 2.59
N ALA B 15 0.30 8.49 3.71
CA ALA B 15 1.30 9.58 3.89
C ALA B 15 2.46 9.39 2.91
N ALA B 16 2.78 8.17 2.59
CA ALA B 16 3.90 7.92 1.64
C ALA B 16 3.36 7.67 0.23
N ALA B 17 2.09 7.44 0.12
CA ALA B 17 1.49 7.19 -1.23
C ALA B 17 0.88 8.47 -1.79
N ALA B 18 0.50 9.38 -0.93
CA ALA B 18 -0.11 10.65 -1.41
C ALA B 18 0.99 11.66 -1.76
N ALA B 19 1.92 11.88 -0.87
CA ALA B 19 3.02 12.84 -1.16
C ALA B 19 3.96 12.28 -2.23
N ALA B 20 3.80 11.03 -2.56
CA ALA B 20 4.70 10.42 -3.59
C ALA B 20 3.89 10.07 -4.84
N ALA B 21 2.82 9.34 -4.68
CA ALA B 21 1.99 8.96 -5.87
C ALA B 21 0.90 10.01 -6.10
N GLY B 22 1.02 11.16 -5.49
CA GLY B 22 -0.01 12.22 -5.67
C GLY B 22 -1.38 11.67 -5.31
N LEU B 23 -1.43 10.66 -4.48
CA LEU B 23 -2.75 10.08 -4.09
C LEU B 23 -3.58 11.11 -3.33
N SER B 24 -4.58 10.66 -2.63
CA SER B 24 -5.43 11.62 -1.85
C SER B 24 -4.78 11.94 -0.50
N VAL B 25 -5.18 13.00 0.13
CA VAL B 25 -4.59 13.36 1.45
C VAL B 25 -5.60 13.13 2.57
N PRO B 26 -5.68 11.90 3.00
CA PRO B 26 -6.62 11.53 4.09
C PRO B 26 -6.10 12.06 5.43
N GLY B 27 -5.32 11.27 6.12
CA GLY B 27 -4.79 11.73 7.45
C GLY B 27 -3.28 11.97 7.33
N VAL B 28 -2.85 12.68 6.33
CA VAL B 28 -1.40 12.95 6.17
C VAL B 28 -1.02 14.25 6.87
N ALA B 29 -1.77 15.29 6.65
CA ALA B 29 -1.46 16.60 7.30
C ALA B 29 -2.60 17.02 8.22
N ARG B 30 -3.70 17.47 7.67
CA ARG B 30 -4.85 17.89 8.51
C ARG B 30 -5.35 16.72 9.35
N ALA B 31 -6.64 16.62 9.53
CA ALA B 31 -7.19 15.50 10.33
C ALA B 31 -6.76 15.63 11.80
N VAL B 32 -6.46 16.82 12.23
CA VAL B 32 -6.03 17.02 13.65
C VAL B 32 -6.96 18.02 14.35
N VAL B 33 -7.58 18.88 13.60
CA VAL B 33 -8.50 19.88 14.23
C VAL B 33 -9.52 19.16 15.13
N GLY B 34 -9.37 19.28 16.42
CA GLY B 34 -10.32 18.62 17.35
C GLY B 34 -10.52 19.48 18.59
N GLN B 35 -9.56 19.49 19.48
CA GLN B 35 -9.69 20.30 20.73
C GLN B 35 -10.92 19.87 21.52
N GLY A 1 -5.04 -18.06 21.66
CA GLY A 1 -3.56 -17.95 21.67
C GLY A 1 -3.12 -16.68 20.95
N SER A 2 -2.11 -16.02 21.43
CA SER A 2 -1.65 -14.77 20.76
C SER A 2 -0.22 -14.43 21.21
N HIS A 3 0.09 -13.17 21.29
CA HIS A 3 1.46 -12.77 21.72
C HIS A 3 2.51 -13.32 20.75
N MET A 4 2.79 -12.60 19.70
CA MET A 4 3.79 -13.09 18.71
C MET A 4 3.96 -12.07 17.57
N HIS A 5 4.99 -11.27 17.62
CA HIS A 5 5.21 -10.27 16.54
C HIS A 5 6.48 -10.61 15.76
N THR A 6 6.35 -10.86 14.49
CA THR A 6 7.55 -11.20 13.67
C THR A 6 7.20 -11.14 12.18
N ASN A 7 7.96 -10.41 11.41
CA ASN A 7 7.67 -10.31 9.95
C ASN A 7 8.98 -10.30 9.16
N TRP A 8 8.89 -10.41 7.85
CA TRP A 8 10.13 -10.42 7.02
C TRP A 8 10.22 -9.11 6.22
N GLN A 9 9.37 -8.95 5.22
CA GLN A 9 9.43 -7.71 4.40
C GLN A 9 8.05 -7.44 3.78
N VAL A 10 7.53 -6.26 3.98
CA VAL A 10 6.20 -5.93 3.39
C VAL A 10 6.03 -4.41 3.29
N CYS A 11 5.55 -3.93 2.18
CA CYS A 11 5.37 -2.46 2.01
C CYS A 11 4.09 -2.18 1.21
N SER A 12 3.69 -0.93 1.13
CA SER A 12 2.47 -0.60 0.36
C SER A 12 2.85 0.05 -0.98
N LEU A 13 2.57 -0.63 -2.06
CA LEU A 13 2.92 -0.07 -3.40
C LEU A 13 1.69 0.53 -4.06
N VAL A 14 1.85 1.68 -4.67
CA VAL A 14 0.69 2.33 -5.34
C VAL A 14 0.74 2.05 -6.85
N VAL A 15 -0.05 1.12 -7.32
CA VAL A 15 -0.04 0.79 -8.77
C VAL A 15 -0.82 1.86 -9.55
N GLN A 16 -0.22 2.39 -10.58
CA GLN A 16 -0.93 3.43 -11.39
C GLN A 16 -1.33 2.87 -12.75
N ALA A 17 -2.60 2.70 -12.98
CA ALA A 17 -3.05 2.15 -14.30
C ALA A 17 -4.32 2.88 -14.76
N LYS A 18 -4.72 2.67 -15.99
CA LYS A 18 -5.95 3.36 -16.49
C LYS A 18 -7.03 3.35 -15.41
N SER A 19 -7.84 4.36 -15.36
CA SER A 19 -8.90 4.42 -14.32
C SER A 19 -9.69 3.10 -14.26
N GLU A 20 -10.11 2.58 -15.38
CA GLU A 20 -10.89 1.31 -15.35
C GLU A 20 -9.94 0.11 -15.48
N ARG A 21 -8.69 0.34 -15.73
CA ARG A 21 -7.74 -0.80 -15.82
C ARG A 21 -7.46 -1.32 -14.42
N ILE A 22 -7.12 -0.42 -13.54
CA ILE A 22 -6.83 -0.82 -12.13
C ILE A 22 -7.99 -1.58 -11.53
N SER A 23 -9.20 -1.14 -11.75
CA SER A 23 -10.34 -1.90 -11.17
C SER A 23 -10.19 -3.37 -11.56
N ASP A 24 -9.79 -3.61 -12.78
CA ASP A 24 -9.61 -5.02 -13.24
C ASP A 24 -8.36 -5.65 -12.60
N ILE A 25 -7.21 -5.07 -12.82
CA ILE A 25 -5.96 -5.64 -12.26
C ILE A 25 -5.79 -5.28 -10.78
N SER A 26 -5.94 -4.04 -10.42
CA SER A 26 -5.78 -3.65 -8.99
C SER A 26 -6.66 -4.55 -8.11
N THR A 27 -7.93 -4.64 -8.42
CA THR A 27 -8.82 -5.50 -7.60
C THR A 27 -8.26 -6.93 -7.54
N GLN A 28 -7.63 -7.36 -8.59
CA GLN A 28 -7.05 -8.74 -8.60
C GLN A 28 -5.99 -8.87 -7.50
N LEU A 29 -5.14 -7.87 -7.37
CA LEU A 29 -4.07 -7.94 -6.32
C LEU A 29 -4.70 -8.27 -4.97
N ASN A 30 -5.90 -7.81 -4.72
CA ASN A 30 -6.55 -8.10 -3.42
C ASN A 30 -6.89 -9.59 -3.31
N ALA A 31 -7.11 -10.24 -4.43
CA ALA A 31 -7.43 -11.69 -4.39
C ALA A 31 -6.18 -12.51 -4.06
N PHE A 32 -5.03 -12.01 -4.41
CA PHE A 32 -3.77 -12.75 -4.12
C PHE A 32 -3.57 -12.89 -2.61
N PRO A 33 -2.96 -13.98 -2.23
CA PRO A 33 -2.70 -14.24 -0.78
C PRO A 33 -1.58 -13.34 -0.28
N GLY A 34 -0.59 -13.08 -1.09
CA GLY A 34 0.53 -12.21 -0.66
C GLY A 34 0.17 -10.75 -0.90
N CYS A 35 -0.05 -10.37 -2.13
CA CYS A 35 -0.41 -8.96 -2.43
C CYS A 35 -1.83 -8.65 -1.94
N GLU A 36 -2.08 -7.43 -1.57
CA GLU A 36 -3.45 -7.08 -1.07
C GLU A 36 -3.68 -5.57 -1.20
N VAL A 37 -4.77 -5.17 -1.78
CA VAL A 37 -5.06 -3.71 -1.94
C VAL A 37 -5.42 -3.09 -0.59
N ALA A 38 -4.66 -2.13 -0.14
CA ALA A 38 -4.97 -1.48 1.17
C ALA A 38 -5.96 -0.33 0.98
N VAL A 39 -5.67 0.55 0.05
CA VAL A 39 -6.60 1.70 -0.19
C VAL A 39 -7.10 1.68 -1.64
N SER A 40 -8.37 1.59 -1.83
CA SER A 40 -8.92 1.56 -3.21
C SER A 40 -9.60 2.90 -3.54
N ASP A 41 -8.92 3.76 -4.25
CA ASP A 41 -9.52 5.07 -4.61
C ASP A 41 -9.29 5.37 -6.08
N ALA A 42 -10.21 6.07 -6.70
CA ALA A 42 -10.05 6.39 -8.15
C ALA A 42 -9.81 7.89 -8.36
N PRO A 43 -8.82 8.41 -7.69
CA PRO A 43 -8.48 9.86 -7.84
C PRO A 43 -7.88 10.10 -9.22
N SER A 44 -7.06 9.20 -9.68
CA SER A 44 -6.43 9.38 -11.02
C SER A 44 -6.20 8.02 -11.68
N GLY A 45 -6.80 6.99 -11.16
CA GLY A 45 -6.61 5.64 -11.76
C GLY A 45 -5.46 4.92 -11.06
N GLN A 46 -5.22 5.23 -9.82
CA GLN A 46 -4.11 4.55 -9.08
C GLN A 46 -4.61 4.02 -7.73
N LEU A 47 -4.24 2.81 -7.40
CA LEU A 47 -4.68 2.24 -6.09
C LEU A 47 -3.48 1.84 -5.24
N ILE A 48 -3.64 1.75 -3.95
CA ILE A 48 -2.50 1.37 -3.07
C ILE A 48 -2.58 -0.12 -2.72
N VAL A 49 -1.55 -0.87 -3.01
CA VAL A 49 -1.58 -2.33 -2.70
C VAL A 49 -0.30 -2.74 -1.97
N VAL A 50 -0.41 -3.38 -0.85
CA VAL A 50 0.79 -3.81 -0.09
C VAL A 50 1.06 -5.30 -0.30
N VAL A 51 2.30 -5.70 -0.30
CA VAL A 51 2.62 -7.15 -0.52
C VAL A 51 3.72 -7.59 0.44
N GLU A 52 3.65 -8.80 0.93
CA GLU A 52 4.70 -9.28 1.87
C GLU A 52 5.36 -10.55 1.31
N ALA A 53 6.63 -10.72 1.56
CA ALA A 53 7.33 -11.94 1.05
C ALA A 53 8.58 -12.23 1.89
N GLU A 54 9.24 -13.33 1.63
CA GLU A 54 10.46 -13.66 2.41
C GLU A 54 11.37 -12.42 2.54
N ASP A 55 11.60 -11.74 1.46
CA ASP A 55 12.47 -10.52 1.51
C ASP A 55 12.13 -9.58 0.37
N SER A 56 12.93 -8.57 0.16
CA SER A 56 12.66 -7.61 -0.95
C SER A 56 12.74 -8.33 -2.30
N GLU A 57 13.58 -9.32 -2.41
CA GLU A 57 13.71 -10.05 -3.70
C GLU A 57 12.34 -10.62 -4.11
N THR A 58 11.64 -11.25 -3.20
CA THR A 58 10.31 -11.83 -3.54
C THR A 58 9.27 -10.71 -3.67
N LEU A 59 9.43 -9.66 -2.91
CA LEU A 59 8.45 -8.54 -2.99
C LEU A 59 8.54 -7.86 -4.36
N ILE A 60 9.73 -7.61 -4.84
CA ILE A 60 9.88 -6.95 -6.17
C ILE A 60 9.37 -7.88 -7.27
N GLN A 61 9.46 -9.16 -7.04
CA GLN A 61 8.95 -10.13 -8.07
C GLN A 61 7.53 -9.77 -8.46
N THR A 62 6.69 -9.50 -7.50
CA THR A 62 5.27 -9.17 -7.81
C THR A 62 5.21 -7.95 -8.76
N ILE A 63 6.04 -6.98 -8.53
CA ILE A 63 6.04 -5.77 -9.41
C ILE A 63 6.07 -6.19 -10.89
N GLU A 64 6.77 -7.24 -11.21
CA GLU A 64 6.83 -7.68 -12.63
C GLU A 64 5.41 -7.80 -13.20
N SER A 65 4.47 -8.19 -12.38
CA SER A 65 3.07 -8.33 -12.87
C SER A 65 2.47 -6.95 -13.18
N VAL A 66 2.50 -6.05 -12.22
CA VAL A 66 1.91 -4.69 -12.43
C VAL A 66 2.72 -3.90 -13.46
N ARG A 67 4.03 -3.97 -13.41
CA ARG A 67 4.85 -3.21 -14.39
C ARG A 67 4.61 -3.73 -15.81
N ASN A 68 4.50 -5.03 -15.97
CA ASN A 68 4.27 -5.58 -17.34
C ASN A 68 2.82 -5.37 -17.77
N VAL A 69 1.94 -5.14 -16.84
CA VAL A 69 0.52 -4.93 -17.22
C VAL A 69 0.37 -3.62 -18.00
N GLU A 70 -0.12 -3.69 -19.21
CA GLU A 70 -0.28 -2.45 -20.02
C GLU A 70 -1.12 -1.42 -19.27
N GLY A 71 -2.26 -1.81 -18.77
CA GLY A 71 -3.12 -0.86 -18.02
C GLY A 71 -2.28 -0.05 -17.04
N VAL A 72 -1.26 -0.65 -16.50
CA VAL A 72 -0.39 0.09 -15.53
C VAL A 72 0.61 0.98 -16.27
N LEU A 73 0.51 2.26 -16.09
CA LEU A 73 1.46 3.19 -16.79
C LEU A 73 2.58 3.61 -15.83
N ALA A 74 2.34 3.55 -14.55
CA ALA A 74 3.40 3.95 -13.58
C ALA A 74 3.25 3.16 -12.27
N VAL A 75 4.18 3.30 -11.37
CA VAL A 75 4.09 2.56 -10.08
C VAL A 75 4.92 3.27 -9.00
N SER A 76 4.29 3.71 -7.95
CA SER A 76 5.04 4.41 -6.87
C SER A 76 4.90 3.63 -5.55
N LEU A 77 5.90 2.88 -5.18
CA LEU A 77 5.82 2.10 -3.91
C LEU A 77 6.85 2.63 -2.91
N VAL A 78 6.39 3.35 -1.91
CA VAL A 78 7.33 3.90 -0.90
C VAL A 78 6.72 3.79 0.50
N TYR A 79 7.00 2.72 1.19
CA TYR A 79 6.44 2.55 2.57
C TYR A 79 6.94 1.24 3.18
N HIS A 80 7.73 1.32 4.22
CA HIS A 80 8.24 0.07 4.86
C HIS A 80 7.43 -0.25 6.12
N GLN A 81 7.02 -1.47 6.27
CA GLN A 81 6.22 -1.84 7.48
C GLN A 81 6.66 -3.22 8.01
N GLN A 82 7.28 -3.25 9.15
CA GLN A 82 7.73 -4.55 9.71
C GLN A 82 7.90 -4.45 11.23
N GLU A 83 7.48 -5.45 11.95
CA GLU A 83 7.62 -5.42 13.43
C GLU A 83 8.77 -6.31 13.88
N GLU A 84 9.46 -5.92 14.93
CA GLU A 84 10.61 -6.74 15.41
C GLU A 84 11.05 -6.27 16.79
N GLN A 85 12.16 -6.75 17.27
CA GLN A 85 12.65 -6.33 18.61
C GLN A 85 13.82 -5.37 18.47
N GLY A 86 13.90 -4.39 19.33
CA GLY A 86 15.03 -3.42 19.24
C GLY A 86 15.18 -2.93 17.80
N GLU A 87 16.19 -2.16 17.53
CA GLU A 87 16.39 -1.66 16.14
C GLU A 87 15.06 -1.18 15.56
N GLU A 88 14.38 -0.31 16.24
CA GLU A 88 13.07 0.18 15.72
C GLU A 88 13.29 1.06 14.49
N THR A 89 12.40 0.99 13.53
CA THR A 89 12.55 1.82 12.31
C THR A 89 11.20 2.00 11.60
N PRO A 90 10.93 3.21 11.21
CA PRO A 90 9.66 3.51 10.51
C PRO A 90 9.68 2.97 9.08
N MET B 1 -15.26 -1.85 16.14
CA MET B 1 -15.78 -3.16 16.62
C MET B 1 -15.33 -4.28 15.67
N LYS B 2 -14.75 -3.93 14.56
CA LYS B 2 -14.30 -4.97 13.59
C LYS B 2 -13.00 -4.51 12.89
N LEU B 3 -12.93 -3.27 12.52
CA LEU B 3 -11.71 -2.76 11.84
C LEU B 3 -10.75 -2.14 12.86
N SER B 4 -9.59 -2.72 13.03
CA SER B 4 -8.62 -2.16 14.02
C SER B 4 -7.20 -2.22 13.46
N ARG B 5 -7.06 -2.12 12.16
CA ARG B 5 -5.70 -2.17 11.54
C ARG B 5 -5.68 -1.38 10.24
N ARG B 6 -6.43 -1.82 9.26
CA ARG B 6 -6.45 -1.08 7.96
C ARG B 6 -6.65 0.41 8.19
N SER B 7 -7.22 0.78 9.30
CA SER B 7 -7.44 2.23 9.58
C SER B 7 -6.14 2.85 10.10
N PHE B 8 -5.38 2.10 10.86
CA PHE B 8 -4.11 2.65 11.40
C PHE B 8 -3.01 2.55 10.32
N MET B 9 -2.97 1.47 9.60
CA MET B 9 -1.94 1.31 8.54
C MET B 9 -2.20 2.30 7.40
N LYS B 10 -3.42 2.38 6.94
CA LYS B 10 -3.74 3.33 5.84
C LYS B 10 -3.34 4.75 6.23
N ALA B 11 -3.40 5.06 7.49
CA ALA B 11 -3.02 6.44 7.94
C ALA B 11 -1.56 6.72 7.57
N ASN B 12 -0.69 5.79 7.85
CA ASN B 12 0.76 6.01 7.52
C ASN B 12 1.01 5.69 6.05
N ALA B 13 0.40 4.65 5.54
CA ALA B 13 0.60 4.28 4.11
C ALA B 13 0.23 5.45 3.21
N VAL B 14 -0.91 6.05 3.43
CA VAL B 14 -1.33 7.19 2.57
C VAL B 14 -0.29 8.32 2.66
N ALA B 15 0.37 8.45 3.78
CA ALA B 15 1.39 9.52 3.93
C ALA B 15 2.55 9.29 2.95
N ALA B 16 2.85 8.04 2.68
CA ALA B 16 3.97 7.75 1.73
C ALA B 16 3.42 7.56 0.31
N ALA B 17 2.13 7.41 0.17
CA ALA B 17 1.54 7.24 -1.19
C ALA B 17 0.88 8.54 -1.64
N ALA B 18 0.55 9.41 -0.73
CA ALA B 18 -0.09 10.70 -1.11
C ALA B 18 0.98 11.73 -1.49
N ALA B 19 1.96 11.91 -0.64
CA ALA B 19 3.03 12.90 -0.95
C ALA B 19 3.92 12.38 -2.09
N ALA B 20 3.76 11.13 -2.45
CA ALA B 20 4.60 10.56 -3.55
C ALA B 20 3.73 10.30 -4.79
N ALA B 21 2.64 9.60 -4.63
CA ALA B 21 1.75 9.32 -5.78
C ALA B 21 0.71 10.44 -5.94
N GLY B 22 0.92 11.53 -5.28
CA GLY B 22 -0.05 12.66 -5.39
C GLY B 22 -1.45 12.17 -5.00
N LEU B 23 -1.54 11.12 -4.25
CA LEU B 23 -2.88 10.59 -3.85
C LEU B 23 -3.53 11.55 -2.85
N SER B 24 -4.54 11.09 -2.15
CA SER B 24 -5.22 11.97 -1.17
C SER B 24 -4.40 12.05 0.13
N VAL B 25 -4.67 13.04 0.95
CA VAL B 25 -3.90 13.17 2.22
C VAL B 25 -4.83 12.91 3.42
N PRO B 26 -5.18 11.67 3.58
CA PRO B 26 -6.08 11.27 4.70
C PRO B 26 -5.32 11.33 6.04
N GLY B 27 -4.69 10.26 6.41
CA GLY B 27 -3.94 10.25 7.70
C GLY B 27 -3.14 11.55 7.85
N VAL B 28 -2.78 12.17 6.75
CA VAL B 28 -2.01 13.44 6.82
C VAL B 28 -2.59 14.34 7.93
N ALA B 29 -3.85 14.20 8.23
CA ALA B 29 -4.47 15.04 9.29
C ALA B 29 -4.82 14.19 10.51
N ARG B 30 -5.30 13.00 10.30
CA ARG B 30 -5.66 12.12 11.44
C ARG B 30 -6.68 12.81 12.35
N ALA B 31 -7.70 13.40 11.77
CA ALA B 31 -8.72 14.09 12.59
C ALA B 31 -9.78 13.10 13.07
N VAL B 32 -9.65 11.85 12.69
CA VAL B 32 -10.65 10.83 13.13
C VAL B 32 -12.02 11.17 12.55
N VAL B 33 -12.07 12.09 11.64
CA VAL B 33 -13.38 12.46 11.02
C VAL B 33 -14.29 13.10 12.07
N GLY B 34 -14.72 12.33 13.05
CA GLY B 34 -15.61 12.89 14.09
C GLY B 34 -15.79 11.86 15.21
N GLN B 35 -14.77 11.59 15.96
CA GLN B 35 -14.88 10.60 17.06
C GLN B 35 -15.67 9.37 16.59
N GLY A 1 -5.59 -16.22 15.32
CA GLY A 1 -6.94 -16.07 15.95
C GLY A 1 -6.96 -14.81 16.82
N SER A 2 -6.37 -14.87 17.97
CA SER A 2 -6.36 -13.66 18.88
C SER A 2 -4.92 -13.17 19.08
N HIS A 3 -3.99 -14.07 19.22
CA HIS A 3 -2.57 -13.66 19.43
C HIS A 3 -1.70 -14.19 18.28
N MET A 4 -1.05 -13.31 17.56
CA MET A 4 -0.19 -13.76 16.43
C MET A 4 0.44 -12.55 15.74
N HIS A 5 1.53 -12.05 16.24
CA HIS A 5 2.18 -10.88 15.60
C HIS A 5 3.56 -11.28 15.04
N THR A 6 3.72 -11.20 13.75
CA THR A 6 5.04 -11.57 13.14
C THR A 6 5.09 -11.11 11.68
N ASN A 7 6.09 -10.37 11.32
CA ASN A 7 6.20 -9.89 9.92
C ASN A 7 7.67 -9.90 9.46
N TRP A 8 7.90 -10.18 8.21
CA TRP A 8 9.30 -10.21 7.69
C TRP A 8 9.58 -8.94 6.88
N GLN A 9 8.97 -8.81 5.74
CA GLN A 9 9.20 -7.60 4.89
C GLN A 9 7.97 -7.33 4.02
N VAL A 10 7.39 -6.18 4.15
CA VAL A 10 6.18 -5.86 3.33
C VAL A 10 5.99 -4.34 3.23
N CYS A 11 5.57 -3.86 2.10
CA CYS A 11 5.36 -2.40 1.93
C CYS A 11 4.10 -2.13 1.11
N SER A 12 3.68 -0.90 1.02
CA SER A 12 2.46 -0.59 0.23
C SER A 12 2.86 0.04 -1.12
N LEU A 13 2.52 -0.61 -2.20
CA LEU A 13 2.88 -0.07 -3.53
C LEU A 13 1.67 0.62 -4.18
N VAL A 14 1.89 1.72 -4.83
CA VAL A 14 0.75 2.43 -5.49
C VAL A 14 0.71 2.10 -6.99
N VAL A 15 -0.14 1.20 -7.38
CA VAL A 15 -0.22 0.83 -8.82
C VAL A 15 -0.98 1.89 -9.60
N GLN A 16 -0.34 2.49 -10.58
CA GLN A 16 -1.01 3.53 -11.39
C GLN A 16 -1.46 2.96 -12.73
N ALA A 17 -2.74 2.80 -12.92
CA ALA A 17 -3.23 2.25 -14.21
C ALA A 17 -4.52 2.98 -14.64
N LYS A 18 -4.96 2.77 -15.85
CA LYS A 18 -6.20 3.46 -16.31
C LYS A 18 -7.25 3.40 -15.21
N SER A 19 -8.09 4.41 -15.13
CA SER A 19 -9.13 4.43 -14.07
C SER A 19 -9.87 3.09 -14.02
N GLU A 20 -10.29 2.56 -15.14
CA GLU A 20 -11.03 1.27 -15.09
C GLU A 20 -10.06 0.10 -15.28
N ARG A 21 -8.81 0.38 -15.54
CA ARG A 21 -7.82 -0.73 -15.67
C ARG A 21 -7.51 -1.25 -14.28
N ILE A 22 -7.19 -0.36 -13.39
CA ILE A 22 -6.86 -0.77 -11.99
C ILE A 22 -8.00 -1.57 -11.39
N SER A 23 -9.22 -1.19 -11.61
CA SER A 23 -10.34 -1.98 -11.03
C SER A 23 -10.15 -3.43 -11.42
N ASP A 24 -9.75 -3.68 -12.63
CA ASP A 24 -9.52 -5.09 -13.09
C ASP A 24 -8.27 -5.68 -12.43
N ILE A 25 -7.14 -5.06 -12.64
CA ILE A 25 -5.87 -5.62 -12.07
C ILE A 25 -5.73 -5.25 -10.58
N SER A 26 -5.91 -4.01 -10.23
CA SER A 26 -5.77 -3.62 -8.80
C SER A 26 -6.65 -4.53 -7.93
N THR A 27 -7.90 -4.66 -8.24
CA THR A 27 -8.79 -5.53 -7.42
C THR A 27 -8.20 -6.94 -7.34
N GLN A 28 -7.55 -7.37 -8.39
CA GLN A 28 -6.93 -8.73 -8.39
C GLN A 28 -5.88 -8.83 -7.27
N LEU A 29 -5.07 -7.83 -7.15
CA LEU A 29 -4.02 -7.86 -6.09
C LEU A 29 -4.65 -8.18 -4.73
N ASN A 30 -5.84 -7.70 -4.49
CA ASN A 30 -6.51 -7.99 -3.19
C ASN A 30 -6.88 -9.47 -3.10
N ALA A 31 -7.07 -10.11 -4.23
CA ALA A 31 -7.43 -11.55 -4.20
C ALA A 31 -6.21 -12.40 -3.83
N PHE A 32 -5.03 -11.92 -4.12
CA PHE A 32 -3.81 -12.69 -3.78
C PHE A 32 -3.52 -12.60 -2.28
N PRO A 33 -2.90 -13.62 -1.77
CA PRO A 33 -2.56 -13.66 -0.33
C PRO A 33 -1.40 -12.70 -0.02
N GLY A 34 -0.30 -12.87 -0.69
CA GLY A 34 0.86 -11.96 -0.45
C GLY A 34 0.47 -10.51 -0.75
N CYS A 35 0.09 -10.24 -1.97
CA CYS A 35 -0.30 -8.85 -2.33
C CYS A 35 -1.68 -8.52 -1.76
N GLU A 36 -1.93 -7.28 -1.45
CA GLU A 36 -3.26 -6.90 -0.89
C GLU A 36 -3.50 -5.40 -1.06
N VAL A 37 -4.64 -5.02 -1.58
CA VAL A 37 -4.93 -3.58 -1.78
C VAL A 37 -5.11 -2.87 -0.44
N ALA A 38 -4.38 -1.81 -0.21
CA ALA A 38 -4.51 -1.09 1.09
C ALA A 38 -5.57 0.02 0.97
N VAL A 39 -5.39 0.93 0.06
CA VAL A 39 -6.39 2.02 -0.11
C VAL A 39 -6.91 2.03 -1.55
N SER A 40 -8.19 1.88 -1.73
CA SER A 40 -8.74 1.86 -3.11
C SER A 40 -9.46 3.18 -3.42
N ASP A 41 -8.83 4.03 -4.19
CA ASP A 41 -9.44 5.33 -4.54
C ASP A 41 -9.30 5.59 -6.04
N ALA A 42 -10.23 6.28 -6.62
CA ALA A 42 -10.16 6.54 -8.08
C ALA A 42 -9.89 8.03 -8.38
N PRO A 43 -8.87 8.56 -7.77
CA PRO A 43 -8.51 9.98 -8.01
C PRO A 43 -7.93 10.13 -9.40
N SER A 44 -7.12 9.20 -9.82
CA SER A 44 -6.51 9.27 -11.18
C SER A 44 -6.34 7.85 -11.75
N GLY A 45 -6.96 6.89 -11.13
CA GLY A 45 -6.84 5.49 -11.65
C GLY A 45 -5.66 4.78 -10.98
N GLN A 46 -5.37 5.13 -9.75
CA GLN A 46 -4.22 4.49 -9.04
C GLN A 46 -4.65 3.99 -7.65
N LEU A 47 -4.35 2.76 -7.33
CA LEU A 47 -4.72 2.22 -5.99
C LEU A 47 -3.47 1.77 -5.24
N ILE A 48 -3.56 1.65 -3.94
CA ILE A 48 -2.36 1.22 -3.16
C ILE A 48 -2.44 -0.29 -2.85
N VAL A 49 -1.41 -1.02 -3.15
CA VAL A 49 -1.43 -2.48 -2.88
C VAL A 49 -0.16 -2.89 -2.11
N VAL A 50 -0.33 -3.56 -1.01
CA VAL A 50 0.86 -3.99 -0.22
C VAL A 50 1.15 -5.48 -0.45
N VAL A 51 2.39 -5.86 -0.43
CA VAL A 51 2.73 -7.30 -0.65
C VAL A 51 3.88 -7.71 0.28
N GLU A 52 3.79 -8.88 0.87
CA GLU A 52 4.87 -9.33 1.78
C GLU A 52 5.52 -10.62 1.25
N ALA A 53 6.78 -10.80 1.49
CA ALA A 53 7.47 -12.03 0.99
C ALA A 53 8.71 -12.32 1.84
N GLU A 54 9.35 -13.43 1.61
CA GLU A 54 10.57 -13.77 2.40
C GLU A 54 11.49 -12.55 2.50
N ASP A 55 11.73 -11.89 1.39
CA ASP A 55 12.61 -10.69 1.42
C ASP A 55 12.28 -9.76 0.26
N SER A 56 13.09 -8.76 0.03
CA SER A 56 12.81 -7.82 -1.10
C SER A 56 12.88 -8.56 -2.43
N GLU A 57 13.78 -9.50 -2.57
CA GLU A 57 13.89 -10.26 -3.85
C GLU A 57 12.51 -10.77 -4.28
N THR A 58 11.75 -11.30 -3.38
CA THR A 58 10.39 -11.81 -3.74
C THR A 58 9.40 -10.64 -3.84
N LEU A 59 9.58 -9.63 -3.03
CA LEU A 59 8.64 -8.47 -3.09
C LEU A 59 8.73 -7.79 -4.45
N ILE A 60 9.91 -7.59 -4.96
CA ILE A 60 10.06 -6.94 -6.28
C ILE A 60 9.48 -7.84 -7.37
N GLN A 61 9.52 -9.12 -7.16
CA GLN A 61 8.95 -10.06 -8.17
C GLN A 61 7.51 -9.66 -8.50
N THR A 62 6.72 -9.37 -7.52
CA THR A 62 5.30 -8.98 -7.77
C THR A 62 5.24 -7.77 -8.72
N ILE A 63 6.11 -6.80 -8.55
CA ILE A 63 6.09 -5.62 -9.44
C ILE A 63 6.06 -6.06 -10.91
N GLU A 64 6.75 -7.12 -11.23
CA GLU A 64 6.76 -7.59 -12.65
C GLU A 64 5.32 -7.75 -13.15
N SER A 65 4.43 -8.13 -12.28
CA SER A 65 3.01 -8.31 -12.70
C SER A 65 2.38 -6.94 -13.00
N VAL A 66 2.42 -6.04 -12.07
CA VAL A 66 1.83 -4.69 -12.28
C VAL A 66 2.60 -3.89 -13.34
N ARG A 67 3.90 -3.95 -13.29
CA ARG A 67 4.71 -3.19 -14.29
C ARG A 67 4.47 -3.73 -15.70
N ASN A 68 4.38 -5.02 -15.84
CA ASN A 68 4.16 -5.61 -17.20
C ASN A 68 2.70 -5.42 -17.64
N VAL A 69 1.81 -5.21 -16.70
CA VAL A 69 0.38 -5.02 -17.09
C VAL A 69 0.21 -3.71 -17.85
N GLU A 70 -0.30 -3.77 -19.05
CA GLU A 70 -0.48 -2.53 -19.85
C GLU A 70 -1.33 -1.50 -19.10
N GLY A 71 -2.45 -1.93 -18.56
CA GLY A 71 -3.33 -0.98 -17.81
C GLY A 71 -2.47 -0.15 -16.85
N VAL A 72 -1.42 -0.73 -16.32
CA VAL A 72 -0.56 0.03 -15.38
C VAL A 72 0.41 0.95 -16.15
N LEU A 73 0.29 2.23 -15.96
CA LEU A 73 1.20 3.17 -16.68
C LEU A 73 2.32 3.63 -15.74
N ALA A 74 2.11 3.57 -14.45
CA ALA A 74 3.17 4.00 -13.50
C ALA A 74 3.08 3.17 -12.21
N VAL A 75 4.03 3.35 -11.33
CA VAL A 75 4.00 2.57 -10.05
C VAL A 75 4.92 3.23 -9.00
N SER A 76 4.36 3.65 -7.91
CA SER A 76 5.19 4.30 -6.85
C SER A 76 5.03 3.56 -5.52
N LEU A 77 5.97 2.73 -5.17
CA LEU A 77 5.86 1.97 -3.89
C LEU A 77 6.91 2.46 -2.89
N VAL A 78 6.50 3.21 -1.90
CA VAL A 78 7.47 3.71 -0.89
C VAL A 78 6.84 3.72 0.50
N TYR A 79 7.01 2.66 1.24
CA TYR A 79 6.41 2.60 2.61
C TYR A 79 6.72 1.26 3.27
N HIS A 80 7.43 1.28 4.37
CA HIS A 80 7.77 0.00 5.06
C HIS A 80 6.73 -0.30 6.14
N GLN A 81 6.30 -1.53 6.24
CA GLN A 81 5.30 -1.89 7.29
C GLN A 81 5.64 -3.23 7.92
N GLN A 82 6.01 -3.22 9.18
CA GLN A 82 6.36 -4.51 9.85
C GLN A 82 6.10 -4.40 11.36
N GLU A 83 5.56 -5.41 11.96
CA GLU A 83 5.29 -5.36 13.43
C GLU A 83 6.43 -6.03 14.20
N GLU A 84 6.86 -5.43 15.27
CA GLU A 84 7.97 -6.02 16.08
C GLU A 84 8.05 -5.35 17.45
N GLN A 85 9.07 -5.66 18.21
CA GLN A 85 9.20 -5.03 19.56
C GLN A 85 9.23 -3.51 19.44
N GLY A 86 9.01 -2.81 20.52
CA GLY A 86 9.03 -1.32 20.47
C GLY A 86 8.27 -0.75 21.67
N GLU A 87 8.77 0.30 22.26
CA GLU A 87 8.08 0.90 23.43
C GLU A 87 8.29 2.41 23.46
N GLU A 88 7.94 3.08 22.39
CA GLU A 88 8.12 4.57 22.36
C GLU A 88 6.76 5.27 22.49
N THR A 89 6.70 6.53 22.16
CA THR A 89 5.42 7.27 22.27
C THR A 89 4.61 7.11 20.98
N PRO A 90 3.53 6.37 21.08
CA PRO A 90 2.65 6.14 19.91
C PRO A 90 1.86 7.40 19.57
N MET B 1 -12.50 4.91 16.27
CA MET B 1 -12.72 4.01 15.11
C MET B 1 -12.10 2.64 15.38
N LYS B 2 -10.81 2.53 15.27
CA LYS B 2 -10.14 1.23 15.52
C LYS B 2 -10.89 0.10 14.80
N LEU B 3 -10.60 -0.12 13.55
CA LEU B 3 -11.30 -1.20 12.79
C LEU B 3 -10.55 -2.52 12.94
N SER B 4 -9.28 -2.53 12.63
CA SER B 4 -8.49 -3.79 12.75
C SER B 4 -7.02 -3.52 12.43
N ARG B 5 -6.73 -3.12 11.22
CA ARG B 5 -5.31 -2.84 10.84
C ARG B 5 -5.25 -2.02 9.55
N ARG B 6 -6.12 -2.30 8.62
CA ARG B 6 -6.11 -1.54 7.34
C ARG B 6 -6.58 -0.10 7.59
N SER B 7 -7.27 0.14 8.68
CA SER B 7 -7.74 1.52 8.97
C SER B 7 -6.59 2.35 9.54
N PHE B 8 -5.79 1.76 10.39
CA PHE B 8 -4.64 2.51 10.97
C PHE B 8 -3.47 2.54 9.98
N MET B 9 -3.22 1.45 9.31
CA MET B 9 -2.11 1.43 8.32
C MET B 9 -2.39 2.39 7.17
N LYS B 10 -3.53 2.26 6.55
CA LYS B 10 -3.86 3.17 5.41
C LYS B 10 -3.61 4.63 5.81
N ALA B 11 -3.81 4.95 7.05
CA ALA B 11 -3.59 6.36 7.51
C ALA B 11 -2.11 6.74 7.27
N ASN B 12 -1.20 5.89 7.61
CA ASN B 12 0.24 6.21 7.41
C ASN B 12 0.65 5.91 5.96
N ALA B 13 0.14 4.84 5.41
CA ALA B 13 0.49 4.49 4.01
C ALA B 13 0.18 5.66 3.07
N VAL B 14 -0.99 6.22 3.17
CA VAL B 14 -1.35 7.35 2.28
C VAL B 14 -0.37 8.51 2.49
N ALA B 15 0.14 8.67 3.68
CA ALA B 15 1.10 9.78 3.94
C ALA B 15 2.38 9.57 3.13
N ALA B 16 2.74 8.34 2.90
CA ALA B 16 3.98 8.06 2.10
C ALA B 16 3.62 7.74 0.65
N ALA B 17 2.36 7.50 0.39
CA ALA B 17 1.94 7.19 -1.01
C ALA B 17 1.32 8.43 -1.67
N ALA B 18 0.79 9.33 -0.87
CA ALA B 18 0.18 10.56 -1.45
C ALA B 18 1.25 11.60 -1.74
N ALA B 19 2.12 11.86 -0.80
CA ALA B 19 3.19 12.87 -1.04
C ALA B 19 4.26 12.29 -1.98
N ALA B 20 4.19 11.01 -2.24
CA ALA B 20 5.20 10.39 -3.15
C ALA B 20 4.55 10.04 -4.49
N ALA B 21 3.46 9.31 -4.45
CA ALA B 21 2.79 8.94 -5.73
C ALA B 21 1.75 10.00 -6.11
N GLY B 22 1.80 11.15 -5.49
CA GLY B 22 0.82 12.22 -5.82
C GLY B 22 -0.60 11.69 -5.62
N LEU B 23 -0.77 10.74 -4.74
CA LEU B 23 -2.13 10.18 -4.51
C LEU B 23 -3.02 11.21 -3.81
N SER B 24 -4.11 10.77 -3.23
CA SER B 24 -5.01 11.72 -2.53
C SER B 24 -4.46 12.05 -1.14
N VAL B 25 -4.93 13.11 -0.54
CA VAL B 25 -4.43 13.49 0.81
C VAL B 25 -5.51 13.22 1.87
N PRO B 26 -5.64 11.98 2.22
CA PRO B 26 -6.65 11.58 3.24
C PRO B 26 -6.21 12.02 4.64
N GLY B 27 -5.49 11.20 5.34
CA GLY B 27 -5.02 11.58 6.70
C GLY B 27 -3.80 12.49 6.60
N VAL B 28 -3.22 12.59 5.43
CA VAL B 28 -2.02 13.45 5.27
C VAL B 28 -2.36 14.90 5.64
N ALA B 29 -3.63 15.23 5.70
CA ALA B 29 -4.02 16.62 6.07
C ALA B 29 -4.79 16.62 7.39
N ARG B 30 -5.47 15.54 7.70
CA ARG B 30 -6.24 15.48 8.97
C ARG B 30 -5.39 14.89 10.09
N ALA B 31 -4.09 14.98 9.96
CA ALA B 31 -3.19 14.42 11.02
C ALA B 31 -2.91 15.48 12.08
N VAL B 32 -3.42 16.66 11.91
CA VAL B 32 -3.18 17.74 12.91
C VAL B 32 -4.48 18.09 13.63
N VAL B 33 -5.60 17.73 13.06
CA VAL B 33 -6.90 18.04 13.72
C VAL B 33 -7.22 17.00 14.80
N GLY B 34 -7.59 15.81 14.40
CA GLY B 34 -7.90 14.76 15.41
C GLY B 34 -8.18 13.44 14.69
N GLN B 35 -7.94 12.33 15.34
CA GLN B 35 -8.20 11.02 14.70
C GLN B 35 -7.58 10.98 13.30
N GLY A 1 5.36 -7.98 30.65
CA GLY A 1 5.44 -7.14 29.43
C GLY A 1 4.53 -7.73 28.35
N SER A 2 3.72 -6.91 27.72
CA SER A 2 2.82 -7.43 26.66
C SER A 2 3.48 -7.29 25.28
N HIS A 3 4.49 -8.08 25.01
CA HIS A 3 5.18 -7.99 23.69
C HIS A 3 4.31 -8.63 22.60
N MET A 4 4.36 -8.10 21.41
CA MET A 4 3.54 -8.68 20.30
C MET A 4 4.01 -8.14 18.96
N HIS A 5 5.16 -8.55 18.51
CA HIS A 5 5.68 -8.06 17.20
C HIS A 5 6.41 -9.18 16.46
N THR A 6 5.94 -9.53 15.29
CA THR A 6 6.61 -10.62 14.51
C THR A 6 6.18 -10.57 13.05
N ASN A 7 7.08 -10.25 12.17
CA ASN A 7 6.71 -10.18 10.72
C ASN A 7 7.93 -10.51 9.85
N TRP A 8 7.73 -10.65 8.57
CA TRP A 8 8.88 -10.98 7.67
C TRP A 8 9.23 -9.76 6.81
N GLN A 9 8.43 -9.47 5.83
CA GLN A 9 8.72 -8.29 4.96
C GLN A 9 7.47 -7.88 4.17
N VAL A 10 7.07 -6.65 4.27
CA VAL A 10 5.86 -6.19 3.53
C VAL A 10 5.89 -4.68 3.35
N CYS A 11 5.44 -4.20 2.22
CA CYS A 11 5.44 -2.73 1.98
C CYS A 11 4.19 -2.32 1.20
N SER A 12 3.95 -1.05 1.07
CA SER A 12 2.74 -0.59 0.31
C SER A 12 3.15 -0.05 -1.05
N LEU A 13 2.74 -0.69 -2.12
CA LEU A 13 3.10 -0.21 -3.47
C LEU A 13 1.91 0.48 -4.12
N VAL A 14 2.14 1.60 -4.76
CA VAL A 14 1.01 2.33 -5.42
C VAL A 14 0.97 2.02 -6.92
N VAL A 15 0.11 1.12 -7.32
CA VAL A 15 0.04 0.78 -8.77
C VAL A 15 -0.74 1.86 -9.53
N GLN A 16 -0.15 2.40 -10.56
CA GLN A 16 -0.85 3.46 -11.35
C GLN A 16 -1.27 2.92 -12.71
N ALA A 17 -2.54 2.77 -12.94
CA ALA A 17 -3.01 2.25 -14.25
C ALA A 17 -4.27 2.99 -14.68
N LYS A 18 -4.69 2.81 -15.91
CA LYS A 18 -5.92 3.52 -16.39
C LYS A 18 -7.00 3.47 -15.30
N SER A 19 -7.80 4.49 -15.21
CA SER A 19 -8.86 4.50 -14.16
C SER A 19 -9.64 3.19 -14.14
N GLU A 20 -10.07 2.70 -15.27
CA GLU A 20 -10.84 1.42 -15.27
C GLU A 20 -9.90 0.23 -15.45
N ARG A 21 -8.64 0.48 -15.69
CA ARG A 21 -7.68 -0.65 -15.83
C ARG A 21 -7.40 -1.21 -14.44
N ILE A 22 -7.07 -0.33 -13.53
CA ILE A 22 -6.77 -0.77 -12.14
C ILE A 22 -7.92 -1.57 -11.56
N SER A 23 -9.13 -1.17 -11.80
CA SER A 23 -10.26 -1.96 -11.24
C SER A 23 -10.07 -3.42 -11.65
N ASP A 24 -9.66 -3.66 -12.86
CA ASP A 24 -9.45 -5.05 -13.33
C ASP A 24 -8.19 -5.66 -12.68
N ILE A 25 -7.06 -5.04 -12.89
CA ILE A 25 -5.80 -5.60 -12.31
C ILE A 25 -5.65 -5.26 -10.82
N SER A 26 -5.83 -4.02 -10.45
CA SER A 26 -5.70 -3.65 -9.01
C SER A 26 -6.58 -4.56 -8.15
N THR A 27 -7.84 -4.67 -8.48
CA THR A 27 -8.73 -5.55 -7.67
C THR A 27 -8.15 -6.96 -7.59
N GLN A 28 -7.47 -7.39 -8.63
CA GLN A 28 -6.85 -8.74 -8.61
C GLN A 28 -5.81 -8.84 -7.49
N LEU A 29 -5.00 -7.84 -7.35
CA LEU A 29 -3.96 -7.86 -6.28
C LEU A 29 -4.60 -8.19 -4.94
N ASN A 30 -5.82 -7.80 -4.73
CA ASN A 30 -6.50 -8.10 -3.43
C ASN A 30 -6.91 -9.58 -3.39
N ALA A 31 -7.07 -10.19 -4.54
CA ALA A 31 -7.47 -11.63 -4.56
C ALA A 31 -6.29 -12.51 -4.15
N PHE A 32 -5.09 -12.07 -4.39
CA PHE A 32 -3.91 -12.88 -4.02
C PHE A 32 -3.63 -12.76 -2.52
N PRO A 33 -3.01 -13.79 -1.99
CA PRO A 33 -2.69 -13.80 -0.54
C PRO A 33 -1.54 -12.84 -0.23
N GLY A 34 -0.43 -13.01 -0.89
CA GLY A 34 0.73 -12.11 -0.65
C GLY A 34 0.33 -10.66 -0.94
N CYS A 35 -0.10 -10.39 -2.14
CA CYS A 35 -0.51 -9.00 -2.48
C CYS A 35 -1.90 -8.70 -1.93
N GLU A 36 -2.14 -7.50 -1.48
CA GLU A 36 -3.47 -7.16 -0.93
C GLU A 36 -3.75 -5.65 -1.08
N VAL A 37 -4.86 -5.29 -1.65
CA VAL A 37 -5.18 -3.84 -1.83
C VAL A 37 -5.54 -3.22 -0.47
N ALA A 38 -4.80 -2.23 -0.05
CA ALA A 38 -5.11 -1.58 1.25
C ALA A 38 -6.06 -0.39 1.05
N VAL A 39 -5.72 0.48 0.13
CA VAL A 39 -6.60 1.66 -0.13
C VAL A 39 -7.09 1.66 -1.58
N SER A 40 -8.37 1.61 -1.80
CA SER A 40 -8.90 1.59 -3.19
C SER A 40 -9.53 2.94 -3.53
N ASP A 41 -8.82 3.77 -4.25
CA ASP A 41 -9.39 5.10 -4.63
C ASP A 41 -9.15 5.37 -6.12
N ALA A 42 -10.04 6.07 -6.75
CA ALA A 42 -9.86 6.35 -8.20
C ALA A 42 -9.67 7.84 -8.47
N PRO A 43 -8.77 8.43 -7.74
CA PRO A 43 -8.48 9.89 -7.92
C PRO A 43 -7.73 10.11 -9.24
N SER A 44 -6.76 9.29 -9.52
CA SER A 44 -5.99 9.44 -10.79
C SER A 44 -5.98 8.13 -11.57
N GLY A 45 -6.22 7.03 -10.92
CA GLY A 45 -6.22 5.72 -11.63
C GLY A 45 -5.20 4.78 -10.99
N GLN A 46 -4.78 5.07 -9.79
CA GLN A 46 -3.78 4.20 -9.11
C GLN A 46 -4.31 3.79 -7.73
N LEU A 47 -4.13 2.55 -7.36
CA LEU A 47 -4.62 2.10 -6.02
C LEU A 47 -3.44 1.67 -5.14
N ILE A 48 -3.62 1.65 -3.85
CA ILE A 48 -2.51 1.25 -2.95
C ILE A 48 -2.63 -0.24 -2.59
N VAL A 49 -1.63 -1.01 -2.90
CA VAL A 49 -1.70 -2.47 -2.57
C VAL A 49 -0.40 -2.91 -1.88
N VAL A 50 -0.50 -3.51 -0.73
CA VAL A 50 0.73 -3.96 -0.02
C VAL A 50 0.96 -5.46 -0.26
N VAL A 51 2.19 -5.86 -0.37
CA VAL A 51 2.48 -7.31 -0.60
C VAL A 51 3.59 -7.79 0.33
N GLU A 52 3.49 -8.99 0.83
CA GLU A 52 4.54 -9.51 1.75
C GLU A 52 5.09 -10.84 1.22
N ALA A 53 6.34 -11.11 1.46
CA ALA A 53 6.94 -12.39 0.98
C ALA A 53 8.18 -12.75 1.80
N GLU A 54 8.81 -13.86 1.50
CA GLU A 54 10.02 -14.25 2.27
C GLU A 54 10.95 -13.05 2.44
N ASP A 55 11.25 -12.36 1.38
CA ASP A 55 12.16 -11.18 1.49
C ASP A 55 11.90 -10.20 0.34
N SER A 56 12.76 -9.25 0.16
CA SER A 56 12.56 -8.26 -0.95
C SER A 56 12.63 -8.97 -2.31
N GLU A 57 13.43 -9.99 -2.40
CA GLU A 57 13.54 -10.73 -3.71
C GLU A 57 12.16 -11.14 -4.19
N THR A 58 11.34 -11.68 -3.33
CA THR A 58 9.98 -12.12 -3.74
C THR A 58 9.05 -10.90 -3.83
N LEU A 59 9.26 -9.92 -2.99
CA LEU A 59 8.39 -8.71 -3.03
C LEU A 59 8.53 -7.99 -4.38
N ILE A 60 9.74 -7.84 -4.86
CA ILE A 60 9.93 -7.15 -6.17
C ILE A 60 9.34 -8.01 -7.28
N GLN A 61 9.31 -9.30 -7.10
CA GLN A 61 8.74 -10.18 -8.16
C GLN A 61 7.33 -9.71 -8.52
N THR A 62 6.53 -9.39 -7.53
CA THR A 62 5.14 -8.93 -7.83
C THR A 62 5.16 -7.70 -8.74
N ILE A 63 6.06 -6.79 -8.51
CA ILE A 63 6.13 -5.57 -9.36
C ILE A 63 6.14 -5.97 -10.84
N GLU A 64 6.81 -7.04 -11.18
CA GLU A 64 6.85 -7.47 -12.60
C GLU A 64 5.44 -7.55 -13.16
N SER A 65 4.48 -7.91 -12.34
CA SER A 65 3.07 -8.00 -12.83
C SER A 65 2.53 -6.60 -13.12
N VAL A 66 2.58 -5.73 -12.15
CA VAL A 66 2.05 -4.34 -12.36
C VAL A 66 2.88 -3.59 -13.41
N ARG A 67 4.18 -3.70 -13.35
CA ARG A 67 5.04 -3.00 -14.33
C ARG A 67 4.81 -3.54 -15.74
N ASN A 68 4.67 -4.82 -15.88
CA ASN A 68 4.45 -5.41 -17.24
C ASN A 68 3.01 -5.17 -17.70
N VAL A 69 2.10 -4.91 -16.79
CA VAL A 69 0.70 -4.67 -17.21
C VAL A 69 0.59 -3.36 -18.00
N GLU A 70 0.01 -3.40 -19.16
CA GLU A 70 -0.12 -2.17 -19.98
C GLU A 70 -0.99 -1.13 -19.25
N GLY A 71 -2.13 -1.52 -18.78
CA GLY A 71 -3.02 -0.56 -18.08
C GLY A 71 -2.19 0.26 -17.08
N VAL A 72 -1.18 -0.34 -16.51
CA VAL A 72 -0.34 0.40 -15.52
C VAL A 72 0.58 1.39 -16.24
N LEU A 73 0.41 2.67 -16.00
CA LEU A 73 1.28 3.67 -16.68
C LEU A 73 2.39 4.13 -15.74
N ALA A 74 2.22 3.92 -14.46
CA ALA A 74 3.29 4.34 -13.49
C ALA A 74 3.25 3.45 -12.24
N VAL A 75 4.19 3.62 -11.36
CA VAL A 75 4.21 2.79 -10.12
C VAL A 75 5.01 3.49 -9.02
N SER A 76 4.38 3.81 -7.93
CA SER A 76 5.12 4.49 -6.82
C SER A 76 4.98 3.70 -5.53
N LEU A 77 5.99 2.96 -5.17
CA LEU A 77 5.93 2.15 -3.91
C LEU A 77 6.91 2.71 -2.88
N VAL A 78 6.42 3.39 -1.88
CA VAL A 78 7.32 3.96 -0.85
C VAL A 78 6.71 3.78 0.55
N TYR A 79 7.04 2.70 1.20
CA TYR A 79 6.49 2.44 2.57
C TYR A 79 7.05 1.14 3.14
N HIS A 80 7.91 1.24 4.11
CA HIS A 80 8.50 0.00 4.70
C HIS A 80 7.81 -0.33 6.03
N GLN A 81 7.39 -1.55 6.21
CA GLN A 81 6.70 -1.94 7.47
C GLN A 81 7.17 -3.33 7.92
N GLN A 82 7.99 -3.39 8.93
CA GLN A 82 8.48 -4.72 9.42
C GLN A 82 8.83 -4.64 10.91
N GLU A 83 8.47 -5.64 11.66
CA GLU A 83 8.78 -5.64 13.12
C GLU A 83 10.12 -6.32 13.39
N GLU A 84 10.82 -5.89 14.40
CA GLU A 84 12.15 -6.49 14.77
C GLU A 84 12.90 -6.97 13.52
N GLN A 85 12.70 -6.35 12.40
CA GLN A 85 13.40 -6.78 11.16
C GLN A 85 13.68 -5.57 10.27
N GLY A 86 14.28 -5.79 9.12
CA GLY A 86 14.58 -4.65 8.22
C GLY A 86 15.79 -3.89 8.74
N GLU A 87 16.04 -2.71 8.22
CA GLU A 87 17.21 -1.92 8.69
C GLU A 87 16.82 -1.06 9.89
N GLU A 88 15.66 -1.29 10.45
CA GLU A 88 15.23 -0.48 11.63
C GLU A 88 14.70 -1.41 12.73
N THR A 89 15.42 -1.51 13.82
CA THR A 89 14.95 -2.38 14.94
C THR A 89 15.76 -2.08 16.21
N PRO A 90 15.06 -2.03 17.30
CA PRO A 90 15.70 -1.75 18.61
C PRO A 90 16.51 -2.96 19.08
N MET B 1 -9.88 -9.85 16.73
CA MET B 1 -8.63 -9.49 16.01
C MET B 1 -8.19 -8.08 16.40
N LYS B 2 -7.23 -7.53 15.69
CA LYS B 2 -6.77 -6.16 16.03
C LYS B 2 -7.35 -5.14 15.04
N LEU B 3 -8.49 -4.58 15.34
CA LEU B 3 -9.11 -3.59 14.43
C LEU B 3 -8.30 -2.30 14.42
N SER B 4 -7.63 -2.01 15.51
CA SER B 4 -6.81 -0.76 15.56
C SER B 4 -5.51 -0.94 14.77
N ARG B 5 -5.62 -1.31 13.52
CA ARG B 5 -4.39 -1.51 12.69
C ARG B 5 -4.64 -1.00 11.26
N ARG B 6 -5.46 -1.68 10.52
CA ARG B 6 -5.74 -1.24 9.12
C ARG B 6 -6.14 0.24 9.11
N SER B 7 -6.69 0.73 10.18
CA SER B 7 -7.09 2.16 10.22
C SER B 7 -5.86 3.04 10.45
N PHE B 8 -4.97 2.61 11.31
CA PHE B 8 -3.74 3.41 11.57
C PHE B 8 -2.75 3.22 10.41
N MET B 9 -2.65 2.03 9.89
CA MET B 9 -1.71 1.79 8.76
C MET B 9 -2.14 2.59 7.53
N LYS B 10 -3.36 2.42 7.09
CA LYS B 10 -3.84 3.17 5.91
C LYS B 10 -3.62 4.67 6.12
N ALA B 11 -3.78 5.14 7.33
CA ALA B 11 -3.57 6.59 7.60
C ALA B 11 -2.14 6.98 7.29
N ASN B 12 -1.20 6.17 7.68
CA ASN B 12 0.23 6.49 7.40
C ASN B 12 0.61 6.06 5.98
N ALA B 13 0.14 4.92 5.56
CA ALA B 13 0.46 4.45 4.18
C ALA B 13 0.04 5.50 3.15
N VAL B 14 -1.15 6.01 3.26
CA VAL B 14 -1.61 7.04 2.29
C VAL B 14 -0.67 8.25 2.32
N ALA B 15 -0.08 8.52 3.45
CA ALA B 15 0.85 9.69 3.53
C ALA B 15 2.07 9.45 2.63
N ALA B 16 2.47 8.21 2.48
CA ALA B 16 3.64 7.90 1.62
C ALA B 16 3.18 7.60 0.19
N ALA B 17 1.91 7.38 0.01
CA ALA B 17 1.39 7.09 -1.36
C ALA B 17 0.70 8.33 -1.93
N ALA B 18 0.26 9.21 -1.08
CA ALA B 18 -0.43 10.44 -1.58
C ALA B 18 0.61 11.50 -1.96
N ALA B 19 1.52 11.79 -1.08
CA ALA B 19 2.56 12.82 -1.39
C ALA B 19 3.54 12.27 -2.42
N ALA B 20 3.46 10.99 -2.71
CA ALA B 20 4.39 10.40 -3.71
C ALA B 20 3.62 10.00 -4.98
N ALA B 21 2.56 9.25 -4.83
CA ALA B 21 1.78 8.84 -6.03
C ALA B 21 0.69 9.88 -6.33
N GLY B 22 0.79 11.05 -5.75
CA GLY B 22 -0.23 12.10 -5.99
C GLY B 22 -1.61 11.56 -5.64
N LEU B 23 -1.67 10.59 -4.76
CA LEU B 23 -2.99 10.02 -4.36
C LEU B 23 -3.80 11.03 -3.55
N SER B 24 -4.80 10.58 -2.87
CA SER B 24 -5.63 11.49 -2.05
C SER B 24 -4.97 11.77 -0.70
N VAL B 25 -5.37 12.80 -0.02
CA VAL B 25 -4.77 13.11 1.31
C VAL B 25 -5.78 12.81 2.43
N PRO B 26 -5.92 11.55 2.72
CA PRO B 26 -6.87 11.12 3.78
C PRO B 26 -6.32 11.48 5.17
N GLY B 27 -5.09 11.13 5.44
CA GLY B 27 -4.49 11.46 6.77
C GLY B 27 -2.98 11.56 6.63
N VAL B 28 -2.50 12.06 5.52
CA VAL B 28 -1.03 12.20 5.34
C VAL B 28 -0.40 12.88 6.55
N ALA B 29 -0.64 14.15 6.71
CA ALA B 29 -0.04 14.89 7.87
C ALA B 29 -0.33 16.39 7.75
N ARG B 30 -0.45 16.88 6.55
CA ARG B 30 -0.73 18.34 6.37
C ARG B 30 -2.19 18.56 6.00
N ALA B 31 -3.04 18.76 6.98
CA ALA B 31 -4.48 18.98 6.68
C ALA B 31 -4.91 20.38 7.15
N VAL B 32 -4.20 20.94 8.09
CA VAL B 32 -4.57 22.29 8.59
C VAL B 32 -4.09 23.37 7.61
N VAL B 33 -3.02 23.12 6.91
CA VAL B 33 -2.51 24.12 5.94
C VAL B 33 -2.43 23.52 4.55
N GLY B 34 -1.67 22.47 4.37
CA GLY B 34 -1.56 21.84 3.02
C GLY B 34 -0.17 22.10 2.46
N GLN B 35 0.15 23.33 2.18
CA GLN B 35 1.49 23.64 1.62
C GLN B 35 2.50 23.88 2.75
N GLY A 1 -3.85 -10.40 13.54
CA GLY A 1 -3.22 -11.22 14.61
C GLY A 1 -3.45 -10.55 15.97
N SER A 2 -4.11 -11.22 16.86
CA SER A 2 -4.38 -10.62 18.20
C SER A 2 -3.13 -10.76 19.09
N HIS A 3 -3.02 -11.83 19.82
CA HIS A 3 -1.83 -12.01 20.70
C HIS A 3 -0.68 -12.65 19.91
N MET A 4 -0.19 -11.96 18.93
CA MET A 4 0.94 -12.50 18.12
C MET A 4 1.38 -11.51 17.05
N HIS A 5 2.44 -10.79 17.28
CA HIS A 5 2.91 -9.80 16.27
C HIS A 5 4.26 -10.22 15.70
N THR A 6 4.34 -10.44 14.42
CA THR A 6 5.62 -10.86 13.80
C THR A 6 5.54 -10.73 12.28
N ASN A 7 6.47 -10.04 11.67
CA ASN A 7 6.44 -9.88 10.20
C ASN A 7 7.86 -9.92 9.63
N TRP A 8 8.00 -10.23 8.37
CA TRP A 8 9.36 -10.28 7.75
C TRP A 8 9.61 -9.02 6.92
N GLN A 9 8.92 -8.89 5.81
CA GLN A 9 9.12 -7.69 4.96
C GLN A 9 7.85 -7.41 4.15
N VAL A 10 7.30 -6.23 4.26
CA VAL A 10 6.07 -5.89 3.50
C VAL A 10 5.93 -4.37 3.35
N CYS A 11 5.47 -3.91 2.23
CA CYS A 11 5.32 -2.44 2.03
C CYS A 11 4.05 -2.15 1.21
N SER A 12 3.69 -0.91 1.09
CA SER A 12 2.46 -0.56 0.31
C SER A 12 2.86 0.00 -1.05
N LEU A 13 2.50 -0.69 -2.11
CA LEU A 13 2.87 -0.20 -3.47
C LEU A 13 1.65 0.47 -4.13
N VAL A 14 1.86 1.59 -4.77
CA VAL A 14 0.73 2.29 -5.44
C VAL A 14 0.76 2.01 -6.95
N VAL A 15 -0.05 1.10 -7.42
CA VAL A 15 -0.06 0.78 -8.87
C VAL A 15 -0.83 1.86 -9.64
N GLN A 16 -0.22 2.44 -10.63
CA GLN A 16 -0.91 3.50 -11.42
C GLN A 16 -1.36 2.94 -12.77
N ALA A 17 -2.64 2.79 -12.98
CA ALA A 17 -3.13 2.24 -14.28
C ALA A 17 -4.39 2.99 -14.71
N LYS A 18 -4.82 2.79 -15.93
CA LYS A 18 -6.05 3.49 -16.40
C LYS A 18 -7.12 3.43 -15.30
N SER A 19 -7.95 4.44 -15.22
CA SER A 19 -9.01 4.44 -14.16
C SER A 19 -9.75 3.11 -14.13
N GLU A 20 -10.16 2.60 -15.27
CA GLU A 20 -10.90 1.30 -15.25
C GLU A 20 -9.93 0.13 -15.43
N ARG A 21 -8.68 0.41 -15.67
CA ARG A 21 -7.70 -0.70 -15.80
C ARG A 21 -7.41 -1.23 -14.41
N ILE A 22 -7.09 -0.35 -13.50
CA ILE A 22 -6.78 -0.78 -12.12
C ILE A 22 -7.94 -1.58 -11.53
N SER A 23 -9.15 -1.18 -11.77
CA SER A 23 -10.28 -1.96 -11.21
C SER A 23 -10.10 -3.42 -11.61
N ASP A 24 -9.68 -3.66 -12.82
CA ASP A 24 -9.46 -5.05 -13.29
C ASP A 24 -8.22 -5.67 -12.64
N ILE A 25 -7.08 -5.06 -12.83
CA ILE A 25 -5.82 -5.62 -12.24
C ILE A 25 -5.68 -5.27 -10.75
N SER A 26 -5.87 -4.03 -10.39
CA SER A 26 -5.74 -3.65 -8.96
C SER A 26 -6.63 -4.56 -8.09
N THR A 27 -7.88 -4.67 -8.43
CA THR A 27 -8.78 -5.55 -7.62
C THR A 27 -8.21 -6.95 -7.54
N GLN A 28 -7.54 -7.39 -8.57
CA GLN A 28 -6.94 -8.76 -8.55
C GLN A 28 -5.90 -8.86 -7.43
N LEU A 29 -5.08 -7.85 -7.29
CA LEU A 29 -4.04 -7.89 -6.22
C LEU A 29 -4.70 -8.21 -4.87
N ASN A 30 -5.88 -7.74 -4.64
CA ASN A 30 -6.58 -8.01 -3.35
C ASN A 30 -6.94 -9.50 -3.26
N ALA A 31 -7.12 -10.15 -4.38
CA ALA A 31 -7.47 -11.59 -4.37
C ALA A 31 -6.26 -12.43 -3.97
N PHE A 32 -5.08 -11.96 -4.27
CA PHE A 32 -3.85 -12.73 -3.91
C PHE A 32 -3.58 -12.64 -2.41
N PRO A 33 -2.96 -13.66 -1.90
CA PRO A 33 -2.63 -13.71 -0.44
C PRO A 33 -1.49 -12.74 -0.13
N GLY A 34 -0.38 -12.87 -0.82
CA GLY A 34 0.77 -11.96 -0.55
C GLY A 34 0.36 -10.51 -0.87
N CYS A 35 0.02 -10.24 -2.09
CA CYS A 35 -0.38 -8.86 -2.46
C CYS A 35 -1.81 -8.57 -1.96
N GLU A 36 -2.08 -7.35 -1.59
CA GLU A 36 -3.45 -7.01 -1.10
C GLU A 36 -3.69 -5.51 -1.21
N VAL A 37 -4.80 -5.11 -1.77
CA VAL A 37 -5.09 -3.66 -1.91
C VAL A 37 -5.45 -3.06 -0.54
N ALA A 38 -4.70 -2.09 -0.08
CA ALA A 38 -5.00 -1.47 1.23
C ALA A 38 -5.93 -0.27 1.04
N VAL A 39 -5.61 0.60 0.14
CA VAL A 39 -6.48 1.79 -0.11
C VAL A 39 -6.97 1.79 -1.56
N SER A 40 -8.26 1.76 -1.76
CA SER A 40 -8.78 1.76 -3.16
C SER A 40 -9.40 3.12 -3.49
N ASP A 41 -8.69 3.93 -4.23
CA ASP A 41 -9.23 5.27 -4.60
C ASP A 41 -9.02 5.52 -6.09
N ALA A 42 -9.92 6.25 -6.70
CA ALA A 42 -9.78 6.53 -8.16
C ALA A 42 -9.47 8.00 -8.42
N PRO A 43 -8.44 8.49 -7.79
CA PRO A 43 -8.04 9.91 -7.98
C PRO A 43 -7.45 10.10 -9.38
N SER A 44 -6.69 9.14 -9.84
CA SER A 44 -6.09 9.24 -11.19
C SER A 44 -5.94 7.85 -11.81
N GLY A 45 -6.59 6.87 -11.25
CA GLY A 45 -6.49 5.49 -11.79
C GLY A 45 -5.38 4.73 -11.08
N GLN A 46 -5.11 5.07 -9.85
CA GLN A 46 -4.02 4.36 -9.10
C GLN A 46 -4.53 3.91 -7.73
N LEU A 47 -4.23 2.70 -7.35
CA LEU A 47 -4.68 2.19 -6.03
C LEU A 47 -3.48 1.77 -5.18
N ILE A 48 -3.61 1.79 -3.88
CA ILE A 48 -2.46 1.38 -3.01
C ILE A 48 -2.58 -0.09 -2.64
N VAL A 49 -1.58 -0.87 -2.96
CA VAL A 49 -1.64 -2.32 -2.61
C VAL A 49 -0.36 -2.73 -1.87
N VAL A 50 -0.50 -3.42 -0.77
CA VAL A 50 0.70 -3.85 -0.01
C VAL A 50 1.00 -5.33 -0.27
N VAL A 51 2.24 -5.72 -0.18
CA VAL A 51 2.59 -7.15 -0.44
C VAL A 51 3.69 -7.60 0.53
N GLU A 52 3.62 -8.81 1.01
CA GLU A 52 4.66 -9.30 1.96
C GLU A 52 5.26 -10.61 1.44
N ALA A 53 6.52 -10.84 1.71
CA ALA A 53 7.17 -12.09 1.23
C ALA A 53 8.41 -12.39 2.08
N GLU A 54 9.06 -13.51 1.83
CA GLU A 54 10.27 -13.85 2.61
C GLU A 54 11.19 -12.64 2.73
N ASP A 55 11.45 -11.98 1.63
CA ASP A 55 12.34 -10.79 1.68
C ASP A 55 12.03 -9.84 0.51
N SER A 56 12.87 -8.88 0.27
CA SER A 56 12.62 -7.93 -0.86
C SER A 56 12.71 -8.67 -2.19
N GLU A 57 13.61 -9.61 -2.31
CA GLU A 57 13.74 -10.36 -3.59
C GLU A 57 12.36 -10.85 -4.06
N THR A 58 11.61 -11.46 -3.18
CA THR A 58 10.26 -11.96 -3.58
C THR A 58 9.28 -10.79 -3.70
N LEU A 59 9.44 -9.78 -2.89
CA LEU A 59 8.51 -8.61 -2.96
C LEU A 59 8.61 -7.95 -4.33
N ILE A 60 9.81 -7.75 -4.82
CA ILE A 60 9.97 -7.10 -6.16
C ILE A 60 9.42 -8.02 -7.24
N GLN A 61 9.44 -9.30 -7.01
CA GLN A 61 8.90 -10.25 -8.02
C GLN A 61 7.48 -9.85 -8.40
N THR A 62 6.66 -9.53 -7.43
CA THR A 62 5.25 -9.14 -7.72
C THR A 62 5.23 -7.94 -8.68
N ILE A 63 6.10 -6.98 -8.49
CA ILE A 63 6.11 -5.80 -9.38
C ILE A 63 6.10 -6.23 -10.85
N GLU A 64 6.76 -7.30 -11.18
CA GLU A 64 6.77 -7.75 -12.60
C GLU A 64 5.34 -7.85 -13.13
N SER A 65 4.42 -8.20 -12.28
CA SER A 65 2.99 -8.30 -12.73
C SER A 65 2.43 -6.92 -13.04
N VAL A 66 2.51 -6.01 -12.10
CA VAL A 66 1.96 -4.64 -12.33
C VAL A 66 2.77 -3.89 -13.40
N ARG A 67 4.07 -4.00 -13.37
CA ARG A 67 4.89 -3.29 -14.39
C ARG A 67 4.61 -3.85 -15.79
N ASN A 68 4.48 -5.14 -15.92
CA ASN A 68 4.23 -5.73 -17.26
C ASN A 68 2.77 -5.51 -17.68
N VAL A 69 1.91 -5.25 -16.73
CA VAL A 69 0.48 -5.02 -17.10
C VAL A 69 0.34 -3.69 -17.86
N GLU A 70 -0.14 -3.74 -19.07
CA GLU A 70 -0.29 -2.48 -19.86
C GLU A 70 -1.17 -1.48 -19.12
N GLY A 71 -2.28 -1.90 -18.59
CA GLY A 71 -3.17 -0.96 -17.86
C GLY A 71 -2.34 -0.11 -16.91
N VAL A 72 -1.29 -0.65 -16.37
CA VAL A 72 -0.44 0.13 -15.43
C VAL A 72 0.47 1.09 -16.20
N LEU A 73 0.29 2.37 -16.01
CA LEU A 73 1.15 3.35 -16.74
C LEU A 73 2.24 3.88 -15.81
N ALA A 74 2.06 3.74 -14.52
CA ALA A 74 3.08 4.25 -13.56
C ALA A 74 3.12 3.35 -12.32
N VAL A 75 4.05 3.58 -11.44
CA VAL A 75 4.15 2.73 -10.21
C VAL A 75 4.89 3.48 -9.11
N SER A 76 4.25 3.72 -7.99
CA SER A 76 4.92 4.45 -6.88
C SER A 76 4.80 3.63 -5.59
N LEU A 77 5.81 2.86 -5.27
CA LEU A 77 5.74 2.04 -4.02
C LEU A 77 6.80 2.50 -3.03
N VAL A 78 6.43 3.31 -2.07
CA VAL A 78 7.42 3.78 -1.07
C VAL A 78 6.78 3.79 0.33
N TYR A 79 6.97 2.74 1.07
CA TYR A 79 6.38 2.68 2.45
C TYR A 79 6.72 1.35 3.12
N HIS A 80 7.45 1.40 4.21
CA HIS A 80 7.82 0.14 4.91
C HIS A 80 6.80 -0.18 6.00
N GLN A 81 6.39 -1.41 6.12
CA GLN A 81 5.39 -1.78 7.17
C GLN A 81 5.85 -3.04 7.91
N GLN A 82 6.19 -2.90 9.17
CA GLN A 82 6.63 -4.10 9.95
C GLN A 82 6.31 -3.90 11.43
N GLU A 83 5.85 -4.94 12.08
CA GLU A 83 5.52 -4.82 13.53
C GLU A 83 6.80 -4.87 14.38
N GLU A 84 7.07 -3.84 15.12
CA GLU A 84 8.30 -3.84 15.96
C GLU A 84 8.31 -2.62 16.88
N GLN A 85 7.15 -2.13 17.24
CA GLN A 85 7.07 -0.94 18.14
C GLN A 85 8.18 0.07 17.80
N GLY A 86 8.35 0.38 16.54
CA GLY A 86 9.42 1.34 16.15
C GLY A 86 8.99 2.76 16.56
N GLU A 87 9.88 3.71 16.44
CA GLU A 87 9.53 5.11 16.82
C GLU A 87 10.37 6.10 16.01
N GLU A 88 10.77 5.73 14.83
CA GLU A 88 11.59 6.66 14.00
C GLU A 88 10.96 8.05 13.97
N THR A 89 11.74 9.06 13.70
CA THR A 89 11.19 10.45 13.67
C THR A 89 10.64 10.76 12.27
N PRO A 90 9.98 11.88 12.16
CA PRO A 90 9.40 12.31 10.88
C PRO A 90 10.50 12.78 9.92
N MET B 1 -13.79 -9.84 7.16
CA MET B 1 -12.99 -10.31 8.33
C MET B 1 -11.51 -10.00 8.11
N LYS B 2 -10.68 -10.38 9.05
CA LYS B 2 -9.21 -10.11 8.90
C LYS B 2 -8.97 -8.62 8.73
N LEU B 3 -9.88 -7.80 9.18
CA LEU B 3 -9.70 -6.32 9.04
C LEU B 3 -9.36 -5.70 10.39
N SER B 4 -8.10 -5.65 10.73
CA SER B 4 -7.71 -5.06 12.05
C SER B 4 -6.32 -4.40 11.93
N ARG B 5 -6.08 -3.70 10.86
CA ARG B 5 -4.76 -3.03 10.69
C ARG B 5 -4.80 -2.07 9.50
N ARG B 6 -5.52 -2.41 8.47
CA ARG B 6 -5.60 -1.52 7.28
C ARG B 6 -6.09 -0.12 7.69
N SER B 7 -6.73 -0.03 8.82
CA SER B 7 -7.22 1.31 9.28
C SER B 7 -6.08 2.10 9.89
N PHE B 8 -5.23 1.44 10.64
CA PHE B 8 -4.08 2.15 11.27
C PHE B 8 -2.96 2.33 10.24
N MET B 9 -2.70 1.32 9.45
CA MET B 9 -1.62 1.44 8.42
C MET B 9 -2.01 2.45 7.34
N LYS B 10 -3.21 2.35 6.84
CA LYS B 10 -3.65 3.32 5.79
C LYS B 10 -3.38 4.75 6.24
N ALA B 11 -3.37 4.99 7.52
CA ALA B 11 -3.10 6.37 8.03
C ALA B 11 -1.69 6.81 7.63
N ASN B 12 -0.70 5.99 7.89
CA ASN B 12 0.69 6.35 7.53
C ASN B 12 0.96 6.03 6.07
N ALA B 13 0.40 4.96 5.57
CA ALA B 13 0.62 4.57 4.15
C ALA B 13 0.21 5.72 3.22
N VAL B 14 -0.96 6.27 3.44
CA VAL B 14 -1.41 7.40 2.57
C VAL B 14 -0.41 8.55 2.62
N ALA B 15 0.23 8.74 3.74
CA ALA B 15 1.23 9.84 3.86
C ALA B 15 2.40 9.59 2.92
N ALA B 16 2.75 8.35 2.71
CA ALA B 16 3.89 8.04 1.79
C ALA B 16 3.37 7.78 0.38
N ALA B 17 2.09 7.58 0.24
CA ALA B 17 1.53 7.33 -1.12
C ALA B 17 0.90 8.61 -1.68
N ALA B 18 0.56 9.53 -0.83
CA ALA B 18 -0.04 10.80 -1.33
C ALA B 18 1.05 11.81 -1.68
N ALA B 19 1.96 12.06 -0.77
CA ALA B 19 3.05 13.03 -1.05
C ALA B 19 4.02 12.45 -2.07
N ALA B 20 3.90 11.18 -2.37
CA ALA B 20 4.81 10.55 -3.37
C ALA B 20 4.05 10.25 -4.66
N ALA B 21 2.94 9.56 -4.57
CA ALA B 21 2.16 9.24 -5.79
C ALA B 21 1.10 10.31 -6.04
N GLY B 22 1.19 11.42 -5.37
CA GLY B 22 0.19 12.51 -5.57
C GLY B 22 -1.21 11.96 -5.32
N LEU B 23 -1.33 10.96 -4.48
CA LEU B 23 -2.67 10.37 -4.20
C LEU B 23 -3.53 11.39 -3.42
N SER B 24 -4.58 10.92 -2.81
CA SER B 24 -5.47 11.84 -2.04
C SER B 24 -4.89 12.09 -0.65
N VAL B 25 -5.33 13.13 0.02
CA VAL B 25 -4.81 13.42 1.38
C VAL B 25 -5.87 13.10 2.43
N PRO B 26 -5.93 11.85 2.80
CA PRO B 26 -6.91 11.38 3.81
C PRO B 26 -6.52 11.89 5.21
N GLY B 27 -5.33 11.56 5.64
CA GLY B 27 -4.88 12.01 6.99
C GLY B 27 -3.43 12.47 6.93
N VAL B 28 -3.04 13.09 5.84
CA VAL B 28 -1.63 13.56 5.72
C VAL B 28 -1.34 14.64 6.76
N ALA B 29 -2.16 15.65 6.83
CA ALA B 29 -1.92 16.73 7.82
C ALA B 29 -3.20 17.02 8.60
N ARG B 30 -4.27 16.34 8.29
CA ARG B 30 -5.55 16.57 9.03
C ARG B 30 -5.82 18.07 9.13
N ALA B 31 -5.50 18.82 8.11
CA ALA B 31 -5.75 20.29 8.16
C ALA B 31 -7.24 20.59 7.98
N VAL B 32 -8.03 19.57 7.79
CA VAL B 32 -9.50 19.79 7.61
C VAL B 32 -9.77 20.58 6.33
N VAL B 33 -8.75 20.76 5.53
CA VAL B 33 -8.93 21.51 4.25
C VAL B 33 -9.25 20.55 3.11
N GLY B 34 -9.43 21.07 1.92
CA GLY B 34 -9.74 20.19 0.76
C GLY B 34 -8.45 19.53 0.26
N GLN B 35 -7.87 20.07 -0.78
CA GLN B 35 -6.61 19.49 -1.32
C GLN B 35 -5.42 19.85 -0.42
N GLY A 1 13.77 -7.23 28.58
CA GLY A 1 12.46 -7.91 28.77
C GLY A 1 12.02 -8.54 27.45
N SER A 2 11.16 -9.53 27.51
CA SER A 2 10.69 -10.19 26.26
C SER A 2 9.36 -9.56 25.81
N HIS A 3 9.28 -9.17 24.57
CA HIS A 3 8.01 -8.56 24.07
C HIS A 3 7.32 -9.51 23.08
N MET A 4 6.73 -8.98 22.04
CA MET A 4 6.05 -9.86 21.05
C MET A 4 5.99 -9.17 19.69
N HIS A 5 7.11 -9.04 19.02
CA HIS A 5 7.12 -8.38 17.69
C HIS A 5 8.05 -9.12 16.74
N THR A 6 7.56 -9.55 15.62
CA THR A 6 8.42 -10.29 14.64
C THR A 6 7.81 -10.23 13.24
N ASN A 7 8.54 -9.69 12.29
CA ASN A 7 8.00 -9.61 10.90
C ASN A 7 9.11 -9.86 9.89
N TRP A 8 8.76 -10.09 8.66
CA TRP A 8 9.81 -10.35 7.62
C TRP A 8 10.03 -9.10 6.77
N GLN A 9 9.17 -8.87 5.82
CA GLN A 9 9.34 -7.66 4.94
C GLN A 9 8.03 -7.37 4.19
N VAL A 10 7.55 -6.16 4.25
CA VAL A 10 6.29 -5.81 3.54
C VAL A 10 6.20 -4.30 3.33
N CYS A 11 5.72 -3.88 2.19
CA CYS A 11 5.61 -2.41 1.93
C CYS A 11 4.33 -2.12 1.14
N SER A 12 3.99 -0.86 0.98
CA SER A 12 2.77 -0.51 0.21
C SER A 12 3.14 0.03 -1.17
N LEU A 13 2.76 -0.67 -2.21
CA LEU A 13 3.09 -0.19 -3.58
C LEU A 13 1.88 0.49 -4.22
N VAL A 14 2.10 1.60 -4.86
CA VAL A 14 0.96 2.31 -5.51
C VAL A 14 0.91 1.98 -7.01
N VAL A 15 0.05 1.09 -7.41
CA VAL A 15 -0.04 0.73 -8.85
C VAL A 15 -0.81 1.81 -9.63
N GLN A 16 -0.23 2.31 -10.68
CA GLN A 16 -0.92 3.36 -11.48
C GLN A 16 -1.39 2.78 -12.81
N ALA A 17 -2.68 2.66 -13.00
CA ALA A 17 -3.21 2.10 -14.27
C ALA A 17 -4.46 2.88 -14.70
N LYS A 18 -4.91 2.67 -15.91
CA LYS A 18 -6.13 3.39 -16.37
C LYS A 18 -7.19 3.39 -15.27
N SER A 19 -8.00 4.41 -15.21
CA SER A 19 -9.03 4.48 -14.14
C SER A 19 -9.81 3.17 -14.06
N GLU A 20 -10.27 2.64 -15.16
CA GLU A 20 -11.04 1.37 -15.10
C GLU A 20 -10.11 0.17 -15.25
N ARG A 21 -8.85 0.39 -15.53
CA ARG A 21 -7.90 -0.73 -15.64
C ARG A 21 -7.60 -1.24 -14.23
N ILE A 22 -7.23 -0.34 -13.37
CA ILE A 22 -6.91 -0.73 -11.97
C ILE A 22 -8.07 -1.48 -11.33
N SER A 23 -9.28 -1.02 -11.54
CA SER A 23 -10.41 -1.75 -10.92
C SER A 23 -10.31 -3.22 -11.30
N ASP A 24 -9.95 -3.49 -12.53
CA ASP A 24 -9.80 -4.91 -12.97
C ASP A 24 -8.55 -5.56 -12.35
N ILE A 25 -7.40 -5.00 -12.60
CA ILE A 25 -6.14 -5.59 -12.05
C ILE A 25 -5.93 -5.22 -10.58
N SER A 26 -6.05 -3.96 -10.24
CA SER A 26 -5.85 -3.56 -8.81
C SER A 26 -6.73 -4.43 -7.91
N THR A 27 -8.01 -4.50 -8.19
CA THR A 27 -8.91 -5.32 -7.33
C THR A 27 -8.39 -6.76 -7.25
N GLN A 28 -7.80 -7.23 -8.31
CA GLN A 28 -7.26 -8.62 -8.31
C GLN A 28 -6.17 -8.77 -7.25
N LEU A 29 -5.30 -7.81 -7.15
CA LEU A 29 -4.21 -7.90 -6.14
C LEU A 29 -4.81 -8.22 -4.77
N ASN A 30 -6.05 -7.87 -4.56
CA ASN A 30 -6.69 -8.15 -3.25
C ASN A 30 -6.88 -9.66 -3.08
N ALA A 31 -7.04 -10.36 -4.17
CA ALA A 31 -7.23 -11.85 -4.08
C ALA A 31 -5.91 -12.53 -3.73
N PHE A 32 -4.80 -11.95 -4.09
CA PHE A 32 -3.49 -12.58 -3.77
C PHE A 32 -3.23 -12.54 -2.26
N PRO A 33 -2.57 -13.55 -1.78
CA PRO A 33 -2.24 -13.64 -0.34
C PRO A 33 -1.15 -12.64 0.02
N GLY A 34 -0.04 -12.69 -0.67
CA GLY A 34 1.07 -11.73 -0.36
C GLY A 34 0.62 -10.31 -0.69
N CYS A 35 0.25 -10.06 -1.91
CA CYS A 35 -0.21 -8.70 -2.29
C CYS A 35 -1.64 -8.46 -1.80
N GLU A 36 -1.94 -7.27 -1.36
CA GLU A 36 -3.32 -6.98 -0.88
C GLU A 36 -3.63 -5.49 -1.01
N VAL A 37 -4.72 -5.15 -1.64
CA VAL A 37 -5.06 -3.71 -1.80
C VAL A 37 -5.29 -3.06 -0.43
N ALA A 38 -4.52 -2.06 -0.12
CA ALA A 38 -4.69 -1.38 1.20
C ALA A 38 -5.60 -0.16 1.05
N VAL A 39 -5.30 0.70 0.13
CA VAL A 39 -6.15 1.92 -0.07
C VAL A 39 -6.70 1.94 -1.50
N SER A 40 -8.01 1.94 -1.63
CA SER A 40 -8.61 1.95 -2.99
C SER A 40 -9.21 3.33 -3.29
N ASP A 41 -8.50 4.12 -4.05
CA ASP A 41 -9.01 5.48 -4.39
C ASP A 41 -8.84 5.75 -5.89
N ALA A 42 -9.72 6.50 -6.46
CA ALA A 42 -9.62 6.78 -7.92
C ALA A 42 -9.28 8.26 -8.18
N PRO A 43 -8.22 8.72 -7.56
CA PRO A 43 -7.79 10.13 -7.75
C PRO A 43 -7.22 10.31 -9.16
N SER A 44 -6.50 9.34 -9.64
CA SER A 44 -5.92 9.44 -11.01
C SER A 44 -5.86 8.05 -11.67
N GLY A 45 -6.52 7.08 -11.09
CA GLY A 45 -6.51 5.72 -11.68
C GLY A 45 -5.39 4.89 -11.04
N GLN A 46 -5.02 5.21 -9.83
CA GLN A 46 -3.94 4.44 -9.16
C GLN A 46 -4.39 4.01 -7.76
N LEU A 47 -4.12 2.78 -7.39
CA LEU A 47 -4.52 2.31 -6.04
C LEU A 47 -3.29 1.85 -5.24
N ILE A 48 -3.39 1.80 -3.94
CA ILE A 48 -2.22 1.37 -3.12
C ILE A 48 -2.35 -0.11 -2.75
N VAL A 49 -1.34 -0.89 -3.04
CA VAL A 49 -1.40 -2.34 -2.70
C VAL A 49 -0.12 -2.77 -1.97
N VAL A 50 -0.26 -3.33 -0.80
CA VAL A 50 0.94 -3.76 -0.04
C VAL A 50 1.22 -5.26 -0.28
N VAL A 51 2.45 -5.66 -0.27
CA VAL A 51 2.78 -7.10 -0.49
C VAL A 51 3.91 -7.54 0.45
N GLU A 52 3.82 -8.73 0.97
CA GLU A 52 4.88 -9.22 1.90
C GLU A 52 5.49 -10.52 1.37
N ALA A 53 6.76 -10.73 1.59
CA ALA A 53 7.41 -11.99 1.11
C ALA A 53 8.67 -12.29 1.93
N GLU A 54 9.29 -13.40 1.68
CA GLU A 54 10.51 -13.76 2.45
C GLU A 54 11.46 -12.56 2.54
N ASP A 55 11.69 -11.90 1.43
CA ASP A 55 12.60 -10.71 1.45
C ASP A 55 12.27 -9.78 0.29
N SER A 56 13.08 -8.77 0.08
CA SER A 56 12.81 -7.82 -1.05
C SER A 56 12.81 -8.56 -2.38
N GLU A 57 13.73 -9.48 -2.56
CA GLU A 57 13.78 -10.24 -3.85
C GLU A 57 12.39 -10.75 -4.22
N THR A 58 11.69 -11.35 -3.29
CA THR A 58 10.33 -11.87 -3.60
C THR A 58 9.33 -10.71 -3.69
N LEU A 59 9.53 -9.68 -2.92
CA LEU A 59 8.58 -8.52 -2.96
C LEU A 59 8.66 -7.84 -4.33
N ILE A 60 9.84 -7.62 -4.84
CA ILE A 60 9.97 -6.96 -6.16
C ILE A 60 9.42 -7.89 -7.25
N GLN A 61 9.50 -9.18 -7.03
CA GLN A 61 8.97 -10.13 -8.04
C GLN A 61 7.53 -9.77 -8.39
N THR A 62 6.72 -9.49 -7.41
CA THR A 62 5.29 -9.14 -7.69
C THR A 62 5.21 -7.94 -8.65
N ILE A 63 6.06 -6.96 -8.45
CA ILE A 63 6.03 -5.77 -9.35
C ILE A 63 6.02 -6.20 -10.81
N GLU A 64 6.73 -7.25 -11.14
CA GLU A 64 6.76 -7.70 -12.56
C GLU A 64 5.32 -7.85 -13.09
N SER A 65 4.41 -8.22 -12.24
CA SER A 65 2.99 -8.37 -12.67
C SER A 65 2.38 -7.01 -13.00
N VAL A 66 2.42 -6.10 -12.06
CA VAL A 66 1.82 -4.75 -12.29
C VAL A 66 2.59 -3.98 -13.36
N ARG A 67 3.89 -4.03 -13.34
CA ARG A 67 4.68 -3.29 -14.37
C ARG A 67 4.42 -3.87 -15.77
N ASN A 68 4.33 -5.16 -15.88
CA ASN A 68 4.07 -5.78 -17.22
C ASN A 68 2.61 -5.60 -17.63
N VAL A 69 1.74 -5.35 -16.69
CA VAL A 69 0.30 -5.17 -17.03
C VAL A 69 0.13 -3.89 -17.85
N GLU A 70 -0.44 -3.99 -19.02
CA GLU A 70 -0.64 -2.78 -19.87
C GLU A 70 -1.47 -1.72 -19.13
N GLY A 71 -2.57 -2.12 -18.56
CA GLY A 71 -3.42 -1.14 -17.83
C GLY A 71 -2.55 -0.31 -16.89
N VAL A 72 -1.50 -0.89 -16.37
CA VAL A 72 -0.61 -0.13 -15.44
C VAL A 72 0.32 0.79 -16.24
N LEU A 73 0.20 2.08 -16.06
CA LEU A 73 1.09 3.02 -16.81
C LEU A 73 2.23 3.50 -15.90
N ALA A 74 2.05 3.40 -14.61
CA ALA A 74 3.14 3.85 -13.68
C ALA A 74 3.09 3.03 -12.39
N VAL A 75 4.05 3.23 -11.53
CA VAL A 75 4.05 2.46 -10.25
C VAL A 75 4.89 3.20 -9.19
N SER A 76 4.28 3.59 -8.11
CA SER A 76 5.04 4.30 -7.04
C SER A 76 4.91 3.57 -5.71
N LEU A 77 5.92 2.82 -5.34
CA LEU A 77 5.85 2.08 -4.05
C LEU A 77 6.86 2.65 -3.04
N VAL A 78 6.38 3.39 -2.08
CA VAL A 78 7.31 3.99 -1.08
C VAL A 78 6.71 3.87 0.33
N TYR A 79 7.03 2.83 1.04
CA TYR A 79 6.48 2.66 2.41
C TYR A 79 7.03 1.38 3.05
N HIS A 80 7.84 1.51 4.06
CA HIS A 80 8.41 0.30 4.72
C HIS A 80 7.56 -0.11 5.93
N GLN A 81 7.28 -1.37 6.08
CA GLN A 81 6.46 -1.82 7.24
C GLN A 81 7.10 -3.03 7.91
N GLN A 82 7.64 -2.85 9.09
CA GLN A 82 8.28 -3.99 9.80
C GLN A 82 8.42 -3.68 11.29
N GLU A 83 8.16 -4.64 12.13
CA GLU A 83 8.27 -4.40 13.60
C GLU A 83 9.59 -4.94 14.13
N GLU A 84 10.41 -4.09 14.67
CA GLU A 84 11.72 -4.54 15.20
C GLU A 84 11.61 -4.81 16.71
N GLN A 85 12.70 -4.72 17.42
CA GLN A 85 12.66 -4.98 18.89
C GLN A 85 13.47 -3.90 19.63
N GLY A 86 13.21 -2.66 19.33
CA GLY A 86 13.95 -1.57 20.02
C GLY A 86 14.86 -0.85 19.01
N GLU A 87 15.17 0.39 19.26
CA GLU A 87 16.05 1.14 18.31
C GLU A 87 17.12 1.91 19.08
N GLU A 88 17.14 1.79 20.38
CA GLU A 88 18.17 2.50 21.19
C GLU A 88 18.44 3.90 20.63
N THR A 89 19.55 4.48 20.99
CA THR A 89 19.88 5.85 20.48
C THR A 89 21.19 6.34 21.09
N PRO A 90 22.24 5.61 20.79
CA PRO A 90 23.58 5.97 21.32
C PRO A 90 24.13 7.20 20.59
N MET B 1 -17.54 -1.25 12.68
CA MET B 1 -16.31 -1.30 13.54
C MET B 1 -15.36 -2.39 13.06
N LYS B 2 -15.36 -2.67 11.78
CA LYS B 2 -14.45 -3.74 11.26
C LYS B 2 -13.25 -3.10 10.55
N LEU B 3 -12.42 -2.40 11.28
CA LEU B 3 -11.23 -1.77 10.65
C LEU B 3 -10.14 -2.81 10.38
N SER B 4 -10.10 -3.85 11.17
CA SER B 4 -9.06 -4.90 10.95
C SER B 4 -7.67 -4.29 11.00
N ARG B 5 -7.20 -3.76 9.89
CA ARG B 5 -5.84 -3.15 9.88
C ARG B 5 -5.72 -2.17 8.70
N ARG B 6 -6.31 -2.50 7.59
CA ARG B 6 -6.23 -1.58 6.41
C ARG B 6 -6.75 -0.19 6.78
N SER B 7 -7.56 -0.11 7.80
CA SER B 7 -8.10 1.22 8.21
C SER B 7 -7.04 1.99 8.99
N PHE B 8 -6.31 1.32 9.83
CA PHE B 8 -5.26 2.00 10.62
C PHE B 8 -4.00 2.17 9.77
N MET B 9 -3.65 1.16 9.01
CA MET B 9 -2.43 1.26 8.14
C MET B 9 -2.64 2.30 7.05
N LYS B 10 -3.77 2.26 6.39
CA LYS B 10 -4.03 3.25 5.30
C LYS B 10 -3.74 4.67 5.81
N ALA B 11 -3.96 4.91 7.07
CA ALA B 11 -3.69 6.27 7.62
C ALA B 11 -2.21 6.63 7.43
N ASN B 12 -1.32 5.73 7.74
CA ASN B 12 0.13 6.01 7.58
C ASN B 12 0.56 5.78 6.13
N ALA B 13 0.05 4.75 5.52
CA ALA B 13 0.42 4.47 4.10
C ALA B 13 0.11 5.68 3.22
N VAL B 14 -1.06 6.23 3.35
CA VAL B 14 -1.41 7.41 2.51
C VAL B 14 -0.41 8.54 2.75
N ALA B 15 0.14 8.63 3.94
CA ALA B 15 1.13 9.72 4.22
C ALA B 15 2.37 9.53 3.34
N ALA B 16 2.73 8.30 3.06
CA ALA B 16 3.94 8.06 2.22
C ALA B 16 3.51 7.85 0.76
N ALA B 17 2.25 7.64 0.52
CA ALA B 17 1.78 7.43 -0.89
C ALA B 17 1.22 8.73 -1.44
N ALA B 18 0.85 9.64 -0.60
CA ALA B 18 0.29 10.95 -1.09
C ALA B 18 1.43 11.92 -1.41
N ALA B 19 2.34 12.11 -0.48
CA ALA B 19 3.47 13.05 -0.73
C ALA B 19 4.43 12.44 -1.76
N ALA B 20 4.26 11.19 -2.08
CA ALA B 20 5.17 10.55 -3.07
C ALA B 20 4.41 10.25 -4.37
N ALA B 21 3.29 9.57 -4.26
CA ALA B 21 2.50 9.25 -5.49
C ALA B 21 1.50 10.37 -5.78
N GLY B 22 1.64 11.50 -5.14
CA GLY B 22 0.70 12.61 -5.37
C GLY B 22 -0.73 12.14 -5.13
N LEU B 23 -0.91 11.17 -4.27
CA LEU B 23 -2.29 10.67 -3.99
C LEU B 23 -3.09 11.71 -3.22
N SER B 24 -4.17 11.30 -2.61
CA SER B 24 -5.00 12.27 -1.83
C SER B 24 -4.42 12.47 -0.44
N VAL B 25 -4.80 13.52 0.23
CA VAL B 25 -4.26 13.77 1.61
C VAL B 25 -5.35 13.50 2.65
N PRO B 26 -5.49 12.25 3.00
CA PRO B 26 -6.51 11.85 4.00
C PRO B 26 -6.09 12.30 5.40
N GLY B 27 -5.38 11.49 6.12
CA GLY B 27 -4.94 11.87 7.49
C GLY B 27 -3.41 11.94 7.55
N VAL B 28 -2.81 12.67 6.64
CA VAL B 28 -1.33 12.76 6.65
C VAL B 28 -0.81 12.98 8.08
N ALA B 29 -1.62 13.55 8.92
CA ALA B 29 -1.18 13.79 10.33
C ALA B 29 -1.58 12.60 11.21
N ARG B 30 -2.83 12.23 11.20
CA ARG B 30 -3.27 11.09 12.04
C ARG B 30 -2.93 11.35 13.51
N ALA B 31 -3.58 10.67 14.41
CA ALA B 31 -3.28 10.88 15.86
C ALA B 31 -3.66 12.31 16.28
N VAL B 32 -4.46 12.97 15.49
CA VAL B 32 -4.87 14.37 15.84
C VAL B 32 -5.83 14.36 17.03
N VAL B 33 -6.59 13.30 17.18
CA VAL B 33 -7.55 13.22 18.32
C VAL B 33 -8.56 14.38 18.22
N GLY B 34 -9.83 14.06 18.25
CA GLY B 34 -10.86 15.13 18.17
C GLY B 34 -11.62 15.22 19.49
N GLN B 35 -12.87 15.56 19.45
CA GLN B 35 -13.67 15.66 20.72
C GLN B 35 -14.98 14.88 20.58
N GLY A 1 -5.37 -4.85 25.44
CA GLY A 1 -6.45 -5.86 25.63
C GLY A 1 -6.08 -7.16 24.92
N SER A 2 -5.68 -7.08 23.68
CA SER A 2 -5.30 -8.31 22.94
C SER A 2 -3.88 -8.16 22.35
N HIS A 3 -3.61 -7.04 21.75
CA HIS A 3 -2.25 -6.83 21.15
C HIS A 3 -1.97 -7.89 20.08
N MET A 4 -1.30 -7.51 19.02
CA MET A 4 -1.01 -8.51 17.95
C MET A 4 -0.16 -7.85 16.86
N HIS A 5 1.10 -7.62 17.12
CA HIS A 5 1.98 -6.99 16.09
C HIS A 5 3.10 -7.95 15.68
N THR A 6 3.13 -8.33 14.43
CA THR A 6 4.20 -9.26 13.97
C THR A 6 4.24 -9.29 12.44
N ASN A 7 5.36 -8.96 11.86
CA ASN A 7 5.46 -8.98 10.37
C ASN A 7 6.90 -9.24 9.93
N TRP A 8 7.09 -9.60 8.69
CA TRP A 8 8.48 -9.89 8.20
C TRP A 8 8.92 -8.78 7.24
N GLN A 9 8.33 -8.72 6.08
CA GLN A 9 8.71 -7.67 5.09
C GLN A 9 7.52 -7.37 4.18
N VAL A 10 7.08 -6.15 4.14
CA VAL A 10 5.93 -5.78 3.27
C VAL A 10 5.77 -4.27 3.20
N CYS A 11 5.42 -3.76 2.06
CA CYS A 11 5.25 -2.29 1.92
C CYS A 11 3.97 -1.97 1.14
N SER A 12 3.59 -0.73 1.07
CA SER A 12 2.36 -0.36 0.32
C SER A 12 2.75 0.27 -1.01
N LEU A 13 2.45 -0.39 -2.10
CA LEU A 13 2.84 0.17 -3.42
C LEU A 13 1.60 0.71 -4.15
N VAL A 14 1.72 1.87 -4.74
CA VAL A 14 0.56 2.45 -5.47
C VAL A 14 0.69 2.17 -6.98
N VAL A 15 -0.03 1.21 -7.48
CA VAL A 15 0.06 0.88 -8.93
C VAL A 15 -0.74 1.91 -9.74
N GLN A 16 -0.14 2.47 -10.75
CA GLN A 16 -0.85 3.48 -11.59
C GLN A 16 -1.21 2.87 -12.95
N ALA A 17 -2.47 2.67 -13.21
CA ALA A 17 -2.89 2.09 -14.51
C ALA A 17 -4.16 2.78 -15.00
N LYS A 18 -4.55 2.54 -16.23
CA LYS A 18 -5.78 3.19 -16.77
C LYS A 18 -6.88 3.17 -15.70
N SER A 19 -7.71 4.18 -15.69
CA SER A 19 -8.79 4.24 -14.66
C SER A 19 -9.55 2.90 -14.58
N GLU A 20 -9.95 2.36 -15.70
CA GLU A 20 -10.70 1.07 -15.64
C GLU A 20 -9.74 -0.12 -15.74
N ARG A 21 -8.48 0.14 -15.98
CA ARG A 21 -7.51 -0.99 -16.04
C ARG A 21 -7.24 -1.46 -14.62
N ILE A 22 -6.93 -0.54 -13.76
CA ILE A 22 -6.63 -0.90 -12.34
C ILE A 22 -7.79 -1.68 -11.73
N SER A 23 -9.01 -1.29 -12.00
CA SER A 23 -10.13 -2.04 -11.41
C SER A 23 -9.95 -3.53 -11.75
N ASP A 24 -9.52 -3.81 -12.95
CA ASP A 24 -9.30 -5.22 -13.35
C ASP A 24 -8.05 -5.80 -12.67
N ILE A 25 -6.91 -5.20 -12.89
CA ILE A 25 -5.65 -5.73 -12.27
C ILE A 25 -5.53 -5.30 -10.80
N SER A 26 -5.71 -4.06 -10.50
CA SER A 26 -5.59 -3.62 -9.07
C SER A 26 -6.47 -4.50 -8.19
N THR A 27 -7.73 -4.63 -8.51
CA THR A 27 -8.62 -5.48 -7.68
C THR A 27 -8.04 -6.89 -7.54
N GLN A 28 -7.36 -7.35 -8.56
CA GLN A 28 -6.75 -8.70 -8.50
C GLN A 28 -5.73 -8.76 -7.37
N LEU A 29 -4.91 -7.76 -7.25
CA LEU A 29 -3.88 -7.76 -6.17
C LEU A 29 -4.53 -8.06 -4.82
N ASN A 30 -5.78 -7.70 -4.67
CA ASN A 30 -6.48 -7.96 -3.37
C ASN A 30 -6.91 -9.42 -3.29
N ALA A 31 -7.01 -10.09 -4.41
CA ALA A 31 -7.43 -11.52 -4.39
C ALA A 31 -6.28 -12.40 -3.88
N PHE A 32 -5.06 -11.98 -4.07
CA PHE A 32 -3.91 -12.79 -3.59
C PHE A 32 -3.72 -12.61 -2.08
N PRO A 33 -3.16 -13.61 -1.46
CA PRO A 33 -2.93 -13.58 0.00
C PRO A 33 -1.78 -12.63 0.33
N GLY A 34 -0.66 -12.76 -0.34
CA GLY A 34 0.48 -11.87 -0.07
C GLY A 34 0.12 -10.43 -0.43
N CYS A 35 -0.22 -10.19 -1.67
CA CYS A 35 -0.60 -8.81 -2.08
C CYS A 35 -2.03 -8.49 -1.63
N GLU A 36 -2.28 -7.28 -1.23
CA GLU A 36 -3.66 -6.90 -0.78
C GLU A 36 -3.88 -5.40 -0.96
N VAL A 37 -4.96 -5.03 -1.60
CA VAL A 37 -5.24 -3.57 -1.80
C VAL A 37 -5.61 -2.92 -0.47
N ALA A 38 -4.86 -1.94 -0.05
CA ALA A 38 -5.17 -1.26 1.24
C ALA A 38 -6.11 -0.07 0.99
N VAL A 39 -5.75 0.79 0.08
CA VAL A 39 -6.62 1.97 -0.20
C VAL A 39 -7.06 1.96 -1.68
N SER A 40 -8.34 1.91 -1.92
CA SER A 40 -8.82 1.89 -3.33
C SER A 40 -9.44 3.25 -3.69
N ASP A 41 -8.72 4.05 -4.44
CA ASP A 41 -9.25 5.38 -4.84
C ASP A 41 -9.02 5.61 -6.33
N ALA A 42 -9.91 6.34 -6.96
CA ALA A 42 -9.76 6.59 -8.41
C ALA A 42 -9.45 8.07 -8.69
N PRO A 43 -8.42 8.57 -8.04
CA PRO A 43 -8.02 9.99 -8.25
C PRO A 43 -7.43 10.16 -9.64
N SER A 44 -6.67 9.20 -10.10
CA SER A 44 -6.06 9.31 -11.45
C SER A 44 -5.86 7.91 -12.06
N GLY A 45 -6.51 6.92 -11.50
CA GLY A 45 -6.38 5.54 -12.04
C GLY A 45 -5.26 4.80 -11.28
N GLN A 46 -5.05 5.15 -10.05
CA GLN A 46 -3.97 4.46 -9.26
C GLN A 46 -4.52 4.00 -7.91
N LEU A 47 -4.18 2.81 -7.49
CA LEU A 47 -4.68 2.31 -6.18
C LEU A 47 -3.50 1.90 -5.29
N ILE A 48 -3.70 1.82 -4.00
CA ILE A 48 -2.59 1.43 -3.09
C ILE A 48 -2.73 -0.05 -2.71
N VAL A 49 -1.71 -0.83 -2.96
CA VAL A 49 -1.78 -2.28 -2.61
C VAL A 49 -0.49 -2.73 -1.93
N VAL A 50 -0.59 -3.29 -0.76
CA VAL A 50 0.64 -3.74 -0.03
C VAL A 50 0.85 -5.24 -0.24
N VAL A 51 2.08 -5.67 -0.37
CA VAL A 51 2.35 -7.12 -0.57
C VAL A 51 3.44 -7.60 0.39
N GLU A 52 3.26 -8.74 0.98
CA GLU A 52 4.29 -9.26 1.93
C GLU A 52 4.86 -10.59 1.42
N ALA A 53 6.11 -10.84 1.65
CA ALA A 53 6.72 -12.12 1.17
C ALA A 53 7.92 -12.48 2.04
N GLU A 54 8.53 -13.61 1.79
CA GLU A 54 9.71 -14.04 2.60
C GLU A 54 10.71 -12.88 2.71
N ASP A 55 11.00 -12.23 1.61
CA ASP A 55 11.97 -11.10 1.65
C ASP A 55 11.71 -10.14 0.49
N SER A 56 12.57 -9.18 0.30
CA SER A 56 12.37 -8.21 -0.82
C SER A 56 12.38 -8.95 -2.16
N GLU A 57 13.26 -9.90 -2.33
CA GLU A 57 13.30 -10.65 -3.61
C GLU A 57 11.90 -11.11 -4.01
N THR A 58 11.16 -11.67 -3.09
CA THR A 58 9.79 -12.14 -3.42
C THR A 58 8.84 -10.94 -3.55
N LEU A 59 9.06 -9.91 -2.77
CA LEU A 59 8.17 -8.72 -2.83
C LEU A 59 8.32 -8.04 -4.20
N ILE A 60 9.53 -7.88 -4.67
CA ILE A 60 9.75 -7.22 -5.98
C ILE A 60 9.17 -8.09 -7.10
N GLN A 61 9.14 -9.38 -6.89
CA GLN A 61 8.58 -10.30 -7.92
C GLN A 61 7.19 -9.82 -8.32
N THR A 62 6.37 -9.49 -7.37
CA THR A 62 4.98 -9.03 -7.70
C THR A 62 5.03 -7.82 -8.64
N ILE A 63 5.92 -6.90 -8.40
CA ILE A 63 6.03 -5.70 -9.29
C ILE A 63 6.07 -6.13 -10.76
N GLU A 64 6.72 -7.22 -11.05
CA GLU A 64 6.79 -7.67 -12.47
C GLU A 64 5.38 -7.74 -13.07
N SER A 65 4.41 -8.08 -12.25
CA SER A 65 3.01 -8.16 -12.76
C SER A 65 2.49 -6.76 -13.10
N VAL A 66 2.52 -5.86 -12.16
CA VAL A 66 2.02 -4.48 -12.40
C VAL A 66 2.88 -3.76 -13.45
N ARG A 67 4.17 -3.89 -13.37
CA ARG A 67 5.05 -3.21 -14.37
C ARG A 67 4.84 -3.80 -15.76
N ASN A 68 4.70 -5.08 -15.88
CA ASN A 68 4.50 -5.71 -17.22
C ASN A 68 3.07 -5.48 -17.71
N VAL A 69 2.16 -5.20 -16.83
CA VAL A 69 0.75 -4.97 -17.27
C VAL A 69 0.66 -3.65 -18.05
N GLU A 70 0.22 -3.71 -19.28
CA GLU A 70 0.11 -2.47 -20.10
C GLU A 70 -0.77 -1.44 -19.40
N GLY A 71 -1.91 -1.85 -18.91
CA GLY A 71 -2.82 -0.89 -18.22
C GLY A 71 -2.02 -0.02 -17.25
N VAL A 72 -0.99 -0.57 -16.66
CA VAL A 72 -0.18 0.22 -15.70
C VAL A 72 0.72 1.21 -16.45
N LEU A 73 0.44 2.49 -16.34
CA LEU A 73 1.28 3.50 -17.04
C LEU A 73 2.38 4.01 -16.11
N ALA A 74 2.19 3.84 -14.82
CA ALA A 74 3.22 4.31 -13.85
C ALA A 74 3.18 3.45 -12.59
N VAL A 75 4.10 3.66 -11.69
CA VAL A 75 4.12 2.85 -10.43
C VAL A 75 4.91 3.57 -9.34
N SER A 76 4.24 3.94 -8.28
CA SER A 76 4.96 4.65 -7.16
C SER A 76 4.86 3.83 -5.88
N LEU A 77 5.81 2.97 -5.64
CA LEU A 77 5.77 2.15 -4.39
C LEU A 77 6.83 2.64 -3.39
N VAL A 78 6.41 3.32 -2.37
CA VAL A 78 7.39 3.84 -1.37
C VAL A 78 6.78 3.83 0.04
N TYR A 79 7.01 2.77 0.79
CA TYR A 79 6.45 2.71 2.17
C TYR A 79 6.90 1.42 2.86
N HIS A 80 7.79 1.52 3.80
CA HIS A 80 8.26 0.30 4.51
C HIS A 80 7.43 0.05 5.77
N GLN A 81 6.98 -1.16 5.96
CA GLN A 81 6.15 -1.47 7.17
C GLN A 81 6.56 -2.83 7.76
N GLN A 82 7.16 -2.83 8.91
CA GLN A 82 7.58 -4.13 9.52
C GLN A 82 7.68 -3.99 11.04
N GLU A 83 7.22 -4.97 11.77
CA GLU A 83 7.28 -4.90 13.25
C GLU A 83 8.66 -5.34 13.76
N GLU A 84 9.11 -4.80 14.85
CA GLU A 84 10.44 -5.21 15.38
C GLU A 84 10.66 -4.61 16.78
N GLN A 85 11.41 -3.55 16.90
CA GLN A 85 11.65 -2.95 18.24
C GLN A 85 10.91 -1.61 18.35
N GLY A 86 9.62 -1.62 18.17
CA GLY A 86 8.84 -0.35 18.26
C GLY A 86 9.28 0.61 17.14
N GLU A 87 8.34 1.23 16.48
CA GLU A 87 8.71 2.16 15.38
C GLU A 87 8.89 3.59 15.93
N GLU A 88 9.52 3.71 17.06
CA GLU A 88 9.73 5.07 17.64
C GLU A 88 11.21 5.45 17.59
N THR A 89 11.51 6.65 17.19
CA THR A 89 12.94 7.08 17.11
C THR A 89 13.04 8.60 17.18
N PRO A 90 12.52 9.15 18.24
CA PRO A 90 12.55 10.62 18.44
C PRO A 90 13.97 11.09 18.78
N MET B 1 -8.60 -3.87 19.64
CA MET B 1 -9.10 -3.15 18.43
C MET B 1 -9.59 -4.16 17.39
N LYS B 2 -10.62 -3.81 16.65
CA LYS B 2 -11.15 -4.74 15.62
C LYS B 2 -10.12 -4.92 14.50
N LEU B 3 -9.56 -3.85 14.02
CA LEU B 3 -8.54 -3.97 12.93
C LEU B 3 -7.14 -3.93 13.52
N SER B 4 -6.77 -2.85 14.14
CA SER B 4 -5.41 -2.76 14.75
C SER B 4 -4.34 -2.95 13.67
N ARG B 5 -4.68 -2.76 12.43
CA ARG B 5 -3.69 -2.93 11.34
C ARG B 5 -4.07 -2.07 10.13
N ARG B 6 -5.10 -2.45 9.42
CA ARG B 6 -5.52 -1.65 8.23
C ARG B 6 -5.82 -0.21 8.64
N SER B 7 -6.27 -0.01 9.86
CA SER B 7 -6.58 1.37 10.31
C SER B 7 -5.28 2.12 10.61
N PHE B 8 -4.33 1.47 11.21
CA PHE B 8 -3.04 2.14 11.51
C PHE B 8 -2.15 2.14 10.26
N MET B 9 -2.19 1.09 9.49
CA MET B 9 -1.35 1.04 8.25
C MET B 9 -1.86 2.06 7.24
N LYS B 10 -3.11 2.00 6.88
CA LYS B 10 -3.65 2.98 5.89
C LYS B 10 -3.38 4.41 6.36
N ALA B 11 -3.28 4.62 7.65
CA ALA B 11 -3.01 5.99 8.16
C ALA B 11 -1.62 6.45 7.74
N ASN B 12 -0.63 5.62 7.94
CA ASN B 12 0.76 6.00 7.55
C ASN B 12 0.98 5.76 6.06
N ALA B 13 0.47 4.68 5.54
CA ALA B 13 0.66 4.38 4.09
C ALA B 13 0.17 5.56 3.24
N VAL B 14 -1.01 6.06 3.52
CA VAL B 14 -1.53 7.19 2.74
C VAL B 14 -0.59 8.39 2.84
N ALA B 15 0.05 8.56 3.97
CA ALA B 15 0.98 9.70 4.13
C ALA B 15 2.18 9.55 3.19
N ALA B 16 2.57 8.33 2.92
CA ALA B 16 3.73 8.09 2.02
C ALA B 16 3.24 7.78 0.60
N ALA B 17 1.96 7.57 0.45
CA ALA B 17 1.41 7.26 -0.91
C ALA B 17 0.72 8.49 -1.49
N ALA B 18 0.28 9.38 -0.65
CA ALA B 18 -0.40 10.61 -1.16
C ALA B 18 0.63 11.70 -1.46
N ALA B 19 1.53 11.94 -0.56
CA ALA B 19 2.56 13.00 -0.79
C ALA B 19 3.58 12.53 -1.82
N ALA B 20 3.53 11.27 -2.18
CA ALA B 20 4.50 10.76 -3.19
C ALA B 20 3.76 10.37 -4.47
N ALA B 21 2.74 9.56 -4.37
CA ALA B 21 1.98 9.16 -5.59
C ALA B 21 0.85 10.15 -5.87
N GLY B 22 0.88 11.29 -5.21
CA GLY B 22 -0.20 12.30 -5.44
C GLY B 22 -1.57 11.67 -5.14
N LEU B 23 -1.61 10.66 -4.32
CA LEU B 23 -2.90 10.00 -4.00
C LEU B 23 -3.83 10.98 -3.28
N SER B 24 -4.84 10.47 -2.63
CA SER B 24 -5.78 11.37 -1.90
C SER B 24 -5.22 11.74 -0.53
N VAL B 25 -5.72 12.78 0.08
CA VAL B 25 -5.21 13.19 1.41
C VAL B 25 -6.25 12.86 2.50
N PRO B 26 -6.22 11.62 2.93
CA PRO B 26 -7.17 11.17 3.98
C PRO B 26 -6.78 11.76 5.34
N GLY B 27 -5.95 11.09 6.08
CA GLY B 27 -5.55 11.61 7.41
C GLY B 27 -4.31 12.49 7.26
N VAL B 28 -4.24 13.26 6.21
CA VAL B 28 -3.06 14.14 6.00
C VAL B 28 -3.29 15.51 6.65
N ALA B 29 -4.16 16.30 6.08
CA ALA B 29 -4.43 17.65 6.67
C ALA B 29 -5.71 18.24 6.06
N ARG B 30 -6.85 17.74 6.45
CA ARG B 30 -8.12 18.28 5.90
C ARG B 30 -9.32 17.50 6.47
N ALA B 31 -9.47 16.28 6.08
CA ALA B 31 -10.61 15.46 6.59
C ALA B 31 -10.25 14.87 7.97
N VAL B 32 -9.95 15.71 8.93
CA VAL B 32 -9.59 15.19 10.28
C VAL B 32 -10.58 15.72 11.32
N VAL B 33 -10.94 16.98 11.23
CA VAL B 33 -11.89 17.55 12.22
C VAL B 33 -12.85 18.53 11.51
N GLY B 34 -14.13 18.35 11.70
CA GLY B 34 -15.11 19.25 11.04
C GLY B 34 -14.78 19.40 9.56
N GLN B 35 -14.48 20.59 9.12
CA GLN B 35 -14.12 20.79 7.69
C GLN B 35 -13.04 19.81 7.26
N GLY A 1 -9.85 -3.05 19.56
CA GLY A 1 -9.04 -3.35 18.35
C GLY A 1 -7.66 -2.71 18.49
N SER A 2 -7.06 -2.80 19.65
CA SER A 2 -5.72 -2.20 19.85
C SER A 2 -4.79 -3.18 20.58
N HIS A 3 -4.41 -4.25 19.92
CA HIS A 3 -3.51 -5.25 20.57
C HIS A 3 -3.23 -6.41 19.61
N MET A 4 -2.43 -6.18 18.60
CA MET A 4 -2.13 -7.28 17.63
C MET A 4 -1.17 -6.77 16.56
N HIS A 5 0.06 -6.53 16.91
CA HIS A 5 1.05 -6.04 15.90
C HIS A 5 2.15 -7.07 15.69
N THR A 6 2.26 -7.61 14.51
CA THR A 6 3.32 -8.63 14.24
C THR A 6 3.43 -8.88 12.73
N ASN A 7 4.58 -8.62 12.16
CA ASN A 7 4.75 -8.84 10.71
C ASN A 7 6.21 -9.16 10.37
N TRP A 8 6.46 -9.66 9.20
CA TRP A 8 7.87 -9.99 8.80
C TRP A 8 8.40 -8.94 7.83
N GLN A 9 7.88 -8.91 6.63
CA GLN A 9 8.35 -7.91 5.63
C GLN A 9 7.24 -7.61 4.62
N VAL A 10 6.85 -6.38 4.52
CA VAL A 10 5.76 -6.02 3.55
C VAL A 10 5.66 -4.50 3.40
N CYS A 11 5.40 -4.03 2.21
CA CYS A 11 5.29 -2.56 1.99
C CYS A 11 4.03 -2.24 1.19
N SER A 12 3.69 -0.99 1.06
CA SER A 12 2.48 -0.62 0.29
C SER A 12 2.86 -0.07 -1.08
N LEU A 13 2.51 -0.76 -2.13
CA LEU A 13 2.86 -0.28 -3.49
C LEU A 13 1.65 0.38 -4.16
N VAL A 14 1.85 1.51 -4.77
CA VAL A 14 0.71 2.22 -5.44
C VAL A 14 0.72 1.92 -6.94
N VAL A 15 -0.11 1.03 -7.39
CA VAL A 15 -0.15 0.69 -8.84
C VAL A 15 -0.91 1.77 -9.61
N GLN A 16 -0.30 2.33 -10.63
CA GLN A 16 -0.98 3.38 -11.41
C GLN A 16 -1.40 2.83 -12.79
N ALA A 17 -2.68 2.69 -13.01
CA ALA A 17 -3.15 2.16 -14.33
C ALA A 17 -4.42 2.90 -14.76
N LYS A 18 -4.83 2.72 -15.99
CA LYS A 18 -6.06 3.42 -16.46
C LYS A 18 -7.14 3.36 -15.38
N SER A 19 -7.97 4.37 -15.31
CA SER A 19 -9.03 4.37 -14.27
C SER A 19 -9.78 3.04 -14.23
N GLU A 20 -10.19 2.53 -15.37
CA GLU A 20 -10.92 1.23 -15.35
C GLU A 20 -9.96 0.06 -15.52
N ARG A 21 -8.71 0.34 -15.76
CA ARG A 21 -7.71 -0.76 -15.88
C ARG A 21 -7.43 -1.29 -14.49
N ILE A 22 -7.11 -0.41 -13.59
CA ILE A 22 -6.81 -0.83 -12.19
C ILE A 22 -7.96 -1.62 -11.60
N SER A 23 -9.17 -1.24 -11.85
CA SER A 23 -10.30 -2.01 -11.29
C SER A 23 -10.12 -3.47 -11.66
N ASP A 24 -9.69 -3.73 -12.86
CA ASP A 24 -9.46 -5.14 -13.30
C ASP A 24 -8.21 -5.73 -12.63
N ILE A 25 -7.08 -5.13 -12.83
CA ILE A 25 -5.82 -5.66 -12.22
C ILE A 25 -5.70 -5.27 -10.75
N SER A 26 -5.88 -4.03 -10.42
CA SER A 26 -5.76 -3.63 -8.99
C SER A 26 -6.65 -4.52 -8.12
N THR A 27 -7.91 -4.64 -8.45
CA THR A 27 -8.80 -5.50 -7.63
C THR A 27 -8.22 -6.90 -7.51
N GLN A 28 -7.55 -7.36 -8.53
CA GLN A 28 -6.94 -8.72 -8.50
C GLN A 28 -5.90 -8.79 -7.37
N LEU A 29 -5.09 -7.79 -7.23
CA LEU A 29 -4.06 -7.80 -6.15
C LEU A 29 -4.71 -8.12 -4.81
N ASN A 30 -5.89 -7.64 -4.58
CA ASN A 30 -6.58 -7.92 -3.28
C ASN A 30 -6.97 -9.39 -3.20
N ALA A 31 -7.17 -10.03 -4.34
CA ALA A 31 -7.55 -11.47 -4.33
C ALA A 31 -6.35 -12.34 -3.94
N PHE A 32 -5.16 -11.88 -4.22
CA PHE A 32 -3.95 -12.69 -3.87
C PHE A 32 -3.66 -12.59 -2.37
N PRO A 33 -3.06 -13.62 -1.85
CA PRO A 33 -2.71 -13.66 -0.42
C PRO A 33 -1.54 -12.72 -0.12
N GLY A 34 -0.45 -12.88 -0.83
CA GLY A 34 0.72 -12.00 -0.58
C GLY A 34 0.34 -10.54 -0.84
N CYS A 35 -0.09 -10.24 -2.04
CA CYS A 35 -0.49 -8.83 -2.35
C CYS A 35 -1.87 -8.54 -1.77
N GLU A 36 -2.11 -7.33 -1.34
CA GLU A 36 -3.44 -6.99 -0.77
C GLU A 36 -3.72 -5.48 -0.93
N VAL A 37 -4.84 -5.14 -1.51
CA VAL A 37 -5.16 -3.70 -1.70
C VAL A 37 -5.49 -3.05 -0.36
N ALA A 38 -4.74 -2.05 0.03
CA ALA A 38 -5.01 -1.38 1.33
C ALA A 38 -5.96 -0.18 1.12
N VAL A 39 -5.63 0.67 0.20
CA VAL A 39 -6.51 1.85 -0.05
C VAL A 39 -7.00 1.85 -1.50
N SER A 40 -8.30 1.80 -1.69
CA SER A 40 -8.84 1.78 -3.09
C SER A 40 -9.47 3.13 -3.43
N ASP A 41 -8.78 3.94 -4.19
CA ASP A 41 -9.33 5.27 -4.58
C ASP A 41 -9.16 5.50 -6.08
N ALA A 42 -10.06 6.22 -6.67
CA ALA A 42 -9.97 6.48 -8.14
C ALA A 42 -9.68 7.95 -8.42
N PRO A 43 -8.64 8.46 -7.81
CA PRO A 43 -8.25 9.88 -8.02
C PRO A 43 -7.69 10.07 -9.44
N SER A 44 -6.93 9.11 -9.90
CA SER A 44 -6.35 9.21 -11.27
C SER A 44 -6.17 7.81 -11.87
N GLY A 45 -6.79 6.82 -11.29
CA GLY A 45 -6.65 5.43 -11.82
C GLY A 45 -5.51 4.72 -11.09
N GLN A 46 -5.27 5.07 -9.86
CA GLN A 46 -4.17 4.40 -9.09
C GLN A 46 -4.67 3.92 -7.73
N LEU A 47 -4.30 2.73 -7.34
CA LEU A 47 -4.76 2.21 -6.02
C LEU A 47 -3.54 1.77 -5.18
N ILE A 48 -3.69 1.77 -3.88
CA ILE A 48 -2.54 1.35 -3.02
C ILE A 48 -2.67 -0.13 -2.66
N VAL A 49 -1.67 -0.91 -2.93
CA VAL A 49 -1.73 -2.37 -2.61
C VAL A 49 -0.43 -2.82 -1.94
N VAL A 50 -0.52 -3.40 -0.77
CA VAL A 50 0.71 -3.87 -0.08
C VAL A 50 0.96 -5.34 -0.37
N VAL A 51 2.20 -5.74 -0.49
CA VAL A 51 2.51 -7.16 -0.78
C VAL A 51 3.58 -7.68 0.18
N GLU A 52 3.47 -8.91 0.61
CA GLU A 52 4.49 -9.46 1.55
C GLU A 52 5.13 -10.71 0.95
N ALA A 53 6.41 -10.89 1.15
CA ALA A 53 7.09 -12.10 0.58
C ALA A 53 8.30 -12.46 1.45
N GLU A 54 9.03 -13.47 1.07
CA GLU A 54 10.22 -13.89 1.85
C GLU A 54 11.08 -12.66 2.19
N ASP A 55 11.40 -11.85 1.22
CA ASP A 55 12.23 -10.65 1.48
C ASP A 55 11.98 -9.58 0.42
N SER A 56 12.78 -8.55 0.39
CA SER A 56 12.59 -7.48 -0.63
C SER A 56 12.73 -8.07 -2.03
N GLU A 57 13.62 -9.00 -2.21
CA GLU A 57 13.82 -9.60 -3.56
C GLU A 57 12.49 -10.19 -4.07
N THR A 58 11.79 -10.89 -3.22
CA THR A 58 10.48 -11.48 -3.65
C THR A 58 9.42 -10.39 -3.76
N LEU A 59 9.49 -9.39 -2.92
CA LEU A 59 8.49 -8.29 -2.99
C LEU A 59 8.56 -7.59 -4.34
N ILE A 60 9.75 -7.30 -4.80
CA ILE A 60 9.88 -6.61 -6.12
C ILE A 60 9.39 -7.52 -7.23
N GLN A 61 9.51 -8.81 -7.04
CA GLN A 61 9.05 -9.77 -8.08
C GLN A 61 7.61 -9.45 -8.47
N THR A 62 6.76 -9.22 -7.50
CA THR A 62 5.34 -8.90 -7.80
C THR A 62 5.23 -7.70 -8.74
N ILE A 63 6.05 -6.70 -8.52
CA ILE A 63 6.00 -5.49 -9.41
C ILE A 63 6.01 -5.91 -10.89
N GLU A 64 6.73 -6.94 -11.22
CA GLU A 64 6.78 -7.38 -12.64
C GLU A 64 5.35 -7.57 -13.17
N SER A 65 4.45 -7.97 -12.33
CA SER A 65 3.03 -8.16 -12.77
C SER A 65 2.38 -6.81 -13.08
N VAL A 66 2.46 -5.89 -12.16
CA VAL A 66 1.83 -4.55 -12.40
C VAL A 66 2.60 -3.75 -13.45
N ARG A 67 3.91 -3.82 -13.45
CA ARG A 67 4.70 -3.06 -14.45
C ARG A 67 4.51 -3.63 -15.86
N ASN A 68 4.44 -4.92 -16.01
CA ASN A 68 4.28 -5.51 -17.37
C ASN A 68 2.83 -5.35 -17.86
N VAL A 69 1.91 -5.13 -16.97
CA VAL A 69 0.48 -4.96 -17.39
C VAL A 69 0.33 -3.65 -18.16
N GLU A 70 -0.23 -3.70 -19.34
CA GLU A 70 -0.41 -2.45 -20.13
C GLU A 70 -1.28 -1.45 -19.37
N GLY A 71 -2.33 -1.91 -18.76
CA GLY A 71 -3.21 -0.98 -18.00
C GLY A 71 -2.38 -0.17 -17.00
N VAL A 72 -1.32 -0.75 -16.51
CA VAL A 72 -0.45 -0.02 -15.53
C VAL A 72 0.49 0.93 -16.27
N LEU A 73 0.34 2.22 -16.08
CA LEU A 73 1.23 3.18 -16.76
C LEU A 73 2.33 3.67 -15.80
N ALA A 74 2.10 3.55 -14.53
CA ALA A 74 3.13 4.00 -13.54
C ALA A 74 3.09 3.12 -12.30
N VAL A 75 4.01 3.31 -11.38
CA VAL A 75 4.02 2.48 -10.14
C VAL A 75 4.89 3.14 -9.07
N SER A 76 4.31 3.50 -7.96
CA SER A 76 5.11 4.14 -6.88
C SER A 76 4.94 3.38 -5.57
N LEU A 77 5.88 2.58 -5.21
CA LEU A 77 5.78 1.80 -3.94
C LEU A 77 6.84 2.27 -2.94
N VAL A 78 6.45 3.01 -1.95
CA VAL A 78 7.44 3.48 -0.94
C VAL A 78 6.81 3.49 0.45
N TYR A 79 7.01 2.45 1.21
CA TYR A 79 6.43 2.40 2.57
C TYR A 79 6.84 1.11 3.29
N HIS A 80 7.65 1.21 4.30
CA HIS A 80 8.10 0.00 5.04
C HIS A 80 7.32 -0.12 6.35
N GLN A 81 6.69 -1.25 6.59
CA GLN A 81 5.91 -1.42 7.85
C GLN A 81 6.29 -2.73 8.53
N GLN A 82 6.93 -2.66 9.67
CA GLN A 82 7.32 -3.90 10.39
C GLN A 82 7.44 -3.63 11.89
N GLU A 83 6.97 -4.54 12.71
CA GLU A 83 7.05 -4.33 14.18
C GLU A 83 8.30 -5.01 14.73
N GLU A 84 9.19 -4.26 15.32
CA GLU A 84 10.43 -4.86 15.89
C GLU A 84 11.29 -5.42 14.77
N GLN A 85 10.83 -6.45 14.12
CA GLN A 85 11.63 -7.06 13.01
C GLN A 85 12.26 -5.95 12.15
N GLY A 86 13.42 -6.21 11.61
CA GLY A 86 14.09 -5.18 10.76
C GLY A 86 15.20 -5.84 9.93
N GLU A 87 16.35 -5.23 9.88
CA GLU A 87 17.47 -5.83 9.09
C GLU A 87 17.08 -5.92 7.60
N GLU A 88 16.77 -4.81 7.00
CA GLU A 88 16.38 -4.82 5.55
C GLU A 88 17.38 -4.02 4.72
N THR A 89 17.72 -4.50 3.55
CA THR A 89 18.69 -3.76 2.70
C THR A 89 17.96 -2.72 1.83
N PRO A 90 18.54 -1.56 1.75
CA PRO A 90 17.95 -0.46 0.95
C PRO A 90 18.10 -0.76 -0.55
N MET B 1 -10.90 -11.26 9.90
CA MET B 1 -10.34 -10.30 10.89
C MET B 1 -9.07 -9.65 10.33
N LYS B 2 -8.96 -9.57 9.04
CA LYS B 2 -7.73 -8.94 8.44
C LYS B 2 -7.99 -7.47 8.16
N LEU B 3 -9.22 -7.03 8.27
CA LEU B 3 -9.53 -5.59 8.02
C LEU B 3 -9.16 -4.74 9.23
N SER B 4 -9.14 -5.34 10.39
CA SER B 4 -8.78 -4.55 11.62
C SER B 4 -7.31 -4.16 11.58
N ARG B 5 -6.91 -3.43 10.57
CA ARG B 5 -5.48 -3.00 10.48
C ARG B 5 -5.29 -2.05 9.30
N ARG B 6 -6.03 -2.23 8.24
CA ARG B 6 -5.89 -1.33 7.07
C ARG B 6 -6.32 0.09 7.44
N SER B 7 -7.04 0.25 8.51
CA SER B 7 -7.49 1.61 8.92
C SER B 7 -6.35 2.31 9.65
N PHE B 8 -5.61 1.59 10.46
CA PHE B 8 -4.48 2.21 11.20
C PHE B 8 -3.25 2.33 10.28
N MET B 9 -2.98 1.31 9.51
CA MET B 9 -1.80 1.35 8.60
C MET B 9 -2.05 2.39 7.48
N LYS B 10 -3.22 2.38 6.90
CA LYS B 10 -3.51 3.36 5.82
C LYS B 10 -3.17 4.77 6.29
N ALA B 11 -3.21 5.02 7.57
CA ALA B 11 -2.88 6.38 8.09
C ALA B 11 -1.45 6.75 7.70
N ASN B 12 -0.51 5.88 7.96
CA ASN B 12 0.90 6.17 7.60
C ASN B 12 1.15 5.85 6.12
N ALA B 13 0.49 4.85 5.60
CA ALA B 13 0.69 4.49 4.17
C ALA B 13 0.33 5.67 3.27
N VAL B 14 -0.80 6.28 3.51
CA VAL B 14 -1.19 7.43 2.66
C VAL B 14 -0.12 8.53 2.72
N ALA B 15 0.56 8.65 3.82
CA ALA B 15 1.61 9.70 3.95
C ALA B 15 2.73 9.42 2.95
N ALA B 16 3.02 8.17 2.68
CA ALA B 16 4.11 7.84 1.71
C ALA B 16 3.52 7.56 0.34
N ALA B 17 2.22 7.37 0.25
CA ALA B 17 1.59 7.10 -1.07
C ALA B 17 1.00 8.39 -1.64
N ALA B 18 0.73 9.35 -0.81
CA ALA B 18 0.14 10.62 -1.31
C ALA B 18 1.26 11.57 -1.77
N ALA B 19 2.22 11.82 -0.93
CA ALA B 19 3.33 12.74 -1.32
C ALA B 19 4.22 12.06 -2.36
N ALA B 20 4.03 10.79 -2.58
CA ALA B 20 4.86 10.06 -3.58
C ALA B 20 4.01 9.68 -4.80
N ALA B 21 2.90 9.04 -4.58
CA ALA B 21 2.03 8.64 -5.73
C ALA B 21 1.01 9.75 -6.02
N GLY B 22 1.21 10.91 -5.47
CA GLY B 22 0.25 12.02 -5.71
C GLY B 22 -1.15 11.59 -5.29
N LEU B 23 -1.25 10.65 -4.40
CA LEU B 23 -2.59 10.19 -3.94
C LEU B 23 -3.27 11.28 -3.11
N SER B 24 -4.28 10.91 -2.36
CA SER B 24 -4.99 11.93 -1.53
C SER B 24 -4.18 12.22 -0.26
N VAL B 25 -4.46 13.32 0.39
CA VAL B 25 -3.70 13.66 1.63
C VAL B 25 -4.60 13.52 2.86
N PRO B 26 -4.85 12.29 3.23
CA PRO B 26 -5.71 12.00 4.41
C PRO B 26 -4.96 12.33 5.70
N GLY B 27 -4.25 11.37 6.26
CA GLY B 27 -3.50 11.63 7.52
C GLY B 27 -2.01 11.67 7.22
N VAL B 28 -1.61 12.41 6.21
CA VAL B 28 -0.16 12.49 5.87
C VAL B 28 0.69 12.59 7.14
N ALA B 29 0.25 13.37 8.09
CA ALA B 29 1.04 13.51 9.35
C ALA B 29 0.29 14.41 10.34
N ARG B 30 -0.16 15.55 9.90
CA ARG B 30 -0.90 16.48 10.81
C ARG B 30 -2.39 16.46 10.48
N ALA B 31 -3.17 15.72 11.23
CA ALA B 31 -4.63 15.67 10.96
C ALA B 31 -5.42 15.72 12.27
N VAL B 32 -4.74 15.93 13.37
CA VAL B 32 -5.44 15.99 14.69
C VAL B 32 -6.44 17.16 14.70
N VAL B 33 -6.06 18.29 14.17
CA VAL B 33 -6.98 19.45 14.15
C VAL B 33 -8.34 19.05 13.55
N GLY B 34 -9.24 18.58 14.36
CA GLY B 34 -10.58 18.17 13.84
C GLY B 34 -11.50 17.80 15.00
N GLN B 35 -11.22 16.70 15.65
CA GLN B 35 -12.09 16.29 16.79
C GLN B 35 -13.55 16.17 16.35
N GLY A 1 -3.25 -13.40 26.64
CA GLY A 1 -3.00 -12.11 27.35
C GLY A 1 -1.49 -11.90 27.50
N SER A 2 -0.84 -11.49 26.44
CA SER A 2 0.63 -11.26 26.52
C SER A 2 1.08 -10.32 25.40
N HIS A 3 1.25 -10.84 24.21
CA HIS A 3 1.68 -9.98 23.08
C HIS A 3 1.31 -10.64 21.74
N MET A 4 1.30 -9.88 20.68
CA MET A 4 0.95 -10.45 19.35
C MET A 4 1.47 -9.56 18.23
N HIS A 5 2.77 -9.54 18.04
CA HIS A 5 3.34 -8.68 16.95
C HIS A 5 4.52 -9.40 16.29
N THR A 6 4.43 -9.66 15.01
CA THR A 6 5.55 -10.36 14.31
C THR A 6 5.46 -10.11 12.80
N ASN A 7 6.46 -9.51 12.22
CA ASN A 7 6.41 -9.25 10.76
C ASN A 7 7.81 -9.43 10.15
N TRP A 8 7.88 -9.86 8.92
CA TRP A 8 9.21 -10.05 8.27
C TRP A 8 9.50 -8.90 7.31
N GLN A 9 8.80 -8.83 6.22
CA GLN A 9 9.03 -7.73 5.24
C GLN A 9 7.76 -7.44 4.44
N VAL A 10 7.28 -6.22 4.47
CA VAL A 10 6.05 -5.88 3.72
C VAL A 10 5.97 -4.37 3.47
N CYS A 11 5.51 -3.97 2.33
CA CYS A 11 5.41 -2.52 2.03
C CYS A 11 4.14 -2.22 1.23
N SER A 12 3.83 -0.96 1.04
CA SER A 12 2.59 -0.62 0.27
C SER A 12 2.97 -0.12 -1.13
N LEU A 13 2.54 -0.82 -2.15
CA LEU A 13 2.87 -0.40 -3.54
C LEU A 13 1.67 0.30 -4.18
N VAL A 14 1.89 1.43 -4.80
CA VAL A 14 0.76 2.15 -5.45
C VAL A 14 0.74 1.86 -6.95
N VAL A 15 -0.13 0.98 -7.38
CA VAL A 15 -0.20 0.65 -8.84
C VAL A 15 -0.95 1.74 -9.59
N GLN A 16 -0.37 2.27 -10.63
CA GLN A 16 -1.06 3.34 -11.41
C GLN A 16 -1.51 2.80 -12.76
N ALA A 17 -2.79 2.68 -12.97
CA ALA A 17 -3.30 2.16 -14.28
C ALA A 17 -4.55 2.94 -14.69
N LYS A 18 -4.99 2.77 -15.91
CA LYS A 18 -6.21 3.48 -16.37
C LYS A 18 -7.27 3.44 -15.27
N SER A 19 -8.09 4.45 -15.18
CA SER A 19 -9.14 4.47 -14.13
C SER A 19 -9.89 3.14 -14.07
N GLU A 20 -10.32 2.61 -15.20
CA GLU A 20 -11.05 1.32 -15.16
C GLU A 20 -10.09 0.15 -15.33
N ARG A 21 -8.84 0.43 -15.60
CA ARG A 21 -7.85 -0.68 -15.73
C ARG A 21 -7.54 -1.20 -14.34
N ILE A 22 -7.24 -0.31 -13.44
CA ILE A 22 -6.90 -0.72 -12.05
C ILE A 22 -8.03 -1.55 -11.45
N SER A 23 -9.26 -1.18 -11.67
CA SER A 23 -10.36 -1.98 -11.10
C SER A 23 -10.15 -3.44 -11.49
N ASP A 24 -9.75 -3.66 -12.71
CA ASP A 24 -9.49 -5.06 -13.18
C ASP A 24 -8.23 -5.64 -12.54
N ILE A 25 -7.11 -5.00 -12.74
CA ILE A 25 -5.82 -5.54 -12.17
C ILE A 25 -5.69 -5.18 -10.69
N SER A 26 -5.90 -3.94 -10.32
CA SER A 26 -5.77 -3.58 -8.88
C SER A 26 -6.62 -4.51 -8.02
N THR A 27 -7.87 -4.66 -8.34
CA THR A 27 -8.73 -5.56 -7.53
C THR A 27 -8.12 -6.97 -7.50
N GLN A 28 -7.47 -7.36 -8.55
CA GLN A 28 -6.85 -8.70 -8.59
C GLN A 28 -5.79 -8.82 -7.49
N LEU A 29 -4.97 -7.81 -7.34
CA LEU A 29 -3.91 -7.86 -6.29
C LEU A 29 -4.54 -8.23 -4.93
N ASN A 30 -5.76 -7.86 -4.72
CA ASN A 30 -6.42 -8.19 -3.42
C ASN A 30 -6.71 -9.70 -3.37
N ALA A 31 -6.89 -10.32 -4.49
CA ALA A 31 -7.18 -11.78 -4.50
C ALA A 31 -5.92 -12.58 -4.15
N PHE A 32 -4.76 -12.04 -4.46
CA PHE A 32 -3.49 -12.76 -4.15
C PHE A 32 -3.27 -12.81 -2.63
N PRO A 33 -2.61 -13.85 -2.21
CA PRO A 33 -2.32 -14.03 -0.77
C PRO A 33 -1.25 -13.05 -0.31
N GLY A 34 -0.16 -12.95 -1.03
CA GLY A 34 0.92 -12.00 -0.62
C GLY A 34 0.46 -10.57 -0.89
N CYS A 35 0.23 -10.23 -2.13
CA CYS A 35 -0.22 -8.84 -2.45
C CYS A 35 -1.63 -8.61 -1.93
N GLU A 36 -1.94 -7.40 -1.54
CA GLU A 36 -3.30 -7.11 -1.01
C GLU A 36 -3.60 -5.60 -1.12
N VAL A 37 -4.73 -5.24 -1.66
CA VAL A 37 -5.07 -3.80 -1.79
C VAL A 37 -5.42 -3.22 -0.41
N ALA A 38 -4.70 -2.22 0.02
CA ALA A 38 -4.99 -1.60 1.34
C ALA A 38 -5.93 -0.40 1.17
N VAL A 39 -5.63 0.47 0.24
CA VAL A 39 -6.50 1.66 0.02
C VAL A 39 -7.05 1.66 -1.40
N SER A 40 -8.34 1.63 -1.55
CA SER A 40 -8.93 1.63 -2.92
C SER A 40 -9.56 2.99 -3.24
N ASP A 41 -8.87 3.81 -3.99
CA ASP A 41 -9.41 5.15 -4.33
C ASP A 41 -9.25 5.41 -5.83
N ALA A 42 -10.15 6.15 -6.41
CA ALA A 42 -10.05 6.43 -7.87
C ALA A 42 -9.74 7.91 -8.12
N PRO A 43 -8.70 8.40 -7.52
CA PRO A 43 -8.29 9.81 -7.70
C PRO A 43 -7.74 10.01 -9.12
N SER A 44 -6.99 9.05 -9.60
CA SER A 44 -6.41 9.17 -10.97
C SER A 44 -6.22 7.78 -11.57
N GLY A 45 -6.84 6.78 -11.01
CA GLY A 45 -6.69 5.40 -11.55
C GLY A 45 -5.54 4.69 -10.84
N GLN A 46 -5.29 5.03 -9.61
CA GLN A 46 -4.18 4.38 -8.86
C GLN A 46 -4.66 3.88 -7.49
N LEU A 47 -4.28 2.69 -7.11
CA LEU A 47 -4.72 2.16 -5.79
C LEU A 47 -3.50 1.72 -4.97
N ILE A 48 -3.61 1.70 -3.67
CA ILE A 48 -2.46 1.28 -2.83
C ILE A 48 -2.57 -0.22 -2.48
N VAL A 49 -1.57 -0.99 -2.82
CA VAL A 49 -1.62 -2.44 -2.51
C VAL A 49 -0.35 -2.87 -1.77
N VAL A 50 -0.49 -3.45 -0.62
CA VAL A 50 0.71 -3.90 0.15
C VAL A 50 1.00 -5.37 -0.13
N VAL A 51 2.26 -5.73 -0.14
CA VAL A 51 2.63 -7.15 -0.41
C VAL A 51 3.78 -7.58 0.50
N GLU A 52 3.81 -8.82 0.89
CA GLU A 52 4.92 -9.30 1.77
C GLU A 52 5.57 -10.55 1.17
N ALA A 53 6.86 -10.68 1.32
CA ALA A 53 7.57 -11.88 0.75
C ALA A 53 8.82 -12.18 1.57
N GLU A 54 9.51 -13.23 1.23
CA GLU A 54 10.75 -13.58 1.99
C GLU A 54 11.61 -12.33 2.21
N ASP A 55 11.85 -11.58 1.17
CA ASP A 55 12.68 -10.35 1.32
C ASP A 55 12.35 -9.36 0.20
N SER A 56 13.14 -8.32 0.06
CA SER A 56 12.87 -7.32 -1.01
C SER A 56 12.92 -7.98 -2.38
N GLU A 57 13.85 -8.89 -2.58
CA GLU A 57 13.95 -9.57 -3.90
C GLU A 57 12.60 -10.16 -4.29
N THR A 58 11.94 -10.83 -3.39
CA THR A 58 10.62 -11.43 -3.71
C THR A 58 9.55 -10.34 -3.83
N LEU A 59 9.68 -9.30 -3.05
CA LEU A 59 8.68 -8.19 -3.12
C LEU A 59 8.72 -7.52 -4.49
N ILE A 60 9.89 -7.25 -4.99
CA ILE A 60 9.99 -6.60 -6.33
C ILE A 60 9.47 -7.56 -7.40
N GLN A 61 9.59 -8.83 -7.18
CA GLN A 61 9.08 -9.81 -8.18
C GLN A 61 7.64 -9.50 -8.54
N THR A 62 6.82 -9.24 -7.55
CA THR A 62 5.38 -8.92 -7.82
C THR A 62 5.26 -7.74 -8.78
N ILE A 63 6.09 -6.74 -8.59
CA ILE A 63 6.03 -5.55 -9.49
C ILE A 63 6.02 -5.99 -10.96
N GLU A 64 6.73 -7.03 -11.29
CA GLU A 64 6.76 -7.48 -12.71
C GLU A 64 5.33 -7.65 -13.23
N SER A 65 4.43 -8.04 -12.37
CA SER A 65 3.02 -8.22 -12.81
C SER A 65 2.38 -6.86 -13.12
N VAL A 66 2.40 -5.96 -12.19
CA VAL A 66 1.79 -4.62 -12.40
C VAL A 66 2.55 -3.83 -13.48
N ARG A 67 3.85 -3.87 -13.46
CA ARG A 67 4.63 -3.11 -14.48
C ARG A 67 4.38 -3.67 -15.88
N ASN A 68 4.31 -4.98 -16.02
CA ASN A 68 4.08 -5.57 -17.35
C ASN A 68 2.62 -5.43 -17.77
N VAL A 69 1.73 -5.21 -16.83
CA VAL A 69 0.29 -5.05 -17.20
C VAL A 69 0.10 -3.76 -17.99
N GLU A 70 -0.45 -3.85 -19.17
CA GLU A 70 -0.66 -2.63 -20.00
C GLU A 70 -1.48 -1.58 -19.23
N GLY A 71 -2.59 -1.98 -18.67
CA GLY A 71 -3.44 -1.01 -17.92
C GLY A 71 -2.56 -0.21 -16.95
N VAL A 72 -1.52 -0.82 -16.44
CA VAL A 72 -0.63 -0.11 -15.49
C VAL A 72 0.27 0.88 -16.24
N LEU A 73 0.11 2.15 -15.98
CA LEU A 73 0.96 3.17 -16.67
C LEU A 73 2.10 3.63 -15.75
N ALA A 74 1.93 3.45 -14.46
CA ALA A 74 3.00 3.88 -13.52
C ALA A 74 2.96 3.01 -12.25
N VAL A 75 3.92 3.19 -11.38
CA VAL A 75 3.93 2.38 -10.12
C VAL A 75 4.75 3.09 -9.05
N SER A 76 4.14 3.43 -7.95
CA SER A 76 4.89 4.13 -6.86
C SER A 76 4.74 3.36 -5.54
N LEU A 77 5.73 2.60 -5.16
CA LEU A 77 5.64 1.83 -3.89
C LEU A 77 6.67 2.35 -2.89
N VAL A 78 6.23 3.08 -1.90
CA VAL A 78 7.18 3.63 -0.89
C VAL A 78 6.53 3.61 0.50
N TYR A 79 6.76 2.58 1.27
CA TYR A 79 6.17 2.51 2.63
C TYR A 79 6.65 1.26 3.36
N HIS A 80 7.51 1.41 4.34
CA HIS A 80 8.02 0.23 5.08
C HIS A 80 7.21 0.04 6.37
N GLN A 81 6.71 -1.14 6.59
CA GLN A 81 5.91 -1.39 7.83
C GLN A 81 6.29 -2.75 8.44
N GLN A 82 6.96 -2.74 9.56
CA GLN A 82 7.35 -4.03 10.20
C GLN A 82 7.67 -3.81 11.68
N GLU A 83 7.24 -4.71 12.52
CA GLU A 83 7.50 -4.57 13.98
C GLU A 83 8.83 -5.25 14.34
N GLU A 84 9.76 -4.51 14.86
CA GLU A 84 11.08 -5.11 15.24
C GLU A 84 12.03 -4.03 15.75
N GLN A 85 11.90 -2.83 15.27
CA GLN A 85 12.80 -1.73 15.74
C GLN A 85 12.20 -0.37 15.36
N GLY A 86 10.96 -0.15 15.67
CA GLY A 86 10.33 1.17 15.32
C GLY A 86 8.81 0.99 15.21
N GLU A 87 8.22 1.55 14.19
CA GLU A 87 6.75 1.41 14.01
C GLU A 87 6.03 1.75 15.33
N GLU A 88 6.66 2.52 16.18
CA GLU A 88 6.01 2.89 17.47
C GLU A 88 4.75 3.71 17.21
N THR A 89 3.80 3.66 18.11
CA THR A 89 2.54 4.43 17.92
C THR A 89 1.88 4.72 19.27
N PRO A 90 1.04 5.71 19.27
CA PRO A 90 0.32 6.10 20.52
C PRO A 90 -0.76 5.06 20.86
N MET B 1 -17.46 -1.07 2.45
CA MET B 1 -17.00 -2.28 1.74
C MET B 1 -16.26 -3.22 2.72
N LYS B 2 -15.37 -2.68 3.51
CA LYS B 2 -14.63 -3.53 4.49
C LYS B 2 -13.79 -2.66 5.42
N LEU B 3 -13.69 -3.04 6.66
CA LEU B 3 -12.88 -2.23 7.62
C LEU B 3 -12.22 -3.14 8.66
N SER B 4 -11.01 -2.84 9.04
CA SER B 4 -10.32 -3.69 10.06
C SER B 4 -8.93 -3.11 10.37
N ARG B 5 -8.20 -2.73 9.35
CA ARG B 5 -6.84 -2.16 9.58
C ARG B 5 -6.62 -0.95 8.66
N ARG B 6 -7.14 -0.99 7.47
CA ARG B 6 -6.95 0.14 6.51
C ARG B 6 -6.93 1.48 7.24
N SER B 7 -8.00 1.83 7.91
CA SER B 7 -8.03 3.11 8.64
C SER B 7 -6.72 3.34 9.39
N PHE B 8 -6.21 2.32 10.04
CA PHE B 8 -4.94 2.47 10.80
C PHE B 8 -3.73 2.37 9.85
N MET B 9 -3.73 1.40 8.97
CA MET B 9 -2.58 1.26 8.03
C MET B 9 -2.61 2.38 7.00
N LYS B 10 -3.70 2.52 6.30
CA LYS B 10 -3.79 3.60 5.28
C LYS B 10 -3.36 4.93 5.91
N ALA B 11 -3.49 5.06 7.20
CA ALA B 11 -3.08 6.34 7.85
C ALA B 11 -1.60 6.59 7.61
N ASN B 12 -0.77 5.62 7.88
CA ASN B 12 0.69 5.80 7.65
C ASN B 12 1.03 5.54 6.18
N ALA B 13 0.32 4.64 5.55
CA ALA B 13 0.58 4.33 4.12
C ALA B 13 0.39 5.58 3.26
N VAL B 14 -0.70 6.27 3.45
CA VAL B 14 -0.95 7.49 2.64
C VAL B 14 0.20 8.49 2.82
N ALA B 15 0.81 8.50 3.97
CA ALA B 15 1.94 9.45 4.19
C ALA B 15 3.09 9.11 3.26
N ALA B 16 3.27 7.85 2.96
CA ALA B 16 4.37 7.44 2.05
C ALA B 16 3.81 7.16 0.66
N ALA B 17 2.52 7.10 0.53
CA ALA B 17 1.90 6.83 -0.80
C ALA B 17 1.34 8.13 -1.39
N ALA B 18 0.98 9.07 -0.55
CA ALA B 18 0.43 10.36 -1.06
C ALA B 18 1.56 11.29 -1.49
N ALA B 19 2.55 11.45 -0.65
CA ALA B 19 3.69 12.34 -1.00
C ALA B 19 4.55 11.71 -2.09
N ALA B 20 4.31 10.46 -2.39
CA ALA B 20 5.11 9.78 -3.45
C ALA B 20 4.23 9.46 -4.66
N ALA B 21 3.12 8.82 -4.45
CA ALA B 21 2.22 8.49 -5.58
C ALA B 21 1.22 9.63 -5.82
N GLY B 22 1.46 10.77 -5.23
CA GLY B 22 0.53 11.91 -5.43
C GLY B 22 -0.90 11.49 -5.04
N LEU B 23 -1.02 10.54 -4.16
CA LEU B 23 -2.38 10.09 -3.74
C LEU B 23 -3.10 11.20 -2.98
N SER B 24 -4.14 10.86 -2.27
CA SER B 24 -4.89 11.89 -1.49
C SER B 24 -4.14 12.23 -0.20
N VAL B 25 -4.46 13.34 0.40
CA VAL B 25 -3.77 13.74 1.66
C VAL B 25 -4.72 13.57 2.85
N PRO B 26 -4.79 12.36 3.34
CA PRO B 26 -5.68 12.06 4.49
C PRO B 26 -5.09 12.64 5.78
N GLY B 27 -3.87 12.30 6.09
CA GLY B 27 -3.23 12.83 7.33
C GLY B 27 -1.80 13.25 7.03
N VAL B 28 -1.54 13.74 5.86
CA VAL B 28 -0.16 14.16 5.50
C VAL B 28 0.02 15.66 5.76
N ALA B 29 -0.46 16.49 4.86
CA ALA B 29 -0.32 17.96 5.05
C ALA B 29 -1.64 18.56 5.55
N ARG B 30 -2.69 17.78 5.53
CA ARG B 30 -4.00 18.30 6.00
C ARG B 30 -4.49 19.42 5.08
N ALA B 31 -5.53 19.17 4.32
CA ALA B 31 -6.05 20.22 3.40
C ALA B 31 -6.46 21.46 4.19
N VAL B 32 -6.89 21.29 5.42
CA VAL B 32 -7.30 22.46 6.24
C VAL B 32 -6.22 23.54 6.20
N VAL B 33 -5.01 23.17 5.88
CA VAL B 33 -3.92 24.18 5.83
C VAL B 33 -2.85 23.76 4.82
N GLY B 34 -2.09 24.69 4.31
CA GLY B 34 -1.03 24.33 3.32
C GLY B 34 -1.64 23.48 2.21
N GLN B 35 -2.34 24.09 1.29
CA GLN B 35 -2.96 23.30 0.18
C GLN B 35 -1.98 23.17 -0.98
N GLY A 1 -8.01 -9.33 19.67
CA GLY A 1 -7.11 -10.52 19.73
C GLY A 1 -6.29 -10.49 21.02
N SER A 2 -5.81 -11.62 21.46
CA SER A 2 -5.01 -11.64 22.71
C SER A 2 -3.53 -11.43 22.39
N HIS A 3 -3.15 -10.22 22.06
CA HIS A 3 -1.72 -9.95 21.73
C HIS A 3 -1.26 -10.82 20.56
N MET A 4 -0.86 -10.21 19.48
CA MET A 4 -0.42 -11.01 18.30
C MET A 4 0.18 -10.08 17.23
N HIS A 5 1.38 -9.62 17.44
CA HIS A 5 2.01 -8.72 16.43
C HIS A 5 3.36 -9.29 15.97
N THR A 6 3.48 -9.60 14.71
CA THR A 6 4.77 -10.16 14.21
C THR A 6 4.79 -10.14 12.68
N ASN A 7 5.80 -9.56 12.09
CA ASN A 7 5.88 -9.50 10.60
C ASN A 7 7.33 -9.65 10.13
N TRP A 8 7.53 -9.85 8.86
CA TRP A 8 8.91 -10.01 8.34
C TRP A 8 9.28 -8.82 7.45
N GLN A 9 8.67 -8.73 6.30
CA GLN A 9 8.97 -7.59 5.37
C GLN A 9 7.77 -7.31 4.47
N VAL A 10 7.29 -6.11 4.46
CA VAL A 10 6.12 -5.77 3.61
C VAL A 10 6.06 -4.27 3.35
N CYS A 11 5.68 -3.87 2.16
CA CYS A 11 5.60 -2.41 1.85
C CYS A 11 4.32 -2.12 1.05
N SER A 12 4.02 -0.86 0.85
CA SER A 12 2.79 -0.52 0.07
C SER A 12 3.17 -0.05 -1.34
N LEU A 13 2.73 -0.75 -2.35
CA LEU A 13 3.07 -0.34 -3.73
C LEU A 13 1.88 0.39 -4.38
N VAL A 14 2.13 1.49 -5.02
CA VAL A 14 1.01 2.25 -5.66
C VAL A 14 0.96 1.93 -7.16
N VAL A 15 0.09 1.04 -7.55
CA VAL A 15 -0.02 0.69 -9.00
C VAL A 15 -0.80 1.77 -9.75
N GLN A 16 -0.21 2.34 -10.76
CA GLN A 16 -0.91 3.41 -11.53
C GLN A 16 -1.38 2.86 -12.88
N ALA A 17 -2.66 2.71 -13.06
CA ALA A 17 -3.17 2.17 -14.36
C ALA A 17 -4.45 2.92 -14.75
N LYS A 18 -4.92 2.73 -15.96
CA LYS A 18 -6.16 3.42 -16.39
C LYS A 18 -7.21 3.34 -15.28
N SER A 19 -8.06 4.32 -15.17
CA SER A 19 -9.09 4.32 -14.10
C SER A 19 -9.81 2.96 -14.04
N GLU A 20 -10.23 2.45 -15.17
CA GLU A 20 -10.95 1.13 -15.13
C GLU A 20 -9.96 -0.01 -15.34
N ARG A 21 -8.72 0.29 -15.62
CA ARG A 21 -7.72 -0.78 -15.78
C ARG A 21 -7.37 -1.32 -14.40
N ILE A 22 -7.05 -0.43 -13.50
CA ILE A 22 -6.69 -0.86 -12.12
C ILE A 22 -7.81 -1.69 -11.50
N SER A 23 -9.04 -1.35 -11.74
CA SER A 23 -10.13 -2.17 -11.15
C SER A 23 -9.89 -3.63 -11.53
N ASP A 24 -9.46 -3.87 -12.73
CA ASP A 24 -9.20 -5.28 -13.15
C ASP A 24 -7.94 -5.82 -12.46
N ILE A 25 -6.82 -5.19 -12.65
CA ILE A 25 -5.55 -5.68 -12.03
C ILE A 25 -5.45 -5.29 -10.56
N SER A 26 -5.66 -4.05 -10.23
CA SER A 26 -5.57 -3.62 -8.81
C SER A 26 -6.42 -4.55 -7.94
N THR A 27 -7.65 -4.74 -8.30
CA THR A 27 -8.53 -5.63 -7.49
C THR A 27 -7.90 -7.03 -7.38
N GLN A 28 -7.21 -7.46 -8.41
CA GLN A 28 -6.56 -8.80 -8.36
C GLN A 28 -5.54 -8.85 -7.23
N LEU A 29 -4.75 -7.83 -7.08
CA LEU A 29 -3.74 -7.83 -5.99
C LEU A 29 -4.40 -8.15 -4.65
N ASN A 30 -5.63 -7.76 -4.48
CA ASN A 30 -6.34 -8.06 -3.20
C ASN A 30 -6.75 -9.53 -3.15
N ALA A 31 -6.87 -10.16 -4.28
CA ALA A 31 -7.26 -11.61 -4.29
C ALA A 31 -6.11 -12.48 -3.81
N PHE A 32 -4.89 -12.03 -4.02
CA PHE A 32 -3.72 -12.84 -3.59
C PHE A 32 -3.56 -12.76 -2.07
N PRO A 33 -2.99 -13.79 -1.51
CA PRO A 33 -2.77 -13.85 -0.05
C PRO A 33 -1.62 -12.92 0.34
N GLY A 34 -0.55 -12.92 -0.40
CA GLY A 34 0.60 -12.04 -0.06
C GLY A 34 0.24 -10.59 -0.40
N CYS A 35 -0.06 -10.30 -1.63
CA CYS A 35 -0.42 -8.91 -2.01
C CYS A 35 -1.84 -8.59 -1.55
N GLU A 36 -2.07 -7.37 -1.14
CA GLU A 36 -3.45 -6.99 -0.68
C GLU A 36 -3.66 -5.49 -0.85
N VAL A 37 -4.73 -5.10 -1.49
CA VAL A 37 -4.99 -3.64 -1.69
C VAL A 37 -5.33 -2.98 -0.34
N ALA A 38 -4.55 -2.01 0.06
CA ALA A 38 -4.82 -1.33 1.35
C ALA A 38 -5.74 -0.13 1.14
N VAL A 39 -5.43 0.71 0.18
CA VAL A 39 -6.30 1.90 -0.08
C VAL A 39 -6.82 1.85 -1.51
N SER A 40 -8.11 1.82 -1.68
CA SER A 40 -8.69 1.78 -3.06
C SER A 40 -9.30 3.14 -3.42
N ASP A 41 -8.58 3.93 -4.18
CA ASP A 41 -9.11 5.27 -4.57
C ASP A 41 -8.89 5.50 -6.06
N ALA A 42 -9.76 6.22 -6.69
CA ALA A 42 -9.61 6.48 -8.15
C ALA A 42 -9.30 7.95 -8.42
N PRO A 43 -8.27 8.45 -7.78
CA PRO A 43 -7.87 9.87 -7.98
C PRO A 43 -7.27 10.04 -9.37
N SER A 44 -6.50 9.08 -9.81
CA SER A 44 -5.88 9.17 -11.17
C SER A 44 -5.77 7.78 -11.80
N GLY A 45 -6.43 6.81 -11.22
CA GLY A 45 -6.36 5.43 -11.79
C GLY A 45 -5.26 4.64 -11.09
N GLN A 46 -4.95 4.98 -9.87
CA GLN A 46 -3.87 4.25 -9.14
C GLN A 46 -4.37 3.82 -7.75
N LEU A 47 -4.12 2.60 -7.38
CA LEU A 47 -4.56 2.13 -6.03
C LEU A 47 -3.35 1.71 -5.19
N ILE A 48 -3.46 1.76 -3.89
CA ILE A 48 -2.31 1.36 -3.03
C ILE A 48 -2.45 -0.11 -2.61
N VAL A 49 -1.47 -0.91 -2.90
CA VAL A 49 -1.54 -2.35 -2.51
C VAL A 49 -0.25 -2.77 -1.81
N VAL A 50 -0.35 -3.34 -0.64
CA VAL A 50 0.87 -3.77 0.10
C VAL A 50 1.08 -5.28 -0.05
N VAL A 51 2.28 -5.72 -0.20
CA VAL A 51 2.56 -7.17 -0.33
C VAL A 51 3.71 -7.60 0.57
N GLU A 52 3.67 -8.79 1.09
CA GLU A 52 4.76 -9.26 1.99
C GLU A 52 5.34 -10.58 1.46
N ALA A 53 6.62 -10.79 1.63
CA ALA A 53 7.25 -12.05 1.15
C ALA A 53 8.55 -12.32 1.92
N GLU A 54 9.22 -13.38 1.59
CA GLU A 54 10.50 -13.70 2.30
C GLU A 54 11.38 -12.45 2.39
N ASP A 55 11.58 -11.78 1.30
CA ASP A 55 12.43 -10.55 1.33
C ASP A 55 12.05 -9.63 0.17
N SER A 56 12.85 -8.62 -0.08
CA SER A 56 12.55 -7.69 -1.20
C SER A 56 12.59 -8.43 -2.54
N GLU A 57 13.50 -9.34 -2.70
CA GLU A 57 13.59 -10.10 -3.98
C GLU A 57 12.20 -10.63 -4.38
N THR A 58 11.51 -11.23 -3.46
CA THR A 58 10.15 -11.75 -3.78
C THR A 58 9.15 -10.61 -3.89
N LEU A 59 9.33 -9.58 -3.10
CA LEU A 59 8.38 -8.43 -3.16
C LEU A 59 8.46 -7.75 -4.53
N ILE A 60 9.64 -7.55 -5.04
CA ILE A 60 9.78 -6.89 -6.38
C ILE A 60 9.20 -7.81 -7.45
N GLN A 61 9.24 -9.10 -7.22
CA GLN A 61 8.69 -10.04 -8.23
C GLN A 61 7.25 -9.65 -8.58
N THR A 62 6.46 -9.33 -7.60
CA THR A 62 5.05 -8.94 -7.88
C THR A 62 5.00 -7.74 -8.84
N ILE A 63 5.88 -6.80 -8.66
CA ILE A 63 5.89 -5.61 -9.56
C ILE A 63 5.85 -6.06 -11.02
N GLU A 64 6.50 -7.14 -11.35
CA GLU A 64 6.49 -7.60 -12.77
C GLU A 64 5.05 -7.68 -13.28
N SER A 65 4.12 -8.00 -12.42
CA SER A 65 2.70 -8.08 -12.84
C SER A 65 2.17 -6.68 -13.18
N VAL A 66 2.28 -5.77 -12.25
CA VAL A 66 1.76 -4.38 -12.50
C VAL A 66 2.60 -3.68 -13.57
N ARG A 67 3.89 -3.82 -13.53
CA ARG A 67 4.74 -3.14 -14.56
C ARG A 67 4.51 -3.77 -15.94
N ASN A 68 4.36 -5.06 -16.02
CA ASN A 68 4.17 -5.70 -17.35
C ASN A 68 2.72 -5.48 -17.83
N VAL A 69 1.82 -5.19 -16.93
CA VAL A 69 0.41 -4.96 -17.35
C VAL A 69 0.29 -3.63 -18.09
N GLU A 70 -0.23 -3.64 -19.28
CA GLU A 70 -0.38 -2.38 -20.05
C GLU A 70 -1.27 -1.38 -19.30
N GLY A 71 -2.37 -1.84 -18.77
CA GLY A 71 -3.27 -0.91 -18.02
C GLY A 71 -2.45 -0.05 -17.07
N VAL A 72 -1.38 -0.58 -16.54
CA VAL A 72 -0.55 0.20 -15.60
C VAL A 72 0.38 1.15 -16.36
N LEU A 73 0.21 2.43 -16.18
CA LEU A 73 1.08 3.41 -16.89
C LEU A 73 2.21 3.88 -15.97
N ALA A 74 2.05 3.72 -14.69
CA ALA A 74 3.12 4.16 -13.73
C ALA A 74 3.12 3.25 -12.50
N VAL A 75 4.08 3.42 -11.64
CA VAL A 75 4.15 2.57 -10.41
C VAL A 75 4.99 3.26 -9.33
N SER A 76 4.40 3.54 -8.21
CA SER A 76 5.16 4.20 -7.10
C SER A 76 5.02 3.40 -5.81
N LEU A 77 6.00 2.62 -5.47
CA LEU A 77 5.92 1.82 -4.21
C LEU A 77 6.95 2.31 -3.20
N VAL A 78 6.53 3.02 -2.19
CA VAL A 78 7.50 3.51 -1.17
C VAL A 78 6.83 3.58 0.21
N TYR A 79 6.97 2.55 0.99
CA TYR A 79 6.33 2.55 2.34
C TYR A 79 6.67 1.26 3.09
N HIS A 80 7.49 1.35 4.11
CA HIS A 80 7.85 0.12 4.87
C HIS A 80 7.01 0.02 6.15
N GLN A 81 6.33 -1.07 6.36
CA GLN A 81 5.50 -1.21 7.58
C GLN A 81 5.64 -2.62 8.16
N GLN A 82 6.24 -2.75 9.32
CA GLN A 82 6.41 -4.09 9.93
C GLN A 82 6.55 -3.97 11.45
N GLU A 83 5.93 -4.84 12.19
CA GLU A 83 6.03 -4.77 13.67
C GLU A 83 6.98 -5.86 14.19
N GLU A 84 7.84 -5.51 15.10
CA GLU A 84 8.79 -6.52 15.64
C GLU A 84 9.74 -5.87 16.65
N GLN A 85 10.06 -4.62 16.46
CA GLN A 85 10.99 -3.93 17.40
C GLN A 85 10.77 -2.41 17.34
N GLY A 86 10.94 -1.73 18.43
CA GLY A 86 10.75 -0.25 18.44
C GLY A 86 11.93 0.42 19.15
N GLU A 87 11.96 1.72 19.14
CA GLU A 87 13.09 2.43 19.83
C GLU A 87 14.41 2.16 19.09
N GLU A 88 14.79 0.92 19.00
CA GLU A 88 16.06 0.56 18.30
C GLU A 88 17.14 1.63 18.51
N THR A 89 18.04 1.40 19.42
CA THR A 89 19.13 2.40 19.67
C THR A 89 18.53 3.81 19.79
N PRO A 90 18.31 4.21 21.02
CA PRO A 90 17.74 5.55 21.28
C PRO A 90 18.77 6.64 21.03
N MET B 1 -13.17 4.35 15.12
CA MET B 1 -13.71 2.97 14.89
C MET B 1 -13.21 2.42 13.56
N LYS B 2 -13.94 2.65 12.50
CA LYS B 2 -13.52 2.15 11.17
C LYS B 2 -13.24 0.64 11.24
N LEU B 3 -12.19 0.18 10.60
CA LEU B 3 -11.87 -1.28 10.64
C LEU B 3 -11.03 -1.59 11.88
N SER B 4 -10.18 -2.59 11.80
CA SER B 4 -9.33 -2.94 12.97
C SER B 4 -7.86 -2.78 12.61
N ARG B 5 -7.54 -2.69 11.35
CA ARG B 5 -6.12 -2.53 10.95
C ARG B 5 -6.02 -1.70 9.67
N ARG B 6 -6.68 -2.12 8.62
CA ARG B 6 -6.62 -1.35 7.35
C ARG B 6 -6.91 0.13 7.61
N SER B 7 -7.57 0.44 8.70
CA SER B 7 -7.88 1.86 9.02
C SER B 7 -6.65 2.53 9.63
N PHE B 8 -5.91 1.80 10.42
CA PHE B 8 -4.70 2.39 11.05
C PHE B 8 -3.53 2.39 10.06
N MET B 9 -3.38 1.34 9.31
CA MET B 9 -2.27 1.27 8.31
C MET B 9 -2.51 2.30 7.20
N LYS B 10 -3.67 2.30 6.62
CA LYS B 10 -3.96 3.28 5.54
C LYS B 10 -3.62 4.71 6.00
N ALA B 11 -3.72 4.96 7.28
CA ALA B 11 -3.41 6.31 7.79
C ALA B 11 -1.93 6.65 7.55
N ASN B 12 -1.05 5.72 7.83
CA ASN B 12 0.39 5.98 7.61
C ASN B 12 0.76 5.73 6.13
N ALA B 13 0.25 4.67 5.57
CA ALA B 13 0.56 4.37 4.14
C ALA B 13 0.23 5.58 3.26
N VAL B 14 -0.92 6.16 3.43
CA VAL B 14 -1.29 7.33 2.60
C VAL B 14 -0.26 8.45 2.78
N ALA B 15 0.33 8.54 3.94
CA ALA B 15 1.35 9.60 4.17
C ALA B 15 2.55 9.39 3.26
N ALA B 16 2.88 8.15 2.96
CA ALA B 16 4.05 7.88 2.08
C ALA B 16 3.56 7.66 0.64
N ALA B 17 2.28 7.46 0.46
CA ALA B 17 1.75 7.24 -0.91
C ALA B 17 1.12 8.53 -1.45
N ALA B 18 0.79 9.44 -0.57
CA ALA B 18 0.17 10.71 -1.03
C ALA B 18 1.26 11.73 -1.37
N ALA B 19 2.18 11.96 -0.47
CA ALA B 19 3.27 12.94 -0.75
C ALA B 19 4.24 12.37 -1.78
N ALA B 20 4.12 11.11 -2.09
CA ALA B 20 5.03 10.49 -3.10
C ALA B 20 4.27 10.20 -4.39
N ALA B 21 3.20 9.47 -4.30
CA ALA B 21 2.41 9.14 -5.53
C ALA B 21 1.33 10.20 -5.76
N GLY B 22 1.46 11.34 -5.13
CA GLY B 22 0.43 12.41 -5.32
C GLY B 22 -0.96 11.84 -5.03
N LEU B 23 -1.04 10.87 -4.16
CA LEU B 23 -2.37 10.27 -3.84
C LEU B 23 -3.23 11.27 -3.08
N SER B 24 -4.26 10.80 -2.43
CA SER B 24 -5.15 11.72 -1.66
C SER B 24 -4.56 12.00 -0.28
N VAL B 25 -4.96 13.08 0.34
CA VAL B 25 -4.43 13.40 1.69
C VAL B 25 -5.51 13.16 2.75
N PRO B 26 -5.59 11.93 3.18
CA PRO B 26 -6.60 11.55 4.22
C PRO B 26 -6.24 12.15 5.58
N GLY B 27 -5.47 11.45 6.37
CA GLY B 27 -5.11 11.97 7.70
C GLY B 27 -3.78 12.75 7.63
N VAL B 28 -3.04 12.58 6.57
CA VAL B 28 -1.74 13.31 6.45
C VAL B 28 -1.91 14.76 6.89
N ALA B 29 -2.99 15.39 6.51
CA ALA B 29 -3.20 16.80 6.91
C ALA B 29 -4.53 17.33 6.35
N ARG B 30 -4.83 16.98 5.12
CA ARG B 30 -6.12 17.45 4.52
C ARG B 30 -6.12 18.97 4.39
N ALA B 31 -5.62 19.49 3.30
CA ALA B 31 -5.59 20.97 3.12
C ALA B 31 -6.91 21.58 3.58
N VAL B 32 -8.01 21.13 3.04
CA VAL B 32 -9.34 21.68 3.45
C VAL B 32 -9.42 21.78 4.98
N VAL B 33 -8.75 20.90 5.67
CA VAL B 33 -8.79 20.93 7.16
C VAL B 33 -7.38 20.79 7.73
N GLY B 34 -6.65 21.87 7.81
CA GLY B 34 -5.26 21.80 8.36
C GLY B 34 -5.32 21.81 9.89
N GLN B 35 -5.91 20.80 10.48
CA GLN B 35 -6.00 20.77 11.97
C GLN B 35 -6.57 22.08 12.50
N GLY A 1 0.69 -3.21 27.02
CA GLY A 1 0.41 -4.00 28.26
C GLY A 1 0.76 -5.47 28.01
N SER A 2 0.08 -6.11 27.10
CA SER A 2 0.36 -7.55 26.81
C SER A 2 1.39 -7.67 25.68
N HIS A 3 1.62 -6.60 24.96
CA HIS A 3 2.61 -6.65 23.84
C HIS A 3 2.15 -7.65 22.77
N MET A 4 2.00 -7.20 21.56
CA MET A 4 1.55 -8.12 20.48
C MET A 4 1.89 -7.54 19.10
N HIS A 5 3.16 -7.52 18.76
CA HIS A 5 3.56 -6.97 17.44
C HIS A 5 4.71 -7.79 16.85
N THR A 6 4.53 -8.32 15.67
CA THR A 6 5.61 -9.13 15.05
C THR A 6 5.37 -9.25 13.54
N ASN A 7 6.31 -8.82 12.74
CA ASN A 7 6.14 -8.90 11.26
C ASN A 7 7.47 -9.25 10.60
N TRP A 8 7.45 -9.62 9.35
CA TRP A 8 8.72 -9.96 8.64
C TRP A 8 9.05 -8.89 7.59
N GLN A 9 8.33 -8.87 6.51
CA GLN A 9 8.61 -7.84 5.44
C GLN A 9 7.33 -7.56 4.64
N VAL A 10 6.95 -6.32 4.55
CA VAL A 10 5.73 -5.97 3.77
C VAL A 10 5.65 -4.45 3.57
N CYS A 11 5.29 -4.01 2.40
CA CYS A 11 5.19 -2.55 2.15
C CYS A 11 3.94 -2.24 1.31
N SER A 12 3.63 -0.98 1.16
CA SER A 12 2.42 -0.61 0.36
C SER A 12 2.84 -0.06 -1.00
N LEU A 13 2.45 -0.73 -2.06
CA LEU A 13 2.82 -0.25 -3.42
C LEU A 13 1.63 0.47 -4.08
N VAL A 14 1.88 1.57 -4.73
CA VAL A 14 0.76 2.31 -5.38
C VAL A 14 0.75 2.02 -6.88
N VAL A 15 -0.10 1.14 -7.33
CA VAL A 15 -0.15 0.82 -8.79
C VAL A 15 -0.91 1.92 -9.54
N GLN A 16 -0.33 2.45 -10.58
CA GLN A 16 -1.02 3.51 -11.36
C GLN A 16 -1.44 2.98 -12.73
N ALA A 17 -2.71 2.85 -12.96
CA ALA A 17 -3.19 2.35 -14.29
C ALA A 17 -4.46 3.09 -14.71
N LYS A 18 -4.88 2.92 -15.93
CA LYS A 18 -6.11 3.62 -16.39
C LYS A 18 -7.20 3.51 -15.32
N SER A 19 -8.04 4.51 -15.21
CA SER A 19 -9.10 4.46 -14.17
C SER A 19 -9.83 3.12 -14.18
N GLU A 20 -10.22 2.64 -15.33
CA GLU A 20 -10.94 1.33 -15.36
C GLU A 20 -9.95 0.18 -15.56
N ARG A 21 -8.71 0.49 -15.78
CA ARG A 21 -7.70 -0.60 -15.93
C ARG A 21 -7.41 -1.18 -14.55
N ILE A 22 -7.12 -0.31 -13.62
CA ILE A 22 -6.82 -0.77 -12.24
C ILE A 22 -7.95 -1.62 -11.68
N SER A 23 -9.17 -1.24 -11.90
CA SER A 23 -10.27 -2.08 -11.37
C SER A 23 -10.06 -3.52 -11.82
N ASP A 24 -9.63 -3.70 -13.04
CA ASP A 24 -9.38 -5.08 -13.55
C ASP A 24 -8.11 -5.68 -12.91
N ILE A 25 -6.99 -5.02 -13.08
CA ILE A 25 -5.72 -5.57 -12.51
C ILE A 25 -5.59 -5.26 -11.01
N SER A 26 -5.82 -4.04 -10.61
CA SER A 26 -5.71 -3.72 -9.16
C SER A 26 -6.56 -4.69 -8.33
N THR A 27 -7.82 -4.82 -8.67
CA THR A 27 -8.70 -5.75 -7.90
C THR A 27 -8.07 -7.14 -7.86
N GLN A 28 -7.28 -7.46 -8.84
CA GLN A 28 -6.62 -8.79 -8.87
C GLN A 28 -5.73 -8.92 -7.63
N LEU A 29 -4.99 -7.89 -7.32
CA LEU A 29 -4.11 -7.95 -6.12
C LEU A 29 -4.96 -8.20 -4.87
N ASN A 30 -6.20 -7.82 -4.91
CA ASN A 30 -7.08 -8.03 -3.73
C ASN A 30 -7.32 -9.53 -3.54
N ALA A 31 -7.39 -10.25 -4.63
CA ALA A 31 -7.61 -11.72 -4.55
C ALA A 31 -6.33 -12.45 -4.13
N PHE A 32 -5.19 -11.90 -4.44
CA PHE A 32 -3.90 -12.57 -4.08
C PHE A 32 -3.71 -12.59 -2.56
N PRO A 33 -3.16 -13.66 -2.07
CA PRO A 33 -2.91 -13.81 -0.63
C PRO A 33 -1.73 -12.92 -0.22
N GLY A 34 -0.59 -13.12 -0.81
CA GLY A 34 0.59 -12.27 -0.45
C GLY A 34 0.25 -10.81 -0.73
N CYS A 35 -0.06 -10.48 -1.95
CA CYS A 35 -0.42 -9.08 -2.27
C CYS A 35 -1.85 -8.79 -1.84
N GLU A 36 -2.13 -7.62 -1.34
CA GLU A 36 -3.50 -7.29 -0.90
C GLU A 36 -3.74 -5.78 -0.98
N VAL A 37 -4.79 -5.38 -1.64
CA VAL A 37 -5.06 -3.91 -1.76
C VAL A 37 -5.29 -3.29 -0.38
N ALA A 38 -4.54 -2.28 -0.04
CA ALA A 38 -4.71 -1.63 1.29
C ALA A 38 -5.66 -0.43 1.17
N VAL A 39 -5.43 0.41 0.19
CA VAL A 39 -6.31 1.60 0.01
C VAL A 39 -6.88 1.62 -1.41
N SER A 40 -8.17 1.58 -1.56
CA SER A 40 -8.78 1.59 -2.92
C SER A 40 -9.40 2.96 -3.22
N ASP A 41 -8.72 3.77 -3.98
CA ASP A 41 -9.27 5.11 -4.32
C ASP A 41 -9.13 5.38 -5.81
N ALA A 42 -10.05 6.12 -6.38
CA ALA A 42 -9.98 6.41 -7.83
C ALA A 42 -9.68 7.89 -8.09
N PRO A 43 -8.61 8.36 -7.50
CA PRO A 43 -8.21 9.78 -7.69
C PRO A 43 -7.70 10.00 -9.11
N SER A 44 -6.98 9.05 -9.64
CA SER A 44 -6.45 9.18 -11.02
C SER A 44 -6.30 7.80 -11.67
N GLY A 45 -6.92 6.79 -11.10
CA GLY A 45 -6.81 5.42 -11.67
C GLY A 45 -5.66 4.68 -11.00
N GLN A 46 -5.36 4.98 -9.77
CA GLN A 46 -4.24 4.29 -9.07
C GLN A 46 -4.71 3.78 -7.70
N LEU A 47 -4.38 2.56 -7.38
CA LEU A 47 -4.79 2.01 -6.05
C LEU A 47 -3.56 1.58 -5.26
N ILE A 48 -3.64 1.61 -3.96
CA ILE A 48 -2.47 1.20 -3.12
C ILE A 48 -2.59 -0.28 -2.74
N VAL A 49 -1.58 -1.05 -3.02
CA VAL A 49 -1.63 -2.50 -2.67
C VAL A 49 -0.38 -2.91 -1.89
N VAL A 50 -0.55 -3.59 -0.79
CA VAL A 50 0.63 -4.01 0.01
C VAL A 50 0.93 -5.50 -0.25
N VAL A 51 2.18 -5.87 -0.20
CA VAL A 51 2.53 -7.31 -0.44
C VAL A 51 3.67 -7.74 0.48
N GLU A 52 3.56 -8.91 1.05
CA GLU A 52 4.64 -9.40 1.97
C GLU A 52 5.24 -10.70 1.41
N ALA A 53 6.52 -10.89 1.57
CA ALA A 53 7.15 -12.14 1.05
C ALA A 53 8.34 -12.53 1.92
N GLU A 54 9.02 -13.58 1.55
CA GLU A 54 10.20 -14.02 2.36
C GLU A 54 11.20 -12.87 2.49
N ASP A 55 11.46 -12.17 1.42
CA ASP A 55 12.43 -11.04 1.49
C ASP A 55 12.14 -10.03 0.37
N SER A 56 12.99 -9.05 0.21
CA SER A 56 12.77 -8.04 -0.86
C SER A 56 12.81 -8.72 -2.24
N GLU A 57 13.59 -9.75 -2.38
CA GLU A 57 13.67 -10.45 -3.70
C GLU A 57 12.26 -10.86 -4.16
N THR A 58 11.48 -11.45 -3.29
CA THR A 58 10.11 -11.87 -3.69
C THR A 58 9.19 -10.66 -3.75
N LEU A 59 9.39 -9.69 -2.90
CA LEU A 59 8.52 -8.49 -2.91
C LEU A 59 8.63 -7.77 -4.26
N ILE A 60 9.82 -7.58 -4.75
CA ILE A 60 9.98 -6.89 -6.06
C ILE A 60 9.40 -7.78 -7.17
N GLN A 61 9.42 -9.06 -6.98
CA GLN A 61 8.86 -9.98 -8.01
C GLN A 61 7.44 -9.55 -8.36
N THR A 62 6.64 -9.25 -7.39
CA THR A 62 5.24 -8.83 -7.66
C THR A 62 5.22 -7.62 -8.59
N ILE A 63 6.10 -6.68 -8.39
CA ILE A 63 6.13 -5.47 -9.26
C ILE A 63 6.13 -5.90 -10.74
N GLU A 64 6.80 -6.97 -11.06
CA GLU A 64 6.83 -7.42 -12.48
C GLU A 64 5.39 -7.52 -13.01
N SER A 65 4.47 -7.88 -12.17
CA SER A 65 3.05 -7.99 -12.63
C SER A 65 2.48 -6.61 -12.95
N VAL A 66 2.54 -5.72 -12.00
CA VAL A 66 1.99 -4.34 -12.23
C VAL A 66 2.81 -3.60 -13.30
N ARG A 67 4.11 -3.72 -13.26
CA ARG A 67 4.95 -3.02 -14.28
C ARG A 67 4.70 -3.60 -15.67
N ASN A 68 4.57 -4.90 -15.79
CA ASN A 68 4.34 -5.51 -17.13
C ASN A 68 2.89 -5.29 -17.57
N VAL A 69 2.00 -5.02 -16.66
CA VAL A 69 0.58 -4.79 -17.06
C VAL A 69 0.46 -3.46 -17.83
N GLU A 70 -0.05 -3.53 -19.03
CA GLU A 70 -0.18 -2.28 -19.85
C GLU A 70 -1.09 -1.26 -19.13
N GLY A 71 -2.22 -1.70 -18.64
CA GLY A 71 -3.13 -0.75 -17.95
C GLY A 71 -2.33 0.11 -16.97
N VAL A 72 -1.29 -0.43 -16.40
CA VAL A 72 -0.48 0.35 -15.43
C VAL A 72 0.42 1.35 -16.17
N LEU A 73 0.21 2.61 -15.94
CA LEU A 73 1.04 3.64 -16.63
C LEU A 73 2.15 4.14 -15.69
N ALA A 74 1.98 3.94 -14.41
CA ALA A 74 3.01 4.40 -13.44
C ALA A 74 3.05 3.46 -12.23
N VAL A 75 4.00 3.65 -11.35
CA VAL A 75 4.09 2.77 -10.16
C VAL A 75 4.88 3.46 -9.04
N SER A 76 4.26 3.69 -7.92
CA SER A 76 4.97 4.37 -6.79
C SER A 76 4.98 3.47 -5.56
N LEU A 77 6.00 2.69 -5.38
CA LEU A 77 6.07 1.79 -4.19
C LEU A 77 7.06 2.34 -3.17
N VAL A 78 6.58 3.02 -2.16
CA VAL A 78 7.49 3.59 -1.13
C VAL A 78 6.80 3.62 0.24
N TYR A 79 6.98 2.60 1.04
CA TYR A 79 6.34 2.59 2.39
C TYR A 79 6.73 1.31 3.13
N HIS A 80 7.55 1.43 4.14
CA HIS A 80 7.95 0.22 4.92
C HIS A 80 7.13 0.13 6.20
N GLN A 81 6.50 -0.99 6.43
CA GLN A 81 5.68 -1.14 7.67
C GLN A 81 5.95 -2.49 8.33
N GLN A 82 6.65 -2.50 9.43
CA GLN A 82 6.95 -3.79 10.12
C GLN A 82 7.36 -3.53 11.57
N GLU A 83 6.90 -4.33 12.48
CA GLU A 83 7.26 -4.13 13.91
C GLU A 83 8.29 -5.19 14.34
N GLU A 84 9.43 -4.75 14.81
CA GLU A 84 10.47 -5.72 15.25
C GLU A 84 11.73 -4.98 15.70
N GLN A 85 12.14 -3.99 14.97
CA GLN A 85 13.37 -3.22 15.36
C GLN A 85 13.07 -1.72 15.35
N GLY A 86 14.01 -0.92 15.78
CA GLY A 86 13.80 0.55 15.79
C GLY A 86 13.36 1.02 14.40
N GLU A 87 12.42 1.91 14.33
CA GLU A 87 11.96 2.42 13.01
C GLU A 87 11.89 3.94 13.01
N GLU A 88 11.49 4.53 14.10
CA GLU A 88 11.40 6.02 14.17
C GLU A 88 12.54 6.58 15.03
N THR A 89 12.89 7.82 14.83
CA THR A 89 13.99 8.42 15.64
C THR A 89 13.61 9.85 16.06
N PRO A 90 12.87 9.93 17.13
CA PRO A 90 12.44 11.26 17.65
C PRO A 90 13.61 11.98 18.30
N MET B 1 -11.06 5.13 19.09
CA MET B 1 -10.69 4.53 17.77
C MET B 1 -11.58 3.31 17.48
N LYS B 2 -11.39 2.24 18.21
CA LYS B 2 -12.22 1.02 17.96
C LYS B 2 -11.92 0.45 16.58
N LEU B 3 -10.67 0.40 16.20
CA LEU B 3 -10.33 -0.14 14.85
C LEU B 3 -9.42 -1.36 15.00
N SER B 4 -9.05 -1.98 13.91
CA SER B 4 -8.17 -3.17 13.99
C SER B 4 -6.73 -2.79 13.60
N ARG B 5 -6.50 -2.53 12.34
CA ARG B 5 -5.12 -2.15 11.91
C ARG B 5 -5.18 -1.44 10.55
N ARG B 6 -5.98 -1.92 9.65
CA ARG B 6 -6.07 -1.26 8.31
C ARG B 6 -6.28 0.24 8.46
N SER B 7 -6.77 0.66 9.60
CA SER B 7 -6.99 2.12 9.82
C SER B 7 -5.66 2.80 10.16
N PHE B 8 -4.88 2.18 11.00
CA PHE B 8 -3.57 2.78 11.38
C PHE B 8 -2.58 2.65 10.22
N MET B 9 -2.59 1.54 9.53
CA MET B 9 -1.66 1.37 8.39
C MET B 9 -2.01 2.34 7.26
N LYS B 10 -3.25 2.37 6.86
CA LYS B 10 -3.67 3.30 5.76
C LYS B 10 -3.29 4.74 6.14
N ALA B 11 -3.37 5.07 7.40
CA ALA B 11 -3.02 6.45 7.83
C ALA B 11 -1.58 6.78 7.44
N ASN B 12 -0.67 5.89 7.71
CA ASN B 12 0.75 6.14 7.35
C ASN B 12 1.01 5.80 5.87
N ALA B 13 0.44 4.73 5.40
CA ALA B 13 0.64 4.35 3.97
C ALA B 13 0.27 5.52 3.05
N VAL B 14 -0.86 6.12 3.28
CA VAL B 14 -1.28 7.26 2.42
C VAL B 14 -0.25 8.38 2.50
N ALA B 15 0.43 8.50 3.61
CA ALA B 15 1.45 9.58 3.74
C ALA B 15 2.60 9.35 2.75
N ALA B 16 2.90 8.11 2.47
CA ALA B 16 4.00 7.82 1.51
C ALA B 16 3.43 7.57 0.11
N ALA B 17 2.14 7.37 0.02
CA ALA B 17 1.53 7.11 -1.31
C ALA B 17 0.88 8.39 -1.86
N ALA B 18 0.53 9.30 -0.97
CA ALA B 18 -0.11 10.56 -1.43
C ALA B 18 0.97 11.59 -1.80
N ALA B 19 1.88 11.85 -0.90
CA ALA B 19 2.95 12.84 -1.20
C ALA B 19 3.93 12.27 -2.24
N ALA B 20 3.83 11.01 -2.53
CA ALA B 20 4.75 10.39 -3.52
C ALA B 20 4.00 10.09 -4.82
N ALA B 21 2.90 9.40 -4.74
CA ALA B 21 2.12 9.08 -5.97
C ALA B 21 1.02 10.11 -6.19
N GLY B 22 1.10 11.23 -5.52
CA GLY B 22 0.06 12.28 -5.69
C GLY B 22 -1.31 11.69 -5.36
N LEU B 23 -1.36 10.69 -4.53
CA LEU B 23 -2.67 10.07 -4.17
C LEU B 23 -3.50 11.05 -3.34
N SER B 24 -4.50 10.55 -2.67
CA SER B 24 -5.36 11.45 -1.83
C SER B 24 -4.62 11.87 -0.56
N VAL B 25 -5.06 12.90 0.09
CA VAL B 25 -4.39 13.35 1.33
C VAL B 25 -5.27 13.10 2.55
N PRO B 26 -5.38 11.86 2.91
CA PRO B 26 -6.22 11.48 4.08
C PRO B 26 -5.54 11.88 5.39
N GLY B 27 -4.74 11.03 5.95
CA GLY B 27 -4.04 11.37 7.22
C GLY B 27 -2.66 11.96 6.91
N VAL B 28 -2.51 12.59 5.78
CA VAL B 28 -1.19 13.18 5.43
C VAL B 28 -1.10 14.63 5.91
N ALA B 29 -2.24 15.25 6.13
CA ALA B 29 -2.22 16.66 6.61
C ALA B 29 -2.40 16.71 8.13
N ARG B 30 -2.16 15.62 8.80
CA ARG B 30 -2.34 15.61 10.28
C ARG B 30 -1.04 15.16 10.96
N ALA B 31 -0.13 14.61 10.22
CA ALA B 31 1.15 14.15 10.84
C ALA B 31 2.20 15.27 10.78
N VAL B 32 1.93 16.37 11.46
CA VAL B 32 2.89 17.50 11.46
C VAL B 32 2.25 18.72 12.12
N VAL B 33 0.95 18.81 12.06
CA VAL B 33 0.25 19.96 12.68
C VAL B 33 -1.08 19.50 13.30
N GLY B 34 -1.73 20.36 14.04
CA GLY B 34 -3.03 19.97 14.66
C GLY B 34 -3.34 20.93 15.82
N GLN B 35 -2.33 21.44 16.47
CA GLN B 35 -2.58 22.37 17.61
C GLN B 35 -3.65 23.40 17.23
#